data_9FZ6
#
_entry.id   9FZ6
#
_cell.length_a   93.633
_cell.length_b   93.633
_cell.length_c   410.874
_cell.angle_alpha   90.00
_cell.angle_beta   90.00
_cell.angle_gamma   120.00
#
_symmetry.space_group_name_H-M   'P 61'
#
loop_
_entity.id
_entity.type
_entity.pdbx_description
1 polymer 'DNA gyrase subunit A'
2 polymer 'DNA gyrase subunit B'
3 polymer "DNA (5'-D(*AP*GP*CP*CP*GP*TP*AP*G)-3')"
4 polymer "DNA (5'-D(*AP*GP*TP*AP*CP*CP*TP*AP*CP*GP*GP*CP*T)-3')"
5 non-polymer GLYCEROL
6 non-polymer 'MANGANESE (II) ION'
7 non-polymer 2-[BIS-(2-HYDROXY-ETHYL)-AMINO]-2-HYDROXYMETHYL-PROPANE-1,3-DIOL
8 water water
#
loop_
_entity_poly.entity_id
_entity_poly.type
_entity_poly.pdbx_seq_one_letter_code
_entity_poly.pdbx_strand_id
1 'polypeptide(L)'
;INERNITSEMRESFLDYAMSVIVARALPDVRDGLKPVHRRILYGLNEQGMTPDKSYKKSARIVGDVMGKYHPHGDSSIYE
AMVRMAQDFSYRYPLVDGQGNFGSMDGDGAAAMRFTEARMTKITLELLRDINKDTIDFIDNYDGNEREPSVLPARFPNLL
ANGASGIAVGMATNIPPHNLTELINGVLSLSKNPDISIAELMEDIEGPDFPTAGLILGKSGIRRAYETGRGSIQMRSRAV
IEERGGGRQRIVVTEIPFQVNKARMIEKIAELVRDKKIDGITDLRDETSLRTGVRVVIDVRKDANASVILNNLYKQTPLQ
TSFGVNMIALVNGRPKLINLKEALVHYLEHQKTVVRRRTQYNLRKAKDRAHILEGLRIALDHIDEIISTIRESDTDKVAM
ESLQQRFKLSEKQAQAILDMRLRRLTGLERDKIEAEYNELLNYISELETILADEEVLLQLVRDELTEIRDRFGDDRRTEI
QLG
;
A,C
2 'polypeptide(L)'
;KLADCSSKSPEECEIFLVEGDSAGGSTKSGRDSRTQAILPLRGKILNVEKARLDRILNNNEIRQMITAFGTGIGGDFDLA
KARYHKIVIMTDADVDGAHIRTLLLTFFYRFMRPLIEAGYVYIAQPPTGYKGLGEMNADQLWETTMNPEHRALLQVKLED
AIEADQTFEMLMGDVVENRRQFIEDNAVYA
;
B,D
3 'polydeoxyribonucleotide' (DA)(DG)(DC)(DC)(DG)(DT)(DA)(DG) E,F
4 'polydeoxyribonucleotide' (DA)(DG)(DG)(DT)(DA)(DC)(DC)(DT)(DA)(DC)(DG)(DG)(DC)(DT) G,H
#
loop_
_chem_comp.id
_chem_comp.type
_chem_comp.name
_chem_comp.formula
BTB non-polymer 2-[BIS-(2-HYDROXY-ETHYL)-AMINO]-2-HYDROXYMETHYL-PROPANE-1,3-DIOL 'C8 H19 N O5'
DA DNA linking 2'-DEOXYADENOSINE-5'-MONOPHOSPHATE 'C10 H14 N5 O6 P'
DC DNA linking 2'-DEOXYCYTIDINE-5'-MONOPHOSPHATE 'C9 H14 N3 O7 P'
DG DNA linking 2'-DEOXYGUANOSINE-5'-MONOPHOSPHATE 'C10 H14 N5 O7 P'
DT DNA linking THYMIDINE-5'-MONOPHOSPHATE 'C10 H15 N2 O8 P'
GOL non-polymer GLYCEROL 'C3 H8 O3'
MN non-polymer 'MANGANESE (II) ION' 'Mn 2'
#
# COMPACT_ATOMS: atom_id res chain seq x y z
N ILE A 1 -20.35 -3.73 -37.71
CA ILE A 1 -20.93 -3.75 -36.33
C ILE A 1 -20.25 -2.68 -35.47
N ASN A 2 -19.88 -1.54 -36.10
CA ASN A 2 -19.31 -0.41 -35.38
C ASN A 2 -20.39 0.62 -35.07
N GLU A 3 -21.56 0.11 -34.63
CA GLU A 3 -22.67 0.93 -34.22
C GLU A 3 -23.37 0.27 -33.04
N ARG A 4 -24.23 1.03 -32.35
CA ARG A 4 -24.83 0.52 -31.13
C ARG A 4 -26.12 1.27 -30.81
N ASN A 5 -27.21 0.50 -30.73
CA ASN A 5 -28.49 1.03 -30.31
C ASN A 5 -28.35 1.53 -28.87
N ILE A 6 -28.78 2.77 -28.61
CA ILE A 6 -28.52 3.35 -27.30
C ILE A 6 -29.31 2.59 -26.23
N THR A 7 -30.49 2.11 -26.60
CA THR A 7 -31.30 1.34 -25.66
C THR A 7 -30.59 0.03 -25.29
N SER A 8 -30.05 -0.69 -26.27
CA SER A 8 -29.39 -1.96 -26.00
C SER A 8 -28.14 -1.78 -25.16
N GLU A 9 -27.31 -0.78 -25.47
CA GLU A 9 -26.10 -0.55 -24.70
C GLU A 9 -26.44 -0.27 -23.22
N MET A 10 -27.39 0.63 -22.97
CA MET A 10 -27.81 0.94 -21.62
C MET A 10 -28.35 -0.30 -20.92
N ARG A 11 -29.09 -1.15 -21.63
CA ARG A 11 -29.69 -2.31 -21.00
C ARG A 11 -28.59 -3.28 -20.58
N GLU A 12 -27.64 -3.54 -21.47
CA GLU A 12 -26.64 -4.56 -21.20
C GLU A 12 -25.65 -4.03 -20.18
N SER A 13 -25.33 -2.73 -20.27
CA SER A 13 -24.35 -2.13 -19.39
C SER A 13 -24.88 -2.10 -17.95
N PHE A 14 -26.11 -1.64 -17.78
CA PHE A 14 -26.63 -1.50 -16.43
C PHE A 14 -26.86 -2.87 -15.82
N LEU A 15 -27.32 -3.83 -16.63
CA LEU A 15 -27.52 -5.18 -16.15
C LEU A 15 -26.19 -5.78 -15.71
N ASP A 16 -25.12 -5.49 -16.46
CA ASP A 16 -23.79 -5.97 -16.14
C ASP A 16 -23.36 -5.42 -14.78
N TYR A 17 -23.64 -4.13 -14.50
CA TYR A 17 -23.18 -3.50 -13.28
C TYR A 17 -24.04 -3.96 -12.11
N ALA A 18 -25.36 -4.00 -12.29
CA ALA A 18 -26.23 -4.42 -11.22
C ALA A 18 -25.79 -5.80 -10.73
N MET A 19 -25.86 -6.80 -11.62
CA MET A 19 -25.53 -8.17 -11.30
C MET A 19 -24.22 -8.21 -10.55
N SER A 20 -23.21 -7.48 -11.04
CA SER A 20 -21.88 -7.52 -10.43
C SER A 20 -21.91 -7.03 -8.99
N VAL A 21 -22.63 -5.95 -8.75
CA VAL A 21 -22.72 -5.40 -7.41
C VAL A 21 -23.51 -6.35 -6.51
N ILE A 22 -24.59 -6.91 -7.04
CA ILE A 22 -25.44 -7.79 -6.25
C ILE A 22 -24.65 -9.03 -5.83
N VAL A 23 -24.09 -9.78 -6.79
CA VAL A 23 -23.49 -11.07 -6.51
C VAL A 23 -22.00 -10.93 -6.22
N ALA A 24 -21.41 -9.74 -6.36
CA ALA A 24 -19.97 -9.66 -6.11
C ALA A 24 -19.54 -8.33 -5.48
N ARG A 25 -20.33 -7.74 -4.57
CA ARG A 25 -19.85 -6.55 -3.87
C ARG A 25 -20.55 -6.34 -2.54
N ALA A 26 -21.88 -6.17 -2.60
CA ALA A 26 -22.63 -5.55 -1.52
C ALA A 26 -23.45 -6.55 -0.71
N LEU A 27 -23.61 -7.78 -1.21
CA LEU A 27 -24.48 -8.74 -0.53
C LEU A 27 -23.64 -9.88 0.04
N PRO A 28 -23.94 -10.34 1.27
CA PRO A 28 -23.19 -11.44 1.86
C PRO A 28 -23.69 -12.80 1.40
N ASP A 29 -22.83 -13.80 1.64
CA ASP A 29 -23.19 -15.17 1.37
C ASP A 29 -23.92 -15.78 2.57
N VAL A 30 -24.97 -16.57 2.30
CA VAL A 30 -25.79 -17.13 3.36
C VAL A 30 -25.02 -18.19 4.13
N ARG A 31 -23.90 -18.68 3.55
CA ARG A 31 -23.15 -19.77 4.16
C ARG A 31 -22.12 -19.25 5.16
N ASP A 32 -21.27 -18.31 4.74
CA ASP A 32 -20.24 -17.79 5.61
C ASP A 32 -20.51 -16.34 6.02
N GLY A 33 -21.58 -15.73 5.51
CA GLY A 33 -21.98 -14.40 5.94
C GLY A 33 -20.94 -13.34 5.54
N LEU A 34 -20.28 -13.52 4.40
CA LEU A 34 -19.17 -12.66 4.04
C LEU A 34 -19.30 -12.18 2.60
N LYS A 35 -18.80 -10.94 2.42
CA LYS A 35 -18.68 -10.23 1.16
C LYS A 35 -17.29 -10.44 0.57
N PRO A 36 -17.15 -10.46 -0.77
CA PRO A 36 -15.85 -10.72 -1.41
C PRO A 36 -14.67 -9.92 -0.88
N VAL A 37 -14.87 -8.65 -0.50
CA VAL A 37 -13.76 -7.92 0.07
C VAL A 37 -13.37 -8.61 1.38
N HIS A 38 -14.37 -8.94 2.21
CA HIS A 38 -14.13 -9.52 3.52
C HIS A 38 -13.52 -10.93 3.40
N ARG A 39 -14.01 -11.72 2.44
CA ARG A 39 -13.50 -13.06 2.24
C ARG A 39 -12.05 -13.03 1.78
N ARG A 40 -11.70 -12.06 0.94
CA ARG A 40 -10.34 -11.97 0.42
C ARG A 40 -9.39 -11.48 1.51
N ILE A 41 -9.86 -10.61 2.41
CA ILE A 41 -9.01 -10.12 3.50
C ILE A 41 -8.66 -11.30 4.39
N LEU A 42 -9.69 -12.06 4.80
CA LEU A 42 -9.45 -13.17 5.71
C LEU A 42 -8.58 -14.23 5.05
N TYR A 43 -8.88 -14.56 3.79
CA TYR A 43 -8.09 -15.52 3.04
C TYR A 43 -6.66 -15.01 2.93
N GLY A 44 -6.50 -13.68 2.92
CA GLY A 44 -5.20 -13.05 2.83
C GLY A 44 -4.39 -13.23 4.11
N LEU A 45 -5.03 -12.98 5.25
CA LEU A 45 -4.36 -13.15 6.52
C LEU A 45 -3.91 -14.60 6.67
N ASN A 46 -4.76 -15.54 6.24
CA ASN A 46 -4.43 -16.95 6.37
C ASN A 46 -3.25 -17.32 5.48
N GLU A 47 -3.35 -16.99 4.19
CA GLU A 47 -2.29 -17.33 3.26
C GLU A 47 -0.99 -16.64 3.65
N GLN A 48 -1.09 -15.49 4.32
CA GLN A 48 0.10 -14.81 4.83
C GLN A 48 0.57 -15.39 6.16
N GLY A 49 -0.08 -16.47 6.63
CA GLY A 49 0.24 -17.04 7.93
C GLY A 49 0.19 -15.99 9.04
N MET A 50 -0.89 -15.19 9.04
CA MET A 50 -1.10 -14.18 10.07
C MET A 50 -2.04 -14.72 11.16
N THR A 51 -1.75 -15.94 11.64
CA THR A 51 -2.53 -16.49 12.73
C THR A 51 -2.27 -15.67 14.00
N PRO A 52 -3.16 -15.72 15.02
CA PRO A 52 -2.99 -14.90 16.22
C PRO A 52 -1.78 -15.18 17.11
N ASP A 53 -1.08 -16.29 16.87
CA ASP A 53 0.18 -16.58 17.54
C ASP A 53 1.30 -15.77 16.90
N LYS A 54 1.16 -15.46 15.60
CA LYS A 54 2.08 -14.57 14.92
C LYS A 54 1.88 -13.14 15.41
N SER A 55 2.98 -12.38 15.51
CA SER A 55 2.92 -10.96 15.83
C SER A 55 2.18 -10.21 14.72
N TYR A 56 1.87 -8.93 15.01
CA TYR A 56 1.09 -8.09 14.11
C TYR A 56 1.91 -7.65 12.91
N LYS A 57 1.24 -7.47 11.76
CA LYS A 57 1.88 -7.06 10.52
C LYS A 57 1.39 -5.68 10.11
N LYS A 58 2.25 -4.93 9.39
CA LYS A 58 1.85 -3.66 8.78
C LYS A 58 0.61 -3.88 7.93
N SER A 59 -0.45 -3.14 8.26
CA SER A 59 -1.71 -3.26 7.52
C SER A 59 -1.50 -2.93 6.04
N ALA A 60 -0.67 -1.92 5.77
CA ALA A 60 -0.35 -1.55 4.40
C ALA A 60 0.11 -2.77 3.60
N ARG A 61 0.93 -3.63 4.22
CA ARG A 61 1.44 -4.81 3.55
C ARG A 61 0.31 -5.80 3.27
N ILE A 62 -0.62 -5.90 4.23
CA ILE A 62 -1.71 -6.84 4.14
C ILE A 62 -2.66 -6.41 3.02
N VAL A 63 -3.05 -5.12 3.06
CA VAL A 63 -3.92 -4.57 2.03
C VAL A 63 -3.23 -4.63 0.66
N GLY A 64 -1.90 -4.43 0.63
CA GLY A 64 -1.13 -4.56 -0.58
C GLY A 64 -1.28 -5.94 -1.20
N ASP A 65 -1.08 -6.98 -0.37
CA ASP A 65 -1.19 -8.35 -0.83
C ASP A 65 -2.61 -8.61 -1.34
N VAL A 66 -3.60 -8.25 -0.53
CA VAL A 66 -4.99 -8.51 -0.86
C VAL A 66 -5.36 -7.79 -2.15
N MET A 67 -4.88 -6.56 -2.32
CA MET A 67 -5.24 -5.75 -3.47
C MET A 67 -4.61 -6.33 -4.73
N GLY A 68 -3.37 -6.81 -4.61
CA GLY A 68 -2.64 -7.36 -5.74
C GLY A 68 -3.12 -8.77 -6.12
N LYS A 69 -3.37 -9.58 -5.07
CA LYS A 69 -3.58 -11.00 -5.24
C LYS A 69 -5.02 -11.32 -5.62
N TYR A 70 -6.00 -10.70 -4.94
CA TYR A 70 -7.38 -11.13 -5.13
C TYR A 70 -8.33 -9.97 -5.40
N HIS A 71 -8.08 -8.76 -4.88
CA HIS A 71 -9.10 -7.72 -4.87
C HIS A 71 -8.61 -6.48 -5.59
N PRO A 72 -8.90 -6.34 -6.90
CA PRO A 72 -8.37 -5.22 -7.68
C PRO A 72 -9.20 -3.95 -7.58
N HIS A 73 -9.25 -3.37 -6.38
CA HIS A 73 -10.07 -2.19 -6.18
C HIS A 73 -9.29 -1.20 -5.31
N GLY A 74 -9.93 -0.07 -5.01
CA GLY A 74 -9.32 0.96 -4.17
C GLY A 74 -8.88 0.40 -2.82
N ASP A 75 -7.63 0.73 -2.45
CA ASP A 75 -7.06 0.34 -1.18
C ASP A 75 -7.85 0.92 0.00
N SER A 76 -8.58 2.05 -0.22
CA SER A 76 -9.37 2.66 0.84
C SER A 76 -10.55 1.76 1.22
N SER A 77 -11.11 1.08 0.20
CA SER A 77 -12.23 0.17 0.38
C SER A 77 -11.80 -1.05 1.19
N ILE A 78 -10.66 -1.63 0.83
CA ILE A 78 -10.15 -2.81 1.49
C ILE A 78 -9.82 -2.48 2.95
N TYR A 79 -9.07 -1.40 3.15
CA TYR A 79 -8.62 -1.07 4.48
C TYR A 79 -9.80 -0.75 5.40
N GLU A 80 -10.70 0.12 4.95
CA GLU A 80 -11.83 0.47 5.79
C GLU A 80 -12.62 -0.78 6.16
N ALA A 81 -12.72 -1.73 5.20
CA ALA A 81 -13.40 -2.99 5.49
C ALA A 81 -12.65 -3.76 6.56
N MET A 82 -11.31 -3.77 6.49
CA MET A 82 -10.51 -4.44 7.49
C MET A 82 -10.69 -3.75 8.82
N VAL A 83 -10.74 -2.41 8.78
CA VAL A 83 -10.93 -1.65 10.00
C VAL A 83 -12.20 -2.13 10.71
N ARG A 84 -13.33 -2.14 10.01
CA ARG A 84 -14.61 -2.45 10.63
C ARG A 84 -14.55 -3.82 11.30
N MET A 85 -13.88 -4.79 10.67
CA MET A 85 -13.80 -6.14 11.22
C MET A 85 -12.99 -6.19 12.51
N ALA A 86 -12.22 -5.15 12.86
CA ALA A 86 -11.40 -5.15 14.06
C ALA A 86 -12.00 -4.29 15.17
N GLN A 87 -13.22 -3.79 14.98
CA GLN A 87 -13.82 -2.86 15.92
C GLN A 87 -14.83 -3.60 16.78
N ASP A 88 -14.62 -3.56 18.09
CA ASP A 88 -15.50 -4.28 19.00
C ASP A 88 -16.89 -3.66 18.99
N PHE A 89 -17.00 -2.39 18.60
CA PHE A 89 -18.30 -1.73 18.59
C PHE A 89 -19.03 -1.92 17.26
N SER A 90 -18.35 -2.46 16.24
CA SER A 90 -18.96 -2.76 14.96
C SER A 90 -19.27 -4.26 14.84
N TYR A 91 -18.28 -5.10 15.21
CA TYR A 91 -18.44 -6.54 15.13
C TYR A 91 -18.77 -7.12 16.50
N ARG A 92 -19.84 -7.91 16.55
CA ARG A 92 -20.24 -8.56 17.78
C ARG A 92 -19.20 -9.60 18.18
N TYR A 93 -18.62 -10.28 17.18
CA TYR A 93 -17.49 -11.19 17.36
C TYR A 93 -16.41 -10.80 16.36
N PRO A 94 -15.45 -9.93 16.75
CA PRO A 94 -14.50 -9.36 15.80
C PRO A 94 -13.51 -10.37 15.21
N LEU A 95 -13.18 -10.18 13.94
CA LEU A 95 -12.47 -11.14 13.12
C LEU A 95 -11.01 -10.74 12.92
N VAL A 96 -10.69 -9.45 13.04
CA VAL A 96 -9.35 -8.92 12.86
C VAL A 96 -8.83 -8.40 14.19
N ASP A 97 -7.54 -8.60 14.40
CA ASP A 97 -6.89 -8.23 15.65
C ASP A 97 -6.01 -7.02 15.39
N GLY A 98 -6.49 -5.83 15.81
CA GLY A 98 -5.88 -4.56 15.47
C GLY A 98 -4.88 -4.06 16.52
N GLN A 99 -3.74 -3.54 16.03
CA GLN A 99 -2.70 -2.92 16.83
C GLN A 99 -2.48 -1.51 16.30
N GLY A 100 -3.01 -0.52 17.04
CA GLY A 100 -2.91 0.88 16.62
C GLY A 100 -4.26 1.55 16.79
N ASN A 101 -4.35 2.81 16.37
CA ASN A 101 -5.63 3.51 16.44
C ASN A 101 -6.58 2.99 15.36
N PHE A 102 -7.62 2.26 15.78
CA PHE A 102 -8.61 1.70 14.86
C PHE A 102 -9.98 2.35 15.02
N GLY A 103 -10.03 3.53 15.64
CA GLY A 103 -11.25 4.32 15.62
C GLY A 103 -11.99 4.27 16.96
N SER A 104 -13.00 5.13 17.07
CA SER A 104 -13.86 5.17 18.24
C SER A 104 -15.32 5.32 17.83
N MET A 105 -16.20 5.41 18.84
CA MET A 105 -17.64 5.48 18.60
C MET A 105 -18.05 6.88 18.13
N ASP A 106 -17.10 7.82 18.08
CA ASP A 106 -17.41 9.20 17.72
C ASP A 106 -17.24 9.44 16.23
N GLY A 107 -17.18 8.37 15.43
CA GLY A 107 -16.75 8.48 14.04
C GLY A 107 -15.29 8.90 13.94
N ASP A 108 -14.56 8.76 15.06
CA ASP A 108 -13.13 8.92 15.05
C ASP A 108 -12.58 7.96 14.00
N GLY A 109 -12.18 8.51 12.85
CA GLY A 109 -11.57 7.73 11.80
C GLY A 109 -10.33 7.02 12.32
N ALA A 110 -10.10 5.79 11.85
CA ALA A 110 -8.90 5.05 12.20
C ALA A 110 -7.68 5.64 11.49
N ALA A 111 -6.50 5.47 12.09
CA ALA A 111 -5.25 5.97 11.56
C ALA A 111 -4.90 5.29 10.24
N ALA A 112 -3.94 5.87 9.51
CA ALA A 112 -3.64 5.45 8.15
C ALA A 112 -2.97 4.07 8.15
N MET A 113 -3.10 3.36 7.02
CA MET A 113 -2.72 1.96 6.92
C MET A 113 -1.21 1.76 7.06
N ARG A 114 -0.44 2.85 7.06
CA ARG A 114 0.98 2.77 7.38
C ARG A 114 1.20 2.84 8.89
N PHE A 115 0.18 3.26 9.64
CA PHE A 115 0.33 3.46 11.08
C PHE A 115 -0.25 2.29 11.87
N THR A 116 -1.12 1.50 11.23
CA THR A 116 -1.78 0.40 11.91
C THR A 116 -1.11 -0.94 11.58
N GLU A 117 -1.37 -1.92 12.46
CA GLU A 117 -1.00 -3.31 12.23
C GLU A 117 -2.19 -4.20 12.57
N ALA A 118 -2.08 -5.49 12.26
CA ALA A 118 -3.24 -6.38 12.35
C ALA A 118 -2.85 -7.83 12.18
N ARG A 119 -3.69 -8.72 12.74
CA ARG A 119 -3.61 -10.15 12.54
C ARG A 119 -4.99 -10.74 12.79
N MET A 120 -5.09 -12.06 12.70
CA MET A 120 -6.37 -12.74 12.90
C MET A 120 -6.73 -12.77 14.38
N THR A 121 -8.02 -12.96 14.64
CA THR A 121 -8.50 -13.34 15.95
C THR A 121 -8.67 -14.86 15.99
N LYS A 122 -8.81 -15.39 17.20
CA LYS A 122 -8.94 -16.83 17.40
C LYS A 122 -10.18 -17.36 16.69
N ILE A 123 -11.20 -16.50 16.58
CA ILE A 123 -12.48 -16.94 16.07
C ILE A 123 -12.45 -17.00 14.55
N THR A 124 -11.58 -16.19 13.91
CA THR A 124 -11.43 -16.31 12.47
C THR A 124 -10.80 -17.67 12.10
N LEU A 125 -10.01 -18.23 13.03
CA LEU A 125 -9.47 -19.57 12.82
C LEU A 125 -10.61 -20.54 12.52
N GLU A 126 -11.70 -20.39 13.27
CA GLU A 126 -12.88 -21.23 13.13
C GLU A 126 -13.61 -20.94 11.82
N LEU A 127 -13.43 -19.73 11.27
CA LEU A 127 -13.96 -19.41 9.95
C LEU A 127 -13.18 -20.13 8.86
N LEU A 128 -11.85 -20.15 9.00
CA LEU A 128 -10.95 -20.72 8.01
C LEU A 128 -10.61 -22.18 8.29
N ARG A 129 -11.11 -22.74 9.40
CA ARG A 129 -10.72 -24.09 9.81
C ARG A 129 -11.09 -25.06 8.69
N ASP A 130 -10.12 -25.89 8.25
CA ASP A 130 -10.33 -26.97 7.29
C ASP A 130 -10.39 -26.45 5.86
N ILE A 131 -9.81 -25.27 5.61
CA ILE A 131 -9.79 -24.71 4.27
C ILE A 131 -8.97 -25.60 3.33
N ASN A 132 -7.88 -26.20 3.83
CA ASN A 132 -7.03 -27.05 3.01
C ASN A 132 -7.36 -28.54 3.22
N LYS A 133 -8.65 -28.87 3.32
CA LYS A 133 -9.08 -30.26 3.32
C LYS A 133 -10.18 -30.48 2.28
N ASP A 134 -10.11 -29.75 1.16
CA ASP A 134 -11.03 -29.88 0.03
C ASP A 134 -12.49 -29.75 0.49
N THR A 135 -12.73 -28.84 1.44
CA THR A 135 -14.04 -28.64 2.04
C THR A 135 -14.86 -27.68 1.18
N ILE A 136 -14.18 -26.75 0.48
CA ILE A 136 -14.86 -25.71 -0.27
C ILE A 136 -14.24 -25.62 -1.65
N ASP A 137 -14.98 -25.05 -2.60
CA ASP A 137 -14.55 -24.98 -3.99
C ASP A 137 -13.73 -23.72 -4.24
N PHE A 138 -12.45 -23.91 -4.53
CA PHE A 138 -11.58 -22.82 -4.94
C PHE A 138 -11.81 -22.45 -6.39
N ILE A 139 -11.39 -21.24 -6.74
CA ILE A 139 -11.59 -20.73 -8.09
C ILE A 139 -10.36 -19.91 -8.44
N ASP A 140 -10.29 -19.53 -9.73
CA ASP A 140 -9.29 -18.62 -10.24
C ASP A 140 -9.57 -17.21 -9.73
N ASN A 141 -8.52 -16.39 -9.74
CA ASN A 141 -8.62 -14.99 -9.39
C ASN A 141 -8.75 -14.16 -10.68
N TYR A 142 -8.74 -12.83 -10.53
CA TYR A 142 -9.09 -11.93 -11.62
C TYR A 142 -8.10 -12.04 -12.77
N ASP A 143 -6.79 -12.16 -12.50
CA ASP A 143 -5.79 -12.21 -13.55
C ASP A 143 -5.47 -13.65 -13.95
N GLY A 144 -5.97 -14.65 -13.21
CA GLY A 144 -5.67 -16.04 -13.50
C GLY A 144 -4.33 -16.52 -12.91
N ASN A 145 -3.73 -15.72 -12.01
CA ASN A 145 -2.46 -16.10 -11.41
C ASN A 145 -2.60 -16.51 -9.96
N GLU A 146 -3.84 -16.65 -9.45
CA GLU A 146 -4.05 -17.06 -8.06
C GLU A 146 -5.30 -17.92 -7.94
N ARG A 147 -5.43 -18.59 -6.80
CA ARG A 147 -6.63 -19.32 -6.43
C ARG A 147 -7.17 -18.71 -5.14
N GLU A 148 -8.47 -18.39 -5.15
CA GLU A 148 -9.14 -17.83 -4.00
C GLU A 148 -10.38 -18.67 -3.71
N PRO A 149 -10.83 -18.73 -2.44
CA PRO A 149 -12.02 -19.50 -2.10
C PRO A 149 -13.30 -18.79 -2.50
N SER A 150 -14.31 -19.61 -2.84
CA SER A 150 -15.61 -19.08 -3.20
C SER A 150 -16.48 -18.96 -1.95
N VAL A 151 -16.00 -19.55 -0.85
CA VAL A 151 -16.70 -19.54 0.44
C VAL A 151 -15.75 -20.10 1.49
N LEU A 152 -15.77 -19.50 2.67
CA LEU A 152 -15.00 -20.01 3.78
C LEU A 152 -15.76 -21.17 4.40
N PRO A 153 -15.08 -22.12 5.08
CA PRO A 153 -15.78 -23.23 5.72
C PRO A 153 -16.72 -22.80 6.84
N ALA A 154 -16.37 -21.73 7.55
CA ALA A 154 -17.28 -21.03 8.44
C ALA A 154 -17.91 -21.98 9.46
N ARG A 155 -17.11 -22.41 10.46
CA ARG A 155 -17.56 -23.41 11.42
C ARG A 155 -18.47 -22.82 12.51
N PHE A 156 -18.91 -21.56 12.37
CA PHE A 156 -19.99 -21.03 13.22
C PHE A 156 -20.83 -20.05 12.41
N PRO A 157 -22.13 -19.85 12.75
CA PRO A 157 -23.06 -19.11 11.91
C PRO A 157 -22.70 -17.63 11.84
N ASN A 158 -21.78 -17.28 10.94
CA ASN A 158 -21.17 -15.97 10.93
C ASN A 158 -22.16 -14.93 10.42
N LEU A 159 -23.06 -15.34 9.53
CA LEU A 159 -23.93 -14.37 8.88
C LEU A 159 -24.79 -13.70 9.93
N LEU A 160 -25.56 -14.52 10.65
CA LEU A 160 -26.44 -14.01 11.67
C LEU A 160 -25.66 -13.43 12.85
N ALA A 161 -24.43 -13.88 13.06
CA ALA A 161 -23.71 -13.51 14.28
C ALA A 161 -23.25 -12.06 14.20
N ASN A 162 -22.40 -11.74 13.22
CA ASN A 162 -21.87 -10.39 13.05
C ASN A 162 -22.80 -9.52 12.18
N GLY A 163 -23.76 -10.15 11.49
CA GLY A 163 -24.74 -9.40 10.73
C GLY A 163 -24.16 -8.91 9.41
N ALA A 164 -25.00 -8.24 8.61
CA ALA A 164 -24.55 -7.59 7.39
C ALA A 164 -25.37 -6.32 7.12
N SER A 165 -24.74 -5.42 6.33
CA SER A 165 -25.38 -4.26 5.74
C SER A 165 -24.75 -3.93 4.38
N GLY A 166 -25.60 -3.73 3.37
CA GLY A 166 -25.08 -3.42 2.05
C GLY A 166 -26.12 -2.74 1.17
N ILE A 167 -25.71 -1.65 0.54
CA ILE A 167 -26.53 -1.04 -0.49
C ILE A 167 -26.07 -1.62 -1.80
N ALA A 168 -27.00 -2.22 -2.54
CA ALA A 168 -26.70 -2.81 -3.82
C ALA A 168 -27.51 -2.07 -4.87
N VAL A 169 -27.83 -2.77 -5.97
CA VAL A 169 -28.67 -2.22 -7.02
C VAL A 169 -29.96 -3.02 -7.05
N GLY A 170 -31.09 -2.29 -7.02
CA GLY A 170 -32.41 -2.91 -6.99
C GLY A 170 -32.85 -3.30 -5.58
N MET A 171 -31.91 -3.33 -4.64
CA MET A 171 -32.15 -3.97 -3.36
C MET A 171 -31.00 -3.68 -2.40
N ALA A 172 -31.31 -3.66 -1.10
CA ALA A 172 -30.32 -3.43 -0.05
C ALA A 172 -30.48 -4.52 1.00
N THR A 173 -29.57 -4.60 1.99
CA THR A 173 -29.61 -5.67 2.97
C THR A 173 -29.31 -5.09 4.35
N ASN A 174 -30.02 -5.60 5.36
CA ASN A 174 -29.77 -5.14 6.71
C ASN A 174 -30.12 -6.26 7.70
N ILE A 175 -29.12 -7.07 8.01
CA ILE A 175 -29.27 -8.19 8.94
C ILE A 175 -28.57 -7.79 10.22
N PRO A 176 -29.28 -7.84 11.37
CA PRO A 176 -28.65 -7.50 12.64
C PRO A 176 -27.80 -8.64 13.19
N PRO A 177 -26.86 -8.32 14.10
CA PRO A 177 -26.09 -9.34 14.82
C PRO A 177 -26.84 -10.06 15.94
N HIS A 178 -26.30 -11.23 16.30
CA HIS A 178 -26.94 -12.13 17.23
C HIS A 178 -25.95 -12.67 18.25
N ASN A 179 -26.47 -13.33 19.27
CA ASN A 179 -25.66 -13.97 20.29
C ASN A 179 -25.30 -15.39 19.82
N LEU A 180 -24.02 -15.70 19.87
CA LEU A 180 -23.54 -16.95 19.30
C LEU A 180 -24.15 -18.13 20.06
N THR A 181 -24.39 -17.95 21.36
CA THR A 181 -24.83 -19.08 22.17
C THR A 181 -26.22 -19.51 21.73
N GLU A 182 -27.07 -18.52 21.47
CA GLU A 182 -28.43 -18.77 21.02
C GLU A 182 -28.43 -19.34 19.59
N LEU A 183 -27.58 -18.79 18.71
CA LEU A 183 -27.50 -19.29 17.35
C LEU A 183 -27.18 -20.79 17.38
N ILE A 184 -26.16 -21.18 18.16
CA ILE A 184 -25.73 -22.57 18.16
C ILE A 184 -26.83 -23.44 18.73
N ASN A 185 -27.47 -23.00 19.82
CA ASN A 185 -28.59 -23.74 20.37
C ASN A 185 -29.71 -23.84 19.35
N GLY A 186 -29.83 -22.82 18.48
CA GLY A 186 -30.84 -22.82 17.44
C GLY A 186 -30.52 -23.84 16.35
N VAL A 187 -29.28 -23.84 15.87
CA VAL A 187 -28.89 -24.78 14.83
C VAL A 187 -29.05 -26.21 15.35
N LEU A 188 -28.72 -26.45 16.62
CA LEU A 188 -28.79 -27.78 17.17
C LEU A 188 -30.24 -28.27 17.22
N SER A 189 -31.14 -27.43 17.74
CA SER A 189 -32.57 -27.74 17.71
C SER A 189 -32.98 -28.10 16.29
N LEU A 190 -32.62 -27.26 15.31
CA LEU A 190 -32.97 -27.49 13.92
C LEU A 190 -32.52 -28.88 13.48
N SER A 191 -31.26 -29.24 13.80
CA SER A 191 -30.67 -30.49 13.36
C SER A 191 -31.37 -31.67 14.02
N LYS A 192 -32.11 -31.41 15.10
CA LYS A 192 -32.89 -32.44 15.76
C LYS A 192 -34.36 -32.38 15.34
N ASN A 193 -34.77 -31.37 14.55
CA ASN A 193 -36.15 -31.22 14.11
C ASN A 193 -36.21 -30.42 12.82
N PRO A 194 -36.09 -31.08 11.64
CA PRO A 194 -36.32 -30.43 10.34
C PRO A 194 -37.63 -29.67 10.25
N ASP A 195 -38.61 -29.99 11.10
CA ASP A 195 -39.93 -29.37 11.02
C ASP A 195 -40.16 -28.50 12.25
N ILE A 196 -39.16 -27.69 12.58
CA ILE A 196 -39.23 -26.82 13.73
C ILE A 196 -39.78 -25.46 13.31
N SER A 197 -40.65 -24.90 14.14
CA SER A 197 -41.31 -23.64 13.84
C SER A 197 -40.45 -22.46 14.31
N ILE A 198 -40.81 -21.26 13.85
CA ILE A 198 -40.03 -20.07 14.13
C ILE A 198 -40.17 -19.75 15.62
N ALA A 199 -41.37 -19.87 16.18
CA ALA A 199 -41.56 -19.70 17.61
C ALA A 199 -40.64 -20.61 18.43
N GLU A 200 -40.57 -21.90 18.08
CA GLU A 200 -39.70 -22.84 18.78
C GLU A 200 -38.26 -22.35 18.71
N LEU A 201 -37.82 -21.89 17.53
CA LEU A 201 -36.45 -21.44 17.37
C LEU A 201 -36.19 -20.24 18.30
N MET A 202 -37.16 -19.34 18.39
CA MET A 202 -36.99 -18.15 19.21
C MET A 202 -36.92 -18.49 20.69
N GLU A 203 -37.15 -19.75 21.07
CA GLU A 203 -36.87 -20.17 22.44
C GLU A 203 -35.37 -20.18 22.71
N ASP A 204 -34.55 -20.39 21.66
CA ASP A 204 -33.11 -20.24 21.74
C ASP A 204 -32.69 -18.82 21.36
N ILE A 205 -33.11 -18.36 20.18
CA ILE A 205 -32.70 -17.08 19.65
C ILE A 205 -33.78 -16.06 19.99
N GLU A 206 -33.61 -15.35 21.11
N GLU A 206 -33.58 -15.37 21.12
CA GLU A 206 -34.65 -14.46 21.59
CA GLU A 206 -34.56 -14.42 21.66
C GLU A 206 -34.72 -13.23 20.68
C GLU A 206 -34.71 -13.27 20.67
N GLY A 207 -33.57 -12.76 20.22
CA GLY A 207 -33.54 -11.60 19.35
C GLY A 207 -32.12 -11.17 19.04
N PRO A 208 -31.92 -10.03 18.35
CA PRO A 208 -30.58 -9.59 18.02
C PRO A 208 -29.82 -9.29 19.31
N ASP A 209 -28.50 -9.35 19.22
CA ASP A 209 -27.61 -9.03 20.32
C ASP A 209 -26.53 -8.11 19.78
N PHE A 210 -26.67 -6.82 20.06
CA PHE A 210 -25.79 -5.84 19.44
C PHE A 210 -24.53 -5.76 20.28
N PRO A 211 -23.38 -5.48 19.65
CA PRO A 211 -22.14 -5.34 20.40
C PRO A 211 -22.13 -4.10 21.28
N THR A 212 -23.12 -3.23 21.09
CA THR A 212 -23.27 -1.98 21.83
C THR A 212 -24.33 -2.14 22.95
N ALA A 213 -24.94 -3.31 23.06
CA ALA A 213 -25.97 -3.52 24.07
C ALA A 213 -27.13 -2.55 23.82
N GLY A 214 -27.75 -2.03 24.88
CA GLY A 214 -28.92 -1.19 24.72
C GLY A 214 -30.17 -1.99 25.08
N LEU A 215 -31.35 -1.48 24.71
CA LEU A 215 -32.56 -2.24 24.88
C LEU A 215 -33.22 -2.48 23.53
N ILE A 216 -34.15 -3.42 23.52
CA ILE A 216 -35.07 -3.61 22.41
C ILE A 216 -36.47 -3.58 23.01
N LEU A 217 -37.35 -2.76 22.41
CA LEU A 217 -38.74 -2.71 22.86
C LEU A 217 -39.54 -3.80 22.15
N GLY A 218 -39.82 -4.87 22.91
CA GLY A 218 -40.84 -5.83 22.53
C GLY A 218 -40.35 -6.81 21.47
N LYS A 219 -41.09 -7.92 21.34
N LYS A 219 -41.09 -7.92 21.34
CA LYS A 219 -40.75 -9.01 20.44
CA LYS A 219 -40.73 -9.00 20.44
C LYS A 219 -41.63 -8.98 19.20
C LYS A 219 -41.63 -8.99 19.20
N SER A 220 -42.37 -7.90 18.97
CA SER A 220 -43.25 -7.81 17.81
C SER A 220 -42.44 -7.65 16.52
N GLY A 221 -41.54 -6.67 16.51
CA GLY A 221 -40.73 -6.40 15.33
C GLY A 221 -39.80 -7.56 15.04
N ILE A 222 -39.24 -8.14 16.11
CA ILE A 222 -38.32 -9.27 15.99
C ILE A 222 -39.05 -10.43 15.33
N ARG A 223 -40.23 -10.76 15.85
CA ARG A 223 -41.00 -11.90 15.37
C ARG A 223 -41.27 -11.75 13.88
N ARG A 224 -41.67 -10.55 13.44
N ARG A 224 -41.67 -10.55 13.45
CA ARG A 224 -41.98 -10.32 12.04
CA ARG A 224 -41.99 -10.27 12.06
C ARG A 224 -40.73 -10.49 11.19
C ARG A 224 -40.74 -10.49 11.21
N ALA A 225 -39.58 -10.02 11.71
CA ALA A 225 -38.33 -10.15 10.98
C ALA A 225 -37.96 -11.61 10.81
N TYR A 226 -38.08 -12.39 11.88
CA TYR A 226 -37.67 -13.78 11.82
C TYR A 226 -38.63 -14.62 10.98
N GLU A 227 -39.89 -14.17 10.82
CA GLU A 227 -40.88 -14.94 10.08
C GLU A 227 -40.93 -14.53 8.61
N THR A 228 -40.77 -13.23 8.33
CA THR A 228 -40.94 -12.70 6.98
C THR A 228 -39.61 -12.27 6.38
N GLY A 229 -38.56 -12.20 7.21
CA GLY A 229 -37.28 -11.67 6.76
C GLY A 229 -37.24 -10.15 6.81
N ARG A 230 -38.33 -9.50 7.25
CA ARG A 230 -38.45 -8.06 7.18
C ARG A 230 -39.25 -7.55 8.37
N GLY A 231 -38.78 -6.45 8.98
CA GLY A 231 -39.45 -5.91 10.15
C GLY A 231 -38.63 -4.84 10.84
N SER A 232 -39.30 -4.04 11.67
CA SER A 232 -38.68 -2.90 12.29
C SER A 232 -38.47 -3.19 13.77
N ILE A 233 -37.23 -2.99 14.23
CA ILE A 233 -36.87 -3.29 15.61
C ILE A 233 -36.36 -2.01 16.25
N GLN A 234 -37.06 -1.62 17.33
CA GLN A 234 -36.81 -0.38 18.04
C GLN A 234 -35.68 -0.58 19.06
N MET A 235 -34.57 0.14 18.86
CA MET A 235 -33.43 0.07 19.72
C MET A 235 -33.39 1.34 20.56
N ARG A 236 -33.39 1.15 21.88
CA ARG A 236 -33.39 2.26 22.81
C ARG A 236 -32.11 2.21 23.65
N SER A 237 -31.61 3.40 24.01
CA SER A 237 -30.41 3.53 24.82
C SER A 237 -30.72 3.16 26.26
N ARG A 238 -29.65 2.85 27.01
CA ARG A 238 -29.77 2.61 28.44
C ARG A 238 -29.51 3.93 29.15
N ALA A 239 -30.59 4.59 29.58
CA ALA A 239 -30.52 5.79 30.41
C ALA A 239 -31.18 5.52 31.75
N VAL A 240 -30.68 6.20 32.79
CA VAL A 240 -31.30 6.19 34.10
C VAL A 240 -31.37 7.63 34.58
N ILE A 241 -32.31 7.90 35.49
CA ILE A 241 -32.46 9.21 36.11
C ILE A 241 -31.96 9.13 37.55
N GLU A 242 -31.10 10.08 37.93
CA GLU A 242 -30.49 10.07 39.26
C GLU A 242 -30.29 11.50 39.76
N GLU A 243 -29.89 11.61 41.04
CA GLU A 243 -29.71 12.87 41.74
C GLU A 243 -28.30 13.40 41.60
N ARG A 244 -28.16 14.71 41.36
CA ARG A 244 -26.86 15.29 41.10
C ARG A 244 -26.52 16.31 42.18
N GLY A 245 -27.43 16.45 43.17
CA GLY A 245 -27.20 17.30 44.32
C GLY A 245 -28.23 18.42 44.45
N GLY A 246 -28.69 18.68 45.69
CA GLY A 246 -29.48 19.86 45.99
C GLY A 246 -30.90 19.80 45.45
N GLY A 247 -31.41 18.58 45.20
CA GLY A 247 -32.74 18.39 44.65
C GLY A 247 -32.75 18.45 43.13
N ARG A 248 -31.57 18.69 42.51
CA ARG A 248 -31.46 18.65 41.07
C ARG A 248 -31.30 17.19 40.67
N GLN A 249 -31.60 16.89 39.40
CA GLN A 249 -31.49 15.54 38.87
C GLN A 249 -30.66 15.56 37.60
N ARG A 250 -30.44 14.38 37.01
CA ARG A 250 -29.78 14.31 35.74
C ARG A 250 -30.03 12.93 35.13
N ILE A 251 -30.04 12.89 33.79
CA ILE A 251 -30.15 11.66 33.05
C ILE A 251 -28.75 11.24 32.65
N VAL A 252 -28.43 9.96 32.89
CA VAL A 252 -27.12 9.42 32.55
C VAL A 252 -27.28 8.27 31.57
N VAL A 253 -26.60 8.38 30.42
CA VAL A 253 -26.70 7.38 29.36
C VAL A 253 -25.39 6.60 29.29
N THR A 254 -25.50 5.25 29.27
CA THR A 254 -24.30 4.43 29.29
C THR A 254 -24.20 3.47 28.10
N GLU A 255 -25.30 3.30 27.36
CA GLU A 255 -25.23 2.51 26.14
C GLU A 255 -26.09 3.19 25.09
N ILE A 256 -25.61 3.20 23.85
CA ILE A 256 -26.35 3.78 22.75
C ILE A 256 -26.63 2.69 21.71
N PRO A 257 -27.61 2.91 20.79
CA PRO A 257 -27.96 1.91 19.79
C PRO A 257 -26.85 1.60 18.80
N PHE A 258 -27.04 0.47 18.11
CA PHE A 258 -26.10 0.01 17.10
C PHE A 258 -26.04 1.01 15.94
N GLN A 259 -24.81 1.31 15.52
CA GLN A 259 -24.55 2.14 14.35
C GLN A 259 -24.96 3.60 14.57
N VAL A 260 -25.06 4.05 15.83
CA VAL A 260 -25.31 5.45 16.13
C VAL A 260 -23.99 6.11 16.50
N ASN A 261 -23.76 7.32 15.99
CA ASN A 261 -22.56 8.08 16.31
C ASN A 261 -22.82 8.89 17.58
N LYS A 262 -21.90 8.77 18.54
CA LYS A 262 -22.05 9.41 19.83
C LYS A 262 -21.95 10.93 19.72
N ALA A 263 -20.96 11.43 18.98
CA ALA A 263 -20.80 12.88 18.78
C ALA A 263 -22.02 13.46 18.08
N ARG A 264 -22.42 12.83 16.98
CA ARG A 264 -23.50 13.34 16.15
C ARG A 264 -24.81 13.36 16.93
N MET A 265 -25.04 12.34 17.77
CA MET A 265 -26.20 12.32 18.64
C MET A 265 -26.17 13.50 19.62
N ILE A 266 -24.97 13.83 20.11
CA ILE A 266 -24.84 14.92 21.08
C ILE A 266 -25.09 16.25 20.39
N GLU A 267 -24.73 16.35 19.10
CA GLU A 267 -25.03 17.53 18.31
C GLU A 267 -26.54 17.75 18.28
N LYS A 268 -27.30 16.67 18.06
CA LYS A 268 -28.74 16.78 17.88
C LYS A 268 -29.39 17.23 19.18
N ILE A 269 -28.90 16.70 20.31
CA ILE A 269 -29.44 17.06 21.61
C ILE A 269 -29.11 18.50 21.90
N ALA A 270 -27.85 18.88 21.69
CA ALA A 270 -27.41 20.28 21.79
C ALA A 270 -28.26 21.16 20.89
N GLU A 271 -28.55 20.69 19.67
CA GLU A 271 -29.30 21.48 18.70
C GLU A 271 -30.73 21.67 19.21
N LEU A 272 -31.31 20.59 19.74
CA LEU A 272 -32.66 20.63 20.27
C LEU A 272 -32.78 21.72 21.34
N VAL A 273 -31.84 21.74 22.29
CA VAL A 273 -31.88 22.69 23.39
C VAL A 273 -31.66 24.10 22.86
N ARG A 274 -30.67 24.24 21.96
CA ARG A 274 -30.31 25.53 21.42
C ARG A 274 -31.52 26.17 20.77
N ASP A 275 -32.17 25.42 19.87
CA ASP A 275 -33.32 25.90 19.13
C ASP A 275 -34.58 25.89 20.00
N LYS A 276 -34.44 25.59 21.30
CA LYS A 276 -35.56 25.65 22.23
C LYS A 276 -36.67 24.66 21.85
N LYS A 277 -36.32 23.54 21.20
CA LYS A 277 -37.33 22.58 20.80
C LYS A 277 -37.62 21.57 21.91
N ILE A 278 -36.88 21.68 23.03
CA ILE A 278 -37.14 20.87 24.19
C ILE A 278 -36.68 21.64 25.42
N ASP A 279 -37.54 21.63 26.45
CA ASP A 279 -37.30 22.40 27.65
C ASP A 279 -36.95 21.47 28.80
N GLY A 280 -36.08 21.97 29.71
CA GLY A 280 -35.82 21.40 31.02
C GLY A 280 -34.38 20.93 31.17
N ILE A 281 -33.52 21.38 30.24
CA ILE A 281 -32.16 20.91 30.15
C ILE A 281 -31.21 22.07 30.41
N THR A 282 -30.53 22.02 31.55
CA THR A 282 -29.61 23.08 31.94
C THR A 282 -28.22 22.83 31.36
N ASP A 283 -27.77 21.58 31.32
CA ASP A 283 -26.45 21.30 30.81
C ASP A 283 -26.40 19.95 30.10
N LEU A 284 -25.40 19.81 29.22
CA LEU A 284 -25.14 18.56 28.53
C LEU A 284 -23.64 18.34 28.52
N ARG A 285 -23.22 17.11 28.89
CA ARG A 285 -21.81 16.79 28.98
C ARG A 285 -21.59 15.37 28.48
N ASP A 286 -20.37 15.12 28.02
CA ASP A 286 -19.92 13.80 27.60
C ASP A 286 -18.71 13.38 28.44
N GLU A 287 -18.99 12.68 29.54
CA GLU A 287 -17.98 12.34 30.53
C GLU A 287 -17.50 10.91 30.27
N THR A 288 -17.12 10.62 29.03
CA THR A 288 -16.74 9.27 28.63
C THR A 288 -15.23 9.16 28.69
N SER A 289 -14.75 8.05 29.27
CA SER A 289 -13.33 7.78 29.36
C SER A 289 -13.06 6.30 29.15
N LEU A 290 -11.79 5.94 29.06
CA LEU A 290 -11.36 4.55 29.12
C LEU A 290 -11.95 3.90 30.36
N ARG A 291 -11.86 4.62 31.49
CA ARG A 291 -12.09 4.06 32.81
C ARG A 291 -13.58 3.84 33.04
N THR A 292 -14.44 4.79 32.61
CA THR A 292 -15.85 4.78 32.99
C THR A 292 -16.71 4.12 31.92
N GLY A 293 -16.10 3.71 30.80
CA GLY A 293 -16.87 3.30 29.65
C GLY A 293 -17.59 4.52 29.07
N VAL A 294 -18.83 4.31 28.62
CA VAL A 294 -19.62 5.37 28.01
C VAL A 294 -20.44 6.06 29.09
N ARG A 295 -20.56 7.39 28.99
CA ARG A 295 -21.25 8.19 29.98
C ARG A 295 -21.54 9.56 29.38
N VAL A 296 -22.82 9.76 29.03
CA VAL A 296 -23.31 11.05 28.63
C VAL A 296 -24.26 11.58 29.69
N VAL A 297 -23.99 12.80 30.16
CA VAL A 297 -24.75 13.39 31.26
C VAL A 297 -25.61 14.54 30.73
N ILE A 298 -26.86 14.57 31.18
CA ILE A 298 -27.85 15.57 30.81
C ILE A 298 -28.40 16.17 32.09
N ASP A 299 -28.09 17.45 32.33
CA ASP A 299 -28.55 18.12 33.53
C ASP A 299 -29.99 18.57 33.34
N VAL A 300 -30.87 18.09 34.22
CA VAL A 300 -32.27 18.48 34.22
C VAL A 300 -32.46 19.71 35.11
N ARG A 301 -33.27 20.66 34.64
CA ARG A 301 -33.54 21.88 35.39
C ARG A 301 -34.33 21.50 36.62
N LYS A 302 -34.03 22.18 37.74
CA LYS A 302 -34.69 21.94 39.00
C LYS A 302 -36.21 22.08 38.84
N ASP A 303 -36.93 21.12 39.41
CA ASP A 303 -38.39 21.04 39.30
C ASP A 303 -38.80 20.84 37.84
N ALA A 304 -38.32 19.77 37.22
CA ALA A 304 -38.79 19.33 35.92
C ALA A 304 -38.87 17.81 35.95
N ASN A 305 -39.99 17.26 35.45
CA ASN A 305 -40.15 15.81 35.43
C ASN A 305 -39.12 15.22 34.47
N ALA A 306 -37.99 14.76 35.03
CA ALA A 306 -36.87 14.27 34.24
C ALA A 306 -37.30 13.08 33.40
N SER A 307 -38.45 12.45 33.74
CA SER A 307 -38.92 11.32 32.98
C SER A 307 -39.61 11.79 31.70
N VAL A 308 -40.26 12.95 31.77
CA VAL A 308 -40.89 13.54 30.59
C VAL A 308 -39.80 14.03 29.63
N ILE A 309 -38.80 14.73 30.17
CA ILE A 309 -37.65 15.13 29.37
C ILE A 309 -37.04 13.89 28.71
N LEU A 310 -36.86 12.82 29.47
CA LEU A 310 -36.25 11.61 28.95
C LEU A 310 -37.08 11.10 27.77
N ASN A 311 -38.41 11.03 27.96
CA ASN A 311 -39.30 10.49 26.94
C ASN A 311 -39.28 11.32 25.66
N ASN A 312 -39.18 12.65 25.80
CA ASN A 312 -39.09 13.50 24.63
C ASN A 312 -37.76 13.24 23.92
N LEU A 313 -36.70 13.03 24.68
CA LEU A 313 -35.39 12.82 24.09
C LEU A 313 -35.40 11.57 23.21
N TYR A 314 -35.97 10.47 23.71
CA TYR A 314 -36.14 9.29 22.88
C TYR A 314 -36.88 9.65 21.60
N LYS A 315 -37.98 10.39 21.76
CA LYS A 315 -38.86 10.69 20.64
C LYS A 315 -38.13 11.48 19.56
N GLN A 316 -37.29 12.45 19.96
CA GLN A 316 -36.86 13.48 19.03
C GLN A 316 -35.37 13.40 18.71
N THR A 317 -34.69 12.36 19.22
CA THR A 317 -33.24 12.25 19.04
C THR A 317 -32.88 10.83 18.64
N PRO A 318 -31.63 10.58 18.19
CA PRO A 318 -31.17 9.20 17.92
C PRO A 318 -31.10 8.33 19.18
N LEU A 319 -31.32 8.92 20.36
CA LEU A 319 -31.38 8.15 21.59
C LEU A 319 -32.22 6.88 21.40
N GLN A 320 -33.27 6.96 20.59
CA GLN A 320 -33.99 5.77 20.16
C GLN A 320 -33.99 5.75 18.64
N THR A 321 -33.64 4.58 18.09
CA THR A 321 -33.46 4.36 16.67
C THR A 321 -34.15 3.04 16.32
N SER A 322 -34.52 2.89 15.06
CA SER A 322 -35.11 1.66 14.59
C SER A 322 -34.10 0.96 13.69
N PHE A 323 -34.23 -0.36 13.59
CA PHE A 323 -33.40 -1.17 12.71
C PHE A 323 -34.32 -1.82 11.69
N GLY A 324 -34.19 -1.40 10.44
CA GLY A 324 -34.99 -1.98 9.39
C GLY A 324 -34.39 -3.33 9.01
N VAL A 325 -34.98 -4.39 9.52
CA VAL A 325 -34.51 -5.73 9.17
C VAL A 325 -34.91 -5.99 7.72
N ASN A 326 -33.97 -6.57 6.98
CA ASN A 326 -34.12 -6.85 5.57
C ASN A 326 -33.12 -7.93 5.20
N MET A 327 -33.46 -9.18 5.55
CA MET A 327 -32.50 -10.27 5.51
C MET A 327 -32.37 -10.82 4.08
N ILE A 328 -31.53 -10.14 3.30
CA ILE A 328 -31.17 -10.55 1.96
C ILE A 328 -29.74 -11.10 1.94
N ALA A 329 -29.54 -12.21 1.22
CA ALA A 329 -28.22 -12.83 1.12
C ALA A 329 -28.23 -13.69 -0.12
N LEU A 330 -27.03 -14.10 -0.55
CA LEU A 330 -26.88 -14.94 -1.73
C LEU A 330 -27.13 -16.41 -1.39
N VAL A 331 -28.12 -17.01 -2.08
CA VAL A 331 -28.40 -18.44 -2.01
C VAL A 331 -28.24 -19.05 -3.39
N ASN A 332 -27.26 -19.93 -3.54
CA ASN A 332 -26.85 -20.47 -4.84
C ASN A 332 -26.40 -19.34 -5.76
N GLY A 333 -25.84 -18.26 -5.19
CA GLY A 333 -25.35 -17.14 -5.98
C GLY A 333 -26.50 -16.33 -6.59
N ARG A 334 -27.60 -16.22 -5.83
CA ARG A 334 -28.78 -15.49 -6.23
C ARG A 334 -29.31 -14.77 -5.00
N PRO A 335 -29.72 -13.50 -5.09
CA PRO A 335 -30.21 -12.77 -3.94
C PRO A 335 -31.55 -13.35 -3.54
N LYS A 336 -31.78 -13.42 -2.23
CA LYS A 336 -33.06 -13.88 -1.73
C LYS A 336 -33.32 -13.24 -0.37
N LEU A 337 -34.59 -12.90 -0.14
CA LEU A 337 -35.11 -12.54 1.16
C LEU A 337 -35.42 -13.83 1.90
N ILE A 338 -34.72 -14.05 3.03
CA ILE A 338 -34.83 -15.28 3.81
C ILE A 338 -35.37 -14.94 5.20
N ASN A 339 -36.20 -15.81 5.77
CA ASN A 339 -36.53 -15.73 7.19
C ASN A 339 -35.42 -16.44 7.98
N LEU A 340 -35.58 -16.51 9.32
CA LEU A 340 -34.54 -17.05 10.18
C LEU A 340 -34.32 -18.53 9.93
N LYS A 341 -35.38 -19.29 9.66
CA LYS A 341 -35.25 -20.74 9.49
C LYS A 341 -34.48 -21.06 8.21
N GLU A 342 -34.72 -20.31 7.15
CA GLU A 342 -33.97 -20.53 5.91
C GLU A 342 -32.48 -20.36 6.17
N ALA A 343 -32.13 -19.29 6.88
CA ALA A 343 -30.74 -18.95 7.13
C ALA A 343 -30.07 -20.06 7.94
N LEU A 344 -30.80 -20.64 8.88
CA LEU A 344 -30.25 -21.71 9.69
C LEU A 344 -30.18 -23.01 8.89
N VAL A 345 -31.13 -23.23 7.97
CA VAL A 345 -31.13 -24.43 7.16
C VAL A 345 -29.91 -24.44 6.24
N HIS A 346 -29.77 -23.40 5.43
CA HIS A 346 -28.64 -23.30 4.50
C HIS A 346 -27.33 -23.45 5.24
N TYR A 347 -27.25 -22.94 6.47
CA TYR A 347 -25.99 -23.01 7.19
C TYR A 347 -25.69 -24.46 7.57
N LEU A 348 -26.69 -25.15 8.13
CA LEU A 348 -26.50 -26.55 8.48
C LEU A 348 -26.05 -27.38 7.27
N GLU A 349 -26.67 -27.17 6.12
CA GLU A 349 -26.29 -27.90 4.91
C GLU A 349 -24.84 -27.62 4.56
N HIS A 350 -24.44 -26.36 4.66
CA HIS A 350 -23.04 -26.00 4.50
C HIS A 350 -22.16 -26.81 5.46
N GLN A 351 -22.51 -26.84 6.75
CA GLN A 351 -21.72 -27.56 7.74
C GLN A 351 -21.69 -29.05 7.44
N LYS A 352 -22.84 -29.63 7.07
CA LYS A 352 -22.86 -31.03 6.69
C LYS A 352 -21.90 -31.29 5.53
N THR A 353 -21.97 -30.46 4.48
CA THR A 353 -21.12 -30.59 3.31
C THR A 353 -19.66 -30.46 3.69
N VAL A 354 -19.33 -29.46 4.51
CA VAL A 354 -17.95 -29.22 4.89
C VAL A 354 -17.40 -30.45 5.59
N VAL A 355 -18.05 -30.88 6.68
CA VAL A 355 -17.56 -31.98 7.48
C VAL A 355 -17.49 -33.25 6.63
N ARG A 356 -18.44 -33.41 5.70
CA ARG A 356 -18.46 -34.57 4.83
C ARG A 356 -17.22 -34.57 3.93
N ARG A 357 -16.89 -33.42 3.33
CA ARG A 357 -15.79 -33.35 2.39
C ARG A 357 -14.46 -33.45 3.12
N ARG A 358 -14.41 -32.96 4.36
CA ARG A 358 -13.17 -33.07 5.12
C ARG A 358 -12.84 -34.56 5.35
N THR A 359 -13.87 -35.36 5.57
CA THR A 359 -13.69 -36.75 5.91
C THR A 359 -13.17 -37.55 4.70
N GLN A 360 -13.81 -37.33 3.56
CA GLN A 360 -13.38 -37.98 2.33
C GLN A 360 -11.92 -37.65 2.03
N TYR A 361 -11.54 -36.39 2.28
CA TYR A 361 -10.19 -35.95 2.06
C TYR A 361 -9.27 -36.76 2.97
N ASN A 362 -9.61 -36.80 4.26
CA ASN A 362 -8.78 -37.47 5.23
C ASN A 362 -8.68 -38.97 4.89
N LEU A 363 -9.78 -39.53 4.38
CA LEU A 363 -9.81 -40.93 3.99
C LEU A 363 -8.85 -41.16 2.84
N ARG A 364 -9.03 -40.39 1.77
CA ARG A 364 -8.16 -40.49 0.61
C ARG A 364 -6.70 -40.32 1.04
N LYS A 365 -6.45 -39.39 1.97
CA LYS A 365 -5.09 -39.04 2.34
C LYS A 365 -4.47 -40.16 3.16
N ALA A 366 -5.21 -40.70 4.12
CA ALA A 366 -4.74 -41.79 4.95
C ALA A 366 -4.50 -43.02 4.09
N LYS A 367 -5.44 -43.33 3.20
CA LYS A 367 -5.28 -44.45 2.29
C LYS A 367 -4.01 -44.29 1.47
N ASP A 368 -3.75 -43.08 0.98
CA ASP A 368 -2.53 -42.87 0.20
C ASP A 368 -1.31 -43.14 1.07
N ARG A 369 -1.36 -42.70 2.32
CA ARG A 369 -0.21 -42.82 3.18
C ARG A 369 0.09 -44.30 3.40
N ALA A 370 -0.93 -45.08 3.77
CA ALA A 370 -0.75 -46.50 4.04
C ALA A 370 -0.16 -47.19 2.81
N HIS A 371 -0.68 -46.87 1.63
CA HIS A 371 -0.14 -47.43 0.40
C HIS A 371 1.36 -47.15 0.29
N ILE A 372 1.81 -45.99 0.79
CA ILE A 372 3.24 -45.66 0.83
C ILE A 372 3.95 -46.57 1.84
N LEU A 373 3.38 -46.71 3.05
CA LEU A 373 4.01 -47.51 4.11
C LEU A 373 4.20 -48.97 3.69
N GLU A 374 3.24 -49.51 2.94
CA GLU A 374 3.37 -50.89 2.48
C GLU A 374 4.59 -51.02 1.57
N GLY A 375 4.70 -50.08 0.62
CA GLY A 375 5.90 -49.94 -0.20
C GLY A 375 7.16 -49.84 0.65
N LEU A 376 7.04 -49.28 1.86
CA LEU A 376 8.20 -49.08 2.71
C LEU A 376 8.56 -50.33 3.47
N ARG A 377 7.57 -51.03 4.02
CA ARG A 377 7.81 -52.33 4.64
C ARG A 377 8.65 -53.18 3.69
N ILE A 378 8.10 -53.43 2.50
CA ILE A 378 8.75 -54.28 1.51
C ILE A 378 10.18 -53.78 1.25
N ALA A 379 10.36 -52.46 1.24
CA ALA A 379 11.68 -51.87 1.04
C ALA A 379 12.59 -52.32 2.17
N LEU A 380 12.23 -51.98 3.41
CA LEU A 380 13.10 -52.27 4.52
C LEU A 380 13.36 -53.77 4.62
N ASP A 381 12.36 -54.58 4.24
CA ASP A 381 12.49 -56.02 4.38
C ASP A 381 13.52 -56.59 3.41
N HIS A 382 13.71 -55.94 2.27
CA HIS A 382 14.67 -56.43 1.28
C HIS A 382 15.69 -55.35 0.97
N ILE A 383 16.15 -54.64 2.00
CA ILE A 383 16.95 -53.44 1.79
C ILE A 383 18.22 -53.78 1.01
N ASP A 384 18.73 -55.00 1.17
CA ASP A 384 19.97 -55.40 0.55
C ASP A 384 19.80 -55.46 -0.97
N GLU A 385 18.68 -56.00 -1.44
CA GLU A 385 18.46 -56.14 -2.86
C GLU A 385 18.00 -54.81 -3.45
N ILE A 386 17.24 -54.04 -2.66
CA ILE A 386 16.78 -52.72 -3.09
C ILE A 386 17.99 -51.93 -3.55
N ILE A 387 19.00 -51.83 -2.69
CA ILE A 387 20.17 -51.02 -3.01
C ILE A 387 20.88 -51.59 -4.24
N SER A 388 21.03 -52.92 -4.31
CA SER A 388 21.77 -53.49 -5.43
C SER A 388 21.06 -53.09 -6.73
N THR A 389 19.72 -53.21 -6.72
CA THR A 389 18.91 -52.86 -7.87
C THR A 389 19.13 -51.39 -8.23
N ILE A 390 19.14 -50.52 -7.21
CA ILE A 390 19.36 -49.10 -7.43
C ILE A 390 20.77 -48.88 -7.95
N ARG A 391 21.76 -49.51 -7.31
CA ARG A 391 23.16 -49.32 -7.71
C ARG A 391 23.40 -49.81 -9.12
N GLU A 392 22.84 -50.98 -9.46
CA GLU A 392 23.16 -51.63 -10.73
C GLU A 392 22.62 -50.80 -11.89
N SER A 393 21.75 -49.81 -11.58
CA SER A 393 20.95 -49.10 -12.57
C SER A 393 21.62 -47.78 -12.95
N ASP A 394 21.41 -47.39 -14.22
CA ASP A 394 21.99 -46.18 -14.77
C ASP A 394 21.13 -44.96 -14.43
N THR A 395 19.81 -45.04 -14.67
CA THR A 395 18.93 -43.89 -14.52
C THR A 395 17.92 -44.16 -13.42
N ASP A 396 17.21 -43.09 -13.02
CA ASP A 396 16.10 -43.21 -12.09
C ASP A 396 15.02 -44.08 -12.73
N LYS A 397 14.73 -43.78 -14.01
CA LYS A 397 13.69 -44.48 -14.74
C LYS A 397 13.98 -45.98 -14.75
N VAL A 398 15.25 -46.34 -14.98
CA VAL A 398 15.63 -47.74 -15.00
C VAL A 398 15.46 -48.34 -13.59
N ALA A 399 15.83 -47.55 -12.57
CA ALA A 399 15.69 -48.01 -11.20
C ALA A 399 14.22 -48.31 -10.89
N MET A 400 13.37 -47.31 -11.13
CA MET A 400 11.93 -47.40 -10.87
C MET A 400 11.33 -48.65 -11.51
N GLU A 401 11.62 -48.85 -12.81
N GLU A 401 11.61 -48.85 -12.80
CA GLU A 401 11.04 -49.94 -13.57
CA GLU A 401 11.03 -49.94 -13.57
C GLU A 401 11.46 -51.29 -13.00
C GLU A 401 11.46 -51.29 -13.00
N SER A 402 12.71 -51.38 -12.56
CA SER A 402 13.24 -52.63 -11.99
C SER A 402 12.52 -52.91 -10.67
N LEU A 403 12.46 -51.88 -9.81
CA LEU A 403 11.84 -51.99 -8.50
C LEU A 403 10.43 -52.54 -8.62
N GLN A 404 9.63 -51.93 -9.50
CA GLN A 404 8.23 -52.27 -9.63
C GLN A 404 8.08 -53.74 -10.07
N GLN A 405 8.82 -54.13 -11.11
CA GLN A 405 8.73 -55.48 -11.63
C GLN A 405 9.19 -56.49 -10.58
N ARG A 406 10.31 -56.19 -9.92
CA ARG A 406 10.95 -57.16 -9.05
C ARG A 406 10.23 -57.32 -7.72
N PHE A 407 9.57 -56.26 -7.22
CA PHE A 407 9.05 -56.27 -5.87
C PHE A 407 7.54 -56.03 -5.80
N LYS A 408 6.87 -55.90 -6.96
CA LYS A 408 5.44 -55.67 -7.02
C LYS A 408 5.11 -54.35 -6.32
N LEU A 409 5.62 -53.24 -6.87
CA LEU A 409 5.38 -51.91 -6.35
C LEU A 409 4.76 -51.04 -7.43
N SER A 410 3.87 -50.13 -7.02
CA SER A 410 3.34 -49.12 -7.92
C SER A 410 4.37 -48.01 -8.09
N GLU A 411 4.23 -47.23 -9.17
CA GLU A 411 5.17 -46.18 -9.50
C GLU A 411 5.41 -45.26 -8.29
N LYS A 412 4.36 -44.94 -7.53
CA LYS A 412 4.47 -43.98 -6.45
C LYS A 412 5.10 -44.60 -5.19
N GLN A 413 5.09 -45.94 -5.09
CA GLN A 413 5.82 -46.61 -4.02
C GLN A 413 7.30 -46.70 -4.36
N ALA A 414 7.61 -46.85 -5.65
CA ALA A 414 9.00 -46.92 -6.11
C ALA A 414 9.68 -45.57 -5.97
N GLN A 415 8.93 -44.48 -6.22
CA GLN A 415 9.43 -43.12 -6.02
C GLN A 415 9.67 -42.89 -4.53
N ALA A 416 8.67 -43.22 -3.72
CA ALA A 416 8.76 -43.05 -2.27
C ALA A 416 10.04 -43.71 -1.74
N ILE A 417 10.47 -44.81 -2.37
CA ILE A 417 11.67 -45.51 -1.94
C ILE A 417 12.90 -44.76 -2.41
N LEU A 418 12.92 -44.34 -3.68
CA LEU A 418 14.08 -43.66 -4.21
C LEU A 418 14.35 -42.36 -3.49
N ASP A 419 13.31 -41.78 -2.89
CA ASP A 419 13.43 -40.52 -2.19
C ASP A 419 13.91 -40.73 -0.76
N MET A 420 13.80 -41.97 -0.26
CA MET A 420 14.06 -42.24 1.14
C MET A 420 15.52 -41.95 1.45
N ARG A 421 15.78 -41.43 2.65
CA ARG A 421 17.13 -41.09 3.07
C ARG A 421 17.75 -42.29 3.78
N LEU A 422 19.09 -42.38 3.73
CA LEU A 422 19.83 -43.45 4.41
C LEU A 422 19.45 -43.53 5.89
N ARG A 423 19.19 -42.39 6.53
CA ARG A 423 18.90 -42.38 7.97
C ARG A 423 17.58 -43.07 8.29
N ARG A 424 16.82 -43.48 7.27
CA ARG A 424 15.58 -44.21 7.51
C ARG A 424 15.85 -45.70 7.65
N LEU A 425 17.11 -46.11 7.45
CA LEU A 425 17.52 -47.50 7.57
C LEU A 425 17.91 -47.85 9.00
N THR A 426 17.74 -46.92 9.96
CA THR A 426 18.12 -47.16 11.34
C THR A 426 17.27 -48.27 11.94
N GLY A 427 17.60 -48.62 13.19
CA GLY A 427 17.20 -49.87 13.82
C GLY A 427 15.69 -49.96 14.01
N LEU A 428 15.13 -49.00 14.74
CA LEU A 428 13.73 -49.09 15.14
C LEU A 428 12.83 -48.27 14.22
N GLU A 429 13.23 -48.09 12.95
CA GLU A 429 12.38 -47.41 11.97
C GLU A 429 11.30 -48.36 11.48
N ARG A 430 11.67 -49.64 11.34
CA ARG A 430 10.75 -50.68 10.90
C ARG A 430 9.49 -50.70 11.77
N ASP A 431 9.63 -50.29 13.03
CA ASP A 431 8.54 -50.33 13.99
C ASP A 431 7.65 -49.10 13.85
N LYS A 432 8.28 -47.92 13.69
CA LYS A 432 7.51 -46.71 13.41
C LYS A 432 6.59 -46.93 12.20
N ILE A 433 7.15 -47.48 11.12
CA ILE A 433 6.35 -47.88 9.97
C ILE A 433 5.23 -48.79 10.46
N GLU A 434 5.59 -49.85 11.20
CA GLU A 434 4.64 -50.85 11.63
C GLU A 434 3.62 -50.24 12.61
N ALA A 435 4.07 -49.32 13.47
CA ALA A 435 3.18 -48.65 14.39
C ALA A 435 2.25 -47.70 13.63
N GLU A 436 2.82 -46.88 12.75
CA GLU A 436 2.06 -45.87 12.03
C GLU A 436 1.03 -46.53 11.13
N TYR A 437 1.42 -47.65 10.50
CA TYR A 437 0.55 -48.33 9.55
C TYR A 437 -0.74 -48.77 10.23
N ASN A 438 -0.60 -49.42 11.40
CA ASN A 438 -1.73 -50.00 12.10
C ASN A 438 -2.64 -48.88 12.61
N GLU A 439 -2.04 -47.84 13.17
CA GLU A 439 -2.79 -46.67 13.60
C GLU A 439 -3.56 -46.09 12.42
N LEU A 440 -2.93 -46.07 11.24
CA LEU A 440 -3.58 -45.55 10.04
C LEU A 440 -4.84 -46.36 9.70
N LEU A 441 -4.68 -47.68 9.60
CA LEU A 441 -5.80 -48.57 9.32
C LEU A 441 -6.93 -48.34 10.32
N ASN A 442 -6.55 -48.11 11.57
CA ASN A 442 -7.53 -47.78 12.59
C ASN A 442 -8.30 -46.52 12.17
N TYR A 443 -7.53 -45.47 11.84
CA TYR A 443 -8.09 -44.20 11.46
C TYR A 443 -9.00 -44.37 10.25
N ILE A 444 -8.52 -45.14 9.27
CA ILE A 444 -9.27 -45.36 8.04
C ILE A 444 -10.66 -45.91 8.39
N SER A 445 -10.71 -46.93 9.24
CA SER A 445 -11.98 -47.52 9.65
C SER A 445 -12.91 -46.45 10.24
N GLU A 446 -12.37 -45.61 11.11
CA GLU A 446 -13.18 -44.56 11.72
C GLU A 446 -13.79 -43.65 10.65
N LEU A 447 -12.98 -43.26 9.65
CA LEU A 447 -13.44 -42.33 8.65
C LEU A 447 -14.55 -42.95 7.80
N GLU A 448 -14.33 -44.20 7.34
CA GLU A 448 -15.28 -44.89 6.47
C GLU A 448 -16.62 -45.06 7.17
N THR A 449 -16.58 -45.18 8.50
CA THR A 449 -17.79 -45.36 9.29
C THR A 449 -18.59 -44.06 9.33
N ILE A 450 -17.91 -42.94 9.55
CA ILE A 450 -18.56 -41.65 9.53
C ILE A 450 -19.29 -41.47 8.19
N LEU A 451 -18.68 -41.89 7.08
CA LEU A 451 -19.29 -41.74 5.77
C LEU A 451 -20.38 -42.81 5.56
N ALA A 452 -20.28 -43.92 6.27
CA ALA A 452 -21.27 -45.00 6.15
C ALA A 452 -22.65 -44.50 6.60
N ASP A 453 -22.66 -43.72 7.67
CA ASP A 453 -23.90 -43.28 8.27
C ASP A 453 -24.06 -41.77 8.14
N GLU A 454 -25.32 -41.33 8.00
CA GLU A 454 -25.67 -39.92 7.93
C GLU A 454 -25.80 -39.38 9.35
N GLU A 455 -26.41 -40.18 10.24
CA GLU A 455 -26.66 -39.77 11.61
C GLU A 455 -25.34 -39.53 12.33
N VAL A 456 -24.28 -40.26 11.96
CA VAL A 456 -23.00 -40.08 12.62
C VAL A 456 -22.37 -38.78 12.14
N LEU A 457 -22.50 -38.48 10.83
CA LEU A 457 -22.00 -37.23 10.29
C LEU A 457 -22.68 -36.04 10.99
N LEU A 458 -24.01 -36.07 11.05
CA LEU A 458 -24.76 -35.03 11.73
C LEU A 458 -24.37 -34.94 13.20
N GLN A 459 -24.12 -36.07 13.84
CA GLN A 459 -23.71 -36.03 15.24
C GLN A 459 -22.32 -35.39 15.36
N LEU A 460 -21.47 -35.60 14.35
CA LEU A 460 -20.14 -34.99 14.35
C LEU A 460 -20.25 -33.47 14.24
N VAL A 461 -21.21 -32.99 13.44
CA VAL A 461 -21.39 -31.56 13.29
C VAL A 461 -21.87 -30.96 14.61
N ARG A 462 -22.84 -31.62 15.26
CA ARG A 462 -23.35 -31.12 16.53
C ARG A 462 -22.22 -30.99 17.53
N ASP A 463 -21.31 -31.97 17.57
CA ASP A 463 -20.28 -31.99 18.61
C ASP A 463 -19.26 -30.88 18.35
N GLU A 464 -18.91 -30.67 17.08
CA GLU A 464 -17.93 -29.65 16.72
C GLU A 464 -18.54 -28.26 16.88
N LEU A 465 -19.88 -28.16 16.82
CA LEU A 465 -20.55 -26.89 17.06
C LEU A 465 -20.59 -26.59 18.56
N THR A 466 -20.85 -27.62 19.36
CA THR A 466 -20.94 -27.48 20.82
C THR A 466 -19.61 -27.00 21.39
N GLU A 467 -18.50 -27.56 20.92
CA GLU A 467 -17.17 -27.13 21.32
C GLU A 467 -17.06 -25.61 21.10
N ILE A 468 -17.38 -25.17 19.88
CA ILE A 468 -17.22 -23.76 19.53
C ILE A 468 -18.10 -22.92 20.44
N ARG A 469 -19.32 -23.40 20.69
CA ARG A 469 -20.26 -22.65 21.50
C ARG A 469 -19.73 -22.53 22.93
N ASP A 470 -19.00 -23.53 23.41
CA ASP A 470 -18.49 -23.51 24.78
C ASP A 470 -17.20 -22.69 24.88
N ARG A 471 -16.40 -22.69 23.82
CA ARG A 471 -15.15 -21.96 23.82
C ARG A 471 -15.37 -20.48 23.50
N PHE A 472 -16.35 -20.17 22.62
CA PHE A 472 -16.53 -18.82 22.07
C PHE A 472 -17.83 -18.15 22.53
N GLY A 473 -18.80 -18.94 23.00
CA GLY A 473 -20.07 -18.40 23.48
C GLY A 473 -19.90 -17.41 24.62
N ASP A 474 -20.83 -16.46 24.71
CA ASP A 474 -20.72 -15.39 25.69
C ASP A 474 -22.13 -14.90 26.02
N ASP A 475 -22.20 -14.10 27.07
CA ASP A 475 -23.48 -13.67 27.59
C ASP A 475 -24.11 -12.67 26.62
N ARG A 476 -25.44 -12.64 26.60
CA ARG A 476 -26.17 -11.63 25.86
C ARG A 476 -25.95 -10.25 26.48
N ARG A 477 -25.90 -9.23 25.61
CA ARG A 477 -25.65 -7.85 26.01
C ARG A 477 -26.93 -7.01 25.92
N THR A 478 -27.67 -7.16 24.82
CA THR A 478 -28.86 -6.37 24.60
C THR A 478 -30.01 -6.92 25.42
N GLU A 479 -30.65 -6.05 26.20
CA GLU A 479 -31.82 -6.45 26.96
C GLU A 479 -33.05 -6.25 26.07
N ILE A 480 -33.84 -7.31 25.93
CA ILE A 480 -35.10 -7.24 25.24
C ILE A 480 -36.20 -7.02 26.27
N GLN A 481 -36.64 -5.76 26.39
CA GLN A 481 -37.55 -5.38 27.46
C GLN A 481 -38.99 -5.50 26.95
N LEU A 482 -39.78 -6.31 27.67
CA LEU A 482 -41.13 -6.61 27.23
C LEU A 482 -42.05 -5.46 27.64
N GLY A 483 -42.30 -4.55 26.68
CA GLY A 483 -43.23 -3.45 26.85
C GLY A 483 -43.66 -2.88 25.50
N LYS B 1 -9.87 20.87 -15.93
CA LYS B 1 -8.81 19.86 -16.18
C LYS B 1 -8.71 19.50 -17.66
N LEU B 2 -9.43 20.25 -18.52
CA LEU B 2 -9.47 20.00 -19.96
C LEU B 2 -8.09 20.22 -20.58
N ALA B 3 -7.80 19.44 -21.63
CA ALA B 3 -6.60 19.65 -22.43
C ALA B 3 -6.97 19.56 -23.90
N ASP B 4 -7.01 20.71 -24.57
CA ASP B 4 -7.67 20.83 -25.86
C ASP B 4 -6.65 20.52 -26.95
N CYS B 5 -7.10 20.61 -28.20
CA CYS B 5 -6.26 20.33 -29.36
C CYS B 5 -5.95 21.64 -30.09
N SER B 6 -5.15 21.53 -31.16
CA SER B 6 -4.74 22.68 -31.97
C SER B 6 -5.85 23.09 -32.92
N SER B 7 -6.37 22.14 -33.69
CA SER B 7 -7.29 22.43 -34.78
C SER B 7 -8.56 23.10 -34.27
N LYS B 8 -9.01 24.14 -34.99
CA LYS B 8 -10.28 24.79 -34.72
C LYS B 8 -11.36 24.25 -35.66
N SER B 9 -11.12 23.07 -36.24
CA SER B 9 -11.98 22.49 -37.26
C SER B 9 -12.82 21.38 -36.62
N PRO B 10 -14.05 21.67 -36.13
CA PRO B 10 -14.80 20.70 -35.33
C PRO B 10 -14.99 19.33 -35.98
N GLU B 11 -15.12 19.32 -37.32
CA GLU B 11 -15.35 18.09 -38.05
C GLU B 11 -14.24 17.09 -37.76
N GLU B 12 -12.99 17.57 -37.77
CA GLU B 12 -11.83 16.72 -37.57
C GLU B 12 -11.49 16.59 -36.08
N CYS B 13 -12.06 17.45 -35.24
CA CYS B 13 -11.73 17.40 -33.82
C CYS B 13 -12.54 16.33 -33.11
N GLU B 14 -11.91 15.75 -32.07
CA GLU B 14 -12.48 14.66 -31.30
C GLU B 14 -12.17 14.93 -29.83
N ILE B 15 -13.14 14.69 -28.94
CA ILE B 15 -12.90 14.84 -27.53
C ILE B 15 -13.11 13.48 -26.86
N PHE B 16 -12.15 13.09 -26.00
CA PHE B 16 -12.22 11.84 -25.27
C PHE B 16 -12.57 12.12 -23.82
N LEU B 17 -13.65 11.49 -23.33
CA LEU B 17 -14.06 11.60 -21.94
C LEU B 17 -13.61 10.34 -21.22
N VAL B 18 -12.61 10.45 -20.33
CA VAL B 18 -11.95 9.27 -19.82
C VAL B 18 -12.25 9.09 -18.34
N GLU B 19 -12.09 7.85 -17.87
CA GLU B 19 -12.29 7.49 -16.47
C GLU B 19 -10.97 7.70 -15.71
N GLY B 20 -11.00 8.57 -14.69
CA GLY B 20 -9.92 8.68 -13.73
C GLY B 20 -8.83 9.66 -14.19
N ASP B 21 -8.36 10.48 -13.22
CA ASP B 21 -7.18 11.31 -13.38
C ASP B 21 -5.98 10.47 -13.80
N SER B 22 -5.98 9.20 -13.39
CA SER B 22 -4.88 8.27 -13.59
C SER B 22 -4.65 8.02 -15.08
N ALA B 23 -5.74 7.74 -15.80
CA ALA B 23 -5.69 7.44 -17.22
C ALA B 23 -5.68 8.74 -18.02
N GLY B 24 -6.29 9.80 -17.50
CA GLY B 24 -6.21 11.10 -18.17
C GLY B 24 -4.77 11.49 -18.50
N GLY B 25 -3.85 11.22 -17.57
CA GLY B 25 -2.44 11.52 -17.81
C GLY B 25 -1.93 10.78 -19.03
N SER B 26 -2.23 9.48 -19.09
CA SER B 26 -1.68 8.60 -20.11
C SER B 26 -2.17 9.03 -21.50
N THR B 27 -3.49 9.20 -21.64
CA THR B 27 -4.11 9.56 -22.89
C THR B 27 -3.62 10.95 -23.29
N LYS B 28 -3.39 11.82 -22.31
CA LYS B 28 -2.89 13.16 -22.59
C LYS B 28 -1.55 13.09 -23.31
N SER B 29 -0.78 12.01 -23.09
CA SER B 29 0.59 11.93 -23.60
C SER B 29 0.68 11.16 -24.92
N GLY B 30 -0.27 10.26 -25.20
CA GLY B 30 -0.17 9.35 -26.33
C GLY B 30 -1.04 9.77 -27.53
N ARG B 31 -1.84 10.82 -27.37
CA ARG B 31 -2.79 11.25 -28.38
C ARG B 31 -2.09 12.05 -29.47
N ASP B 32 -2.84 12.33 -30.55
CA ASP B 32 -2.49 13.36 -31.50
C ASP B 32 -3.03 14.69 -30.97
N SER B 33 -2.14 15.49 -30.38
CA SER B 33 -2.52 16.72 -29.69
C SER B 33 -3.11 17.77 -30.63
N ARG B 34 -3.08 17.51 -31.95
CA ARG B 34 -3.53 18.50 -32.91
C ARG B 34 -5.04 18.48 -33.03
N THR B 35 -5.65 17.28 -33.04
CA THR B 35 -7.08 17.16 -33.28
C THR B 35 -7.78 16.34 -32.19
N GLN B 36 -7.13 16.10 -31.04
CA GLN B 36 -7.70 15.22 -30.03
C GLN B 36 -7.59 15.89 -28.67
N ALA B 37 -8.75 16.19 -28.05
CA ALA B 37 -8.80 16.77 -26.72
C ALA B 37 -9.14 15.71 -25.67
N ILE B 38 -8.94 16.05 -24.40
CA ILE B 38 -9.12 15.08 -23.33
C ILE B 38 -9.65 15.80 -22.10
N LEU B 39 -10.60 15.13 -21.43
CA LEU B 39 -11.17 15.65 -20.20
C LEU B 39 -11.41 14.50 -19.23
N PRO B 40 -10.61 14.40 -18.15
CA PRO B 40 -10.71 13.28 -17.23
C PRO B 40 -11.80 13.44 -16.18
N LEU B 41 -12.43 12.33 -15.82
CA LEU B 41 -13.51 12.34 -14.85
C LEU B 41 -13.08 11.63 -13.57
N ARG B 42 -13.36 12.25 -12.42
CA ARG B 42 -13.06 11.67 -11.13
C ARG B 42 -14.18 10.70 -10.74
N GLY B 43 -14.05 9.45 -11.19
CA GLY B 43 -14.93 8.35 -10.79
C GLY B 43 -16.37 8.52 -11.30
N LYS B 44 -17.32 8.26 -10.39
CA LYS B 44 -18.73 8.27 -10.71
C LYS B 44 -19.22 9.71 -10.84
N ILE B 45 -20.03 9.96 -11.87
CA ILE B 45 -20.56 11.26 -12.22
C ILE B 45 -21.98 11.32 -11.67
N LEU B 46 -22.61 12.50 -11.75
CA LEU B 46 -23.96 12.62 -11.23
C LEU B 46 -24.92 11.92 -12.19
N ASN B 47 -26.00 11.39 -11.62
CA ASN B 47 -27.05 10.68 -12.34
C ASN B 47 -28.24 11.63 -12.49
N VAL B 48 -28.36 12.26 -13.66
CA VAL B 48 -29.27 13.38 -13.86
C VAL B 48 -30.72 12.93 -13.92
N GLU B 49 -30.96 11.62 -13.97
CA GLU B 49 -32.31 11.09 -13.92
C GLU B 49 -32.92 11.24 -12.52
N LYS B 50 -32.07 11.36 -11.49
CA LYS B 50 -32.56 11.47 -10.12
C LYS B 50 -32.41 12.89 -9.61
N ALA B 51 -31.39 13.60 -10.09
CA ALA B 51 -31.04 14.91 -9.58
C ALA B 51 -31.91 16.00 -10.22
N ARG B 52 -32.17 17.05 -9.44
CA ARG B 52 -32.85 18.22 -9.94
C ARG B 52 -31.83 19.21 -10.48
N LEU B 53 -32.36 20.25 -11.15
CA LEU B 53 -31.59 21.03 -12.09
C LEU B 53 -30.51 21.83 -11.37
N ASP B 54 -30.84 22.39 -10.20
CA ASP B 54 -29.88 23.20 -9.46
C ASP B 54 -28.61 22.39 -9.25
N ARG B 55 -28.79 21.13 -8.84
CA ARG B 55 -27.66 20.31 -8.44
C ARG B 55 -26.89 19.90 -9.69
N ILE B 56 -27.61 19.66 -10.79
CA ILE B 56 -26.95 19.31 -12.04
C ILE B 56 -26.06 20.47 -12.47
N LEU B 57 -26.51 21.72 -12.25
CA LEU B 57 -25.84 22.88 -12.80
C LEU B 57 -24.66 23.34 -11.92
N ASN B 58 -24.69 23.04 -10.62
CA ASN B 58 -23.56 23.35 -9.74
C ASN B 58 -22.47 22.28 -9.80
N ASN B 59 -22.78 21.12 -10.39
CA ASN B 59 -21.84 20.01 -10.47
C ASN B 59 -20.74 20.34 -11.47
N ASN B 60 -19.48 20.22 -11.04
CA ASN B 60 -18.36 20.69 -11.83
C ASN B 60 -18.14 19.80 -13.05
N GLU B 61 -18.30 18.49 -12.87
CA GLU B 61 -18.17 17.52 -13.95
C GLU B 61 -19.05 17.93 -15.13
N ILE B 62 -20.35 18.14 -14.84
CA ILE B 62 -21.33 18.58 -15.82
C ILE B 62 -20.85 19.87 -16.45
N ARG B 63 -20.48 20.84 -15.60
CA ARG B 63 -20.10 22.15 -16.09
C ARG B 63 -18.98 22.02 -17.10
N GLN B 64 -17.92 21.30 -16.72
CA GLN B 64 -16.75 21.21 -17.57
C GLN B 64 -17.11 20.56 -18.91
N MET B 65 -18.15 19.72 -18.93
CA MET B 65 -18.51 19.02 -20.16
C MET B 65 -19.35 19.91 -21.08
N ILE B 66 -20.23 20.72 -20.49
CA ILE B 66 -21.04 21.67 -21.26
C ILE B 66 -20.14 22.72 -21.91
N THR B 67 -19.25 23.35 -21.11
CA THR B 67 -18.34 24.35 -21.59
C THR B 67 -17.51 23.80 -22.75
N ALA B 68 -16.88 22.64 -22.55
CA ALA B 68 -15.98 22.09 -23.55
C ALA B 68 -16.75 21.75 -24.84
N PHE B 69 -18.04 21.45 -24.74
CA PHE B 69 -18.81 21.11 -25.92
C PHE B 69 -19.27 22.38 -26.64
N GLY B 70 -19.68 23.38 -25.87
CA GLY B 70 -20.01 24.69 -26.39
C GLY B 70 -21.30 24.72 -27.22
N THR B 71 -22.25 23.84 -26.88
CA THR B 71 -23.52 23.82 -27.59
C THR B 71 -24.66 24.33 -26.70
N GLY B 72 -24.42 24.55 -25.40
CA GLY B 72 -25.51 24.83 -24.48
C GLY B 72 -26.40 23.60 -24.29
N ILE B 73 -27.46 23.77 -23.50
CA ILE B 73 -28.25 22.65 -23.01
C ILE B 73 -29.74 22.97 -23.12
N GLY B 74 -30.54 21.93 -23.35
CA GLY B 74 -31.99 22.07 -23.47
C GLY B 74 -32.39 22.80 -24.73
N GLY B 75 -33.28 23.79 -24.58
CA GLY B 75 -33.71 24.63 -25.69
C GLY B 75 -32.55 25.39 -26.32
N ASP B 76 -31.57 25.81 -25.50
CA ASP B 76 -30.46 26.59 -25.99
C ASP B 76 -29.42 25.75 -26.73
N PHE B 77 -29.70 24.45 -26.90
CA PHE B 77 -28.79 23.56 -27.61
C PHE B 77 -28.72 24.00 -29.07
N ASP B 78 -27.50 24.28 -29.54
CA ASP B 78 -27.27 24.65 -30.93
C ASP B 78 -26.17 23.74 -31.47
N LEU B 79 -26.55 22.80 -32.34
CA LEU B 79 -25.61 21.85 -32.90
C LEU B 79 -24.53 22.54 -33.75
N ALA B 80 -24.85 23.72 -34.32
CA ALA B 80 -23.89 24.42 -35.17
C ALA B 80 -22.62 24.74 -34.37
N LYS B 81 -22.79 24.97 -33.07
CA LYS B 81 -21.68 25.38 -32.22
C LYS B 81 -20.97 24.17 -31.63
N ALA B 82 -21.17 22.98 -32.23
CA ALA B 82 -20.41 21.80 -31.83
C ALA B 82 -18.92 22.06 -32.05
N ARG B 83 -18.12 21.85 -31.00
CA ARG B 83 -16.68 22.03 -31.09
C ARG B 83 -15.96 20.74 -31.50
N TYR B 84 -16.59 19.59 -31.27
CA TYR B 84 -16.09 18.32 -31.77
C TYR B 84 -17.24 17.57 -32.41
N HIS B 85 -17.02 16.98 -33.58
CA HIS B 85 -18.03 16.15 -34.22
C HIS B 85 -17.79 14.70 -33.84
N LYS B 86 -16.86 14.49 -32.91
CA LYS B 86 -16.68 13.18 -32.29
C LYS B 86 -16.47 13.38 -30.79
N ILE B 87 -17.50 13.03 -30.00
CA ILE B 87 -17.37 12.93 -28.57
C ILE B 87 -17.28 11.45 -28.21
N VAL B 88 -16.15 11.03 -27.62
CA VAL B 88 -15.83 9.63 -27.46
C VAL B 88 -15.71 9.27 -25.99
N ILE B 89 -16.44 8.24 -25.58
CA ILE B 89 -16.48 7.82 -24.19
C ILE B 89 -15.56 6.62 -23.99
N MET B 90 -14.71 6.70 -22.96
CA MET B 90 -13.61 5.77 -22.79
C MET B 90 -13.54 5.36 -21.31
N THR B 91 -13.96 4.14 -20.97
CA THR B 91 -13.97 3.71 -19.58
C THR B 91 -13.14 2.44 -19.46
N ASP B 92 -13.14 1.82 -18.26
CA ASP B 92 -12.15 0.82 -17.88
C ASP B 92 -12.40 -0.51 -18.59
N ALA B 93 -13.65 -0.77 -19.00
CA ALA B 93 -14.04 -2.07 -19.52
C ALA B 93 -14.21 -3.10 -18.39
N ASP B 94 -14.67 -2.60 -17.24
CA ASP B 94 -15.16 -3.44 -16.17
C ASP B 94 -16.57 -2.97 -15.83
N VAL B 95 -17.12 -3.47 -14.72
CA VAL B 95 -18.52 -3.23 -14.40
C VAL B 95 -18.73 -1.77 -13.98
N ASP B 96 -17.69 -1.17 -13.38
CA ASP B 96 -17.72 0.24 -13.01
C ASP B 96 -17.57 1.11 -14.25
N GLY B 97 -16.70 0.69 -15.16
CA GLY B 97 -16.61 1.34 -16.46
C GLY B 97 -17.97 1.39 -17.16
N ALA B 98 -18.71 0.28 -17.09
CA ALA B 98 -20.06 0.21 -17.64
C ALA B 98 -20.95 1.27 -16.99
N HIS B 99 -20.99 1.25 -15.67
CA HIS B 99 -21.87 2.15 -14.91
C HIS B 99 -21.62 3.60 -15.30
N ILE B 100 -20.34 4.00 -15.40
CA ILE B 100 -19.98 5.36 -15.74
C ILE B 100 -20.49 5.67 -17.15
N ARG B 101 -20.45 4.69 -18.04
CA ARG B 101 -20.96 4.87 -19.39
C ARG B 101 -22.46 5.16 -19.37
N THR B 102 -23.21 4.48 -18.49
CA THR B 102 -24.64 4.66 -18.46
C THR B 102 -24.96 6.07 -18.00
N LEU B 103 -24.21 6.58 -17.00
CA LEU B 103 -24.40 7.92 -16.47
C LEU B 103 -24.17 8.97 -17.56
N LEU B 104 -23.04 8.88 -18.27
CA LEU B 104 -22.75 9.81 -19.35
C LEU B 104 -23.83 9.77 -20.43
N LEU B 105 -24.26 8.58 -20.87
CA LEU B 105 -25.30 8.48 -21.87
C LEU B 105 -26.60 9.09 -21.36
N THR B 106 -26.88 8.96 -20.06
CA THR B 106 -28.11 9.52 -19.51
C THR B 106 -28.05 11.04 -19.64
N PHE B 107 -26.87 11.62 -19.38
CA PHE B 107 -26.70 13.05 -19.42
C PHE B 107 -26.94 13.57 -20.84
N PHE B 108 -26.32 12.90 -21.82
CA PHE B 108 -26.44 13.28 -23.22
C PHE B 108 -27.89 13.18 -23.69
N TYR B 109 -28.58 12.08 -23.38
CA TYR B 109 -29.94 11.89 -23.87
C TYR B 109 -30.87 12.97 -23.30
N ARG B 110 -30.73 13.28 -22.02
CA ARG B 110 -31.64 14.21 -21.38
C ARG B 110 -31.26 15.66 -21.65
N PHE B 111 -30.00 15.95 -22.01
CA PHE B 111 -29.54 17.34 -22.11
C PHE B 111 -28.88 17.67 -23.45
N MET B 112 -28.56 16.68 -24.28
CA MET B 112 -27.91 16.93 -25.56
C MET B 112 -28.31 15.86 -26.57
N ARG B 113 -29.61 15.55 -26.61
CA ARG B 113 -30.13 14.48 -27.44
C ARG B 113 -29.74 14.67 -28.91
N PRO B 114 -29.70 15.90 -29.47
CA PRO B 114 -29.30 16.05 -30.87
C PRO B 114 -27.89 15.57 -31.21
N LEU B 115 -26.99 15.63 -30.22
CA LEU B 115 -25.65 15.11 -30.42
C LEU B 115 -25.72 13.65 -30.82
N ILE B 116 -26.54 12.89 -30.08
CA ILE B 116 -26.73 11.49 -30.37
C ILE B 116 -27.33 11.35 -31.77
N GLU B 117 -28.47 12.00 -31.99
CA GLU B 117 -29.17 11.96 -33.27
C GLU B 117 -28.21 12.35 -34.39
N ALA B 118 -27.29 13.31 -34.12
CA ALA B 118 -26.31 13.74 -35.11
C ALA B 118 -25.16 12.76 -35.21
N GLY B 119 -25.15 11.72 -34.37
CA GLY B 119 -24.14 10.68 -34.49
C GLY B 119 -22.77 11.12 -33.97
N TYR B 120 -22.67 12.32 -33.39
CA TYR B 120 -21.40 12.82 -32.89
C TYR B 120 -20.85 12.00 -31.73
N VAL B 121 -21.68 11.15 -31.10
CA VAL B 121 -21.28 10.44 -29.88
C VAL B 121 -20.80 9.04 -30.24
N TYR B 122 -19.59 8.68 -29.76
CA TYR B 122 -18.99 7.38 -30.03
C TYR B 122 -18.64 6.72 -28.70
N ILE B 123 -18.41 5.40 -28.75
CA ILE B 123 -17.91 4.65 -27.60
C ILE B 123 -16.59 3.96 -27.97
N ALA B 124 -15.56 4.16 -27.15
CA ALA B 124 -14.26 3.58 -27.42
C ALA B 124 -14.27 2.08 -27.12
N GLN B 125 -13.40 1.35 -27.83
CA GLN B 125 -13.22 -0.07 -27.60
C GLN B 125 -11.77 -0.34 -27.20
N PRO B 126 -11.40 -0.11 -25.92
CA PRO B 126 -10.06 -0.42 -25.44
C PRO B 126 -9.88 -1.94 -25.39
N PRO B 127 -8.64 -2.45 -25.24
CA PRO B 127 -8.43 -3.89 -25.12
C PRO B 127 -9.06 -4.41 -23.84
N THR B 128 -9.96 -5.39 -23.98
CA THR B 128 -10.58 -6.06 -22.84
C THR B 128 -9.52 -6.85 -22.09
N GLY B 129 -9.79 -7.11 -20.81
CA GLY B 129 -8.90 -7.91 -19.99
C GLY B 129 -8.97 -7.51 -18.51
N TYR B 130 -8.07 -8.10 -17.74
CA TYR B 130 -7.96 -7.86 -16.30
C TYR B 130 -7.43 -6.46 -16.04
N LYS B 131 -6.66 -5.88 -16.98
CA LYS B 131 -6.07 -4.57 -16.78
C LYS B 131 -7.04 -3.47 -17.17
N GLY B 132 -6.97 -2.35 -16.43
CA GLY B 132 -7.77 -1.18 -16.69
C GLY B 132 -6.90 -0.03 -17.21
N LEU B 133 -7.52 1.15 -17.42
CA LEU B 133 -6.92 2.22 -18.21
C LEU B 133 -5.72 2.81 -17.47
N GLY B 134 -5.82 2.93 -16.14
CA GLY B 134 -4.76 3.51 -15.33
C GLY B 134 -3.46 2.69 -15.38
N GLU B 135 -3.56 1.42 -15.79
CA GLU B 135 -2.41 0.52 -15.82
C GLU B 135 -1.89 0.32 -17.24
N MET B 136 -1.93 1.37 -18.06
CA MET B 136 -1.46 1.26 -19.43
C MET B 136 -0.55 2.43 -19.79
N ASN B 137 0.48 2.13 -20.58
CA ASN B 137 1.42 3.11 -21.07
C ASN B 137 0.70 3.96 -22.11
N ALA B 138 1.33 5.06 -22.51
CA ALA B 138 0.74 6.00 -23.46
C ALA B 138 0.74 5.44 -24.87
N ASP B 139 1.71 4.58 -25.23
CA ASP B 139 1.82 4.05 -26.57
C ASP B 139 0.72 3.02 -26.82
N GLN B 140 0.44 2.18 -25.82
CA GLN B 140 -0.57 1.13 -25.93
C GLN B 140 -1.99 1.68 -25.82
N LEU B 141 -2.16 2.98 -25.60
CA LEU B 141 -3.48 3.60 -25.65
C LEU B 141 -3.71 4.24 -27.02
N TRP B 142 -2.68 4.90 -27.55
CA TRP B 142 -2.71 5.38 -28.92
C TRP B 142 -3.05 4.23 -29.86
N GLU B 143 -2.24 3.18 -29.81
CA GLU B 143 -2.25 2.16 -30.85
C GLU B 143 -3.52 1.34 -30.87
N THR B 144 -4.34 1.42 -29.80
CA THR B 144 -5.49 0.52 -29.67
C THR B 144 -6.82 1.26 -29.69
N THR B 145 -6.83 2.53 -29.25
CA THR B 145 -8.10 3.21 -29.04
C THR B 145 -8.12 4.64 -29.56
N MET B 146 -6.97 5.32 -29.71
CA MET B 146 -6.97 6.70 -30.15
C MET B 146 -6.40 6.87 -31.56
N ASN B 147 -5.64 5.88 -32.04
CA ASN B 147 -5.09 5.95 -33.38
C ASN B 147 -6.24 5.69 -34.35
N PRO B 148 -6.65 6.67 -35.19
CA PRO B 148 -7.81 6.47 -36.07
C PRO B 148 -7.69 5.24 -36.96
N GLU B 149 -6.48 4.93 -37.41
CA GLU B 149 -6.26 3.87 -38.39
C GLU B 149 -6.20 2.51 -37.72
N HIS B 150 -6.22 2.46 -36.39
CA HIS B 150 -6.14 1.17 -35.71
C HIS B 150 -7.34 0.93 -34.81
N ARG B 151 -7.88 1.99 -34.20
CA ARG B 151 -8.95 1.88 -33.21
C ARG B 151 -10.23 1.38 -33.87
N ALA B 152 -11.19 0.97 -33.05
CA ALA B 152 -12.55 0.67 -33.50
C ALA B 152 -13.55 1.37 -32.58
N LEU B 153 -14.23 2.40 -33.12
CA LEU B 153 -15.16 3.22 -32.34
C LEU B 153 -16.60 2.89 -32.73
N LEU B 154 -17.43 2.64 -31.70
CA LEU B 154 -18.84 2.35 -31.88
C LEU B 154 -19.64 3.63 -31.80
N GLN B 155 -20.37 3.96 -32.89
CA GLN B 155 -21.18 5.17 -32.89
C GLN B 155 -22.48 4.84 -32.19
N VAL B 156 -23.07 5.86 -31.54
CA VAL B 156 -24.25 5.64 -30.73
C VAL B 156 -25.47 6.00 -31.55
N LYS B 157 -26.27 4.97 -31.87
CA LYS B 157 -27.48 5.15 -32.67
C LYS B 157 -28.68 5.29 -31.76
N LEU B 158 -29.38 6.41 -31.91
CA LEU B 158 -30.70 6.55 -31.33
C LEU B 158 -31.74 6.31 -32.42
N GLU B 159 -32.70 5.40 -32.16
CA GLU B 159 -33.77 5.10 -33.09
C GLU B 159 -35.13 5.42 -32.44
N ASP B 160 -35.74 4.44 -31.78
CA ASP B 160 -37.08 4.62 -31.22
C ASP B 160 -36.98 5.56 -30.01
N ALA B 161 -37.45 6.79 -30.19
CA ALA B 161 -37.36 7.83 -29.17
C ALA B 161 -38.09 7.40 -27.89
N ILE B 162 -39.34 6.97 -28.02
CA ILE B 162 -40.16 6.65 -26.86
C ILE B 162 -39.60 5.44 -26.12
N GLU B 163 -39.01 4.50 -26.86
CA GLU B 163 -38.42 3.35 -26.23
C GLU B 163 -37.20 3.78 -25.40
N ALA B 164 -36.41 4.72 -25.94
CA ALA B 164 -35.25 5.23 -25.22
C ALA B 164 -35.70 5.97 -23.95
N ASP B 165 -36.75 6.79 -24.06
CA ASP B 165 -37.27 7.50 -22.90
C ASP B 165 -37.58 6.53 -21.77
N GLN B 166 -38.42 5.53 -22.06
CA GLN B 166 -38.90 4.61 -21.02
C GLN B 166 -37.74 3.77 -20.48
N THR B 167 -36.75 3.47 -21.33
CA THR B 167 -35.59 2.71 -20.90
C THR B 167 -34.78 3.52 -19.89
N PHE B 168 -34.45 4.77 -20.22
CA PHE B 168 -33.69 5.63 -19.32
C PHE B 168 -34.44 5.80 -18.01
N GLU B 169 -35.76 6.05 -18.08
CA GLU B 169 -36.58 6.23 -16.89
C GLU B 169 -36.48 4.97 -16.02
N MET B 170 -36.58 3.79 -16.66
CA MET B 170 -36.68 2.57 -15.89
C MET B 170 -35.34 2.26 -15.26
N LEU B 171 -34.25 2.39 -16.02
CA LEU B 171 -32.95 1.95 -15.55
C LEU B 171 -32.30 2.95 -14.58
N MET B 172 -32.64 4.24 -14.69
CA MET B 172 -31.88 5.27 -14.00
C MET B 172 -32.75 6.14 -13.08
N GLY B 173 -34.07 6.06 -13.20
CA GLY B 173 -34.95 6.94 -12.44
C GLY B 173 -34.95 6.58 -10.96
N ASP B 174 -35.86 7.19 -10.18
CA ASP B 174 -35.86 7.02 -8.73
C ASP B 174 -36.68 5.82 -8.28
N VAL B 175 -37.61 5.36 -9.12
CA VAL B 175 -38.42 4.20 -8.78
C VAL B 175 -37.54 2.96 -8.86
N VAL B 176 -37.34 2.28 -7.72
CA VAL B 176 -36.43 1.15 -7.64
C VAL B 176 -37.11 -0.11 -8.16
N GLU B 177 -38.40 -0.28 -7.86
CA GLU B 177 -39.11 -1.52 -8.11
C GLU B 177 -39.03 -1.95 -9.57
N ASN B 178 -39.14 -1.00 -10.50
CA ASN B 178 -39.07 -1.32 -11.91
C ASN B 178 -37.67 -1.79 -12.27
N ARG B 179 -36.66 -1.14 -11.68
CA ARG B 179 -35.27 -1.55 -11.80
C ARG B 179 -35.14 -2.99 -11.33
N ARG B 180 -35.66 -3.28 -10.13
CA ARG B 180 -35.49 -4.60 -9.53
C ARG B 180 -36.10 -5.67 -10.44
N GLN B 181 -37.34 -5.43 -10.89
CA GLN B 181 -38.03 -6.40 -11.74
C GLN B 181 -37.24 -6.59 -13.03
N PHE B 182 -36.68 -5.52 -13.60
CA PHE B 182 -35.86 -5.64 -14.80
C PHE B 182 -34.66 -6.55 -14.56
N ILE B 183 -33.97 -6.37 -13.44
CA ILE B 183 -32.82 -7.19 -13.14
C ILE B 183 -33.27 -8.65 -13.05
N GLU B 184 -34.33 -8.89 -12.27
CA GLU B 184 -34.81 -10.25 -12.07
C GLU B 184 -35.09 -10.93 -13.41
N ASP B 185 -35.76 -10.21 -14.31
CA ASP B 185 -36.18 -10.78 -15.58
C ASP B 185 -34.97 -11.17 -16.43
N ASN B 186 -33.91 -10.35 -16.38
CA ASN B 186 -32.80 -10.50 -17.31
C ASN B 186 -31.56 -11.08 -16.64
N ALA B 187 -31.55 -11.16 -15.31
CA ALA B 187 -30.36 -11.61 -14.60
C ALA B 187 -30.06 -13.06 -14.97
N VAL B 188 -28.97 -13.25 -15.70
CA VAL B 188 -28.54 -14.60 -16.09
C VAL B 188 -27.28 -14.95 -15.30
N TYR B 189 -27.47 -15.52 -14.10
CA TYR B 189 -26.38 -15.87 -13.21
C TYR B 189 -25.68 -17.13 -13.75
N ALA B 190 -24.65 -16.91 -14.58
CA ALA B 190 -23.96 -17.98 -15.30
C ALA B 190 -23.14 -18.84 -14.32
N ASN C 2 12.63 15.74 35.11
CA ASN C 2 12.69 16.98 35.93
C ASN C 2 12.41 18.19 35.03
N GLU C 3 13.47 18.83 34.53
CA GLU C 3 13.36 20.07 33.77
C GLU C 3 14.40 20.07 32.64
N ARG C 4 14.34 21.10 31.79
CA ARG C 4 15.22 21.17 30.65
C ARG C 4 15.46 22.63 30.25
N ASN C 5 16.72 23.03 30.19
CA ASN C 5 17.04 24.33 29.63
C ASN C 5 16.55 24.38 28.18
N ILE C 6 15.99 25.52 27.78
CA ILE C 6 15.52 25.71 26.41
C ILE C 6 16.71 25.69 25.44
N THR C 7 17.78 26.42 25.77
CA THR C 7 18.90 26.60 24.86
C THR C 7 19.60 25.25 24.62
N SER C 8 19.74 24.44 25.69
CA SER C 8 20.38 23.14 25.56
C SER C 8 19.50 22.17 24.79
N GLU C 9 18.18 22.32 24.90
CA GLU C 9 17.24 21.41 24.25
C GLU C 9 17.22 21.68 22.74
N MET C 10 17.30 22.95 22.35
CA MET C 10 17.35 23.32 20.95
C MET C 10 18.63 22.76 20.31
N ARG C 11 19.77 22.98 20.97
CA ARG C 11 21.04 22.50 20.43
C ARG C 11 20.99 20.99 20.22
N GLU C 12 20.54 20.25 21.24
CA GLU C 12 20.49 18.80 21.16
C GLU C 12 19.50 18.36 20.09
N SER C 13 18.31 18.96 20.06
CA SER C 13 17.25 18.45 19.20
C SER C 13 17.48 18.83 17.73
N PHE C 14 17.97 20.04 17.48
CA PHE C 14 18.25 20.46 16.13
C PHE C 14 19.45 19.71 15.58
N LEU C 15 20.47 19.44 16.39
CA LEU C 15 21.65 18.74 15.93
C LEU C 15 21.33 17.30 15.56
N ASP C 16 20.36 16.69 16.27
N ASP C 16 20.37 16.68 16.26
CA ASP C 16 19.95 15.32 16.00
CA ASP C 16 19.98 15.32 15.94
C ASP C 16 19.28 15.26 14.62
C ASP C 16 19.29 15.28 14.59
N TYR C 17 18.35 16.20 14.37
CA TYR C 17 17.65 16.27 13.09
C TYR C 17 18.62 16.47 11.93
N ALA C 18 19.49 17.47 12.04
CA ALA C 18 20.48 17.80 11.01
C ALA C 18 21.28 16.57 10.59
N MET C 19 21.95 15.92 11.53
CA MET C 19 22.79 14.77 11.20
C MET C 19 21.96 13.66 10.58
N SER C 20 20.70 13.52 11.01
CA SER C 20 19.82 12.48 10.50
C SER C 20 19.31 12.82 9.10
N VAL C 21 19.48 14.07 8.65
CA VAL C 21 19.12 14.44 7.29
C VAL C 21 20.35 14.35 6.38
N ILE C 22 21.52 14.74 6.88
CA ILE C 22 22.75 14.63 6.11
C ILE C 22 23.05 13.16 5.83
N VAL C 23 23.35 12.38 6.87
CA VAL C 23 23.45 10.94 6.73
C VAL C 23 22.01 10.46 6.84
N ALA C 24 21.73 9.31 6.23
CA ALA C 24 20.41 8.70 6.35
C ALA C 24 19.26 9.62 5.91
N ARG C 25 19.45 10.52 4.92
CA ARG C 25 18.28 11.04 4.22
C ARG C 25 18.63 11.66 2.87
N ALA C 26 19.29 12.83 2.88
CA ALA C 26 19.34 13.70 1.71
C ALA C 26 20.66 13.68 0.94
N LEU C 27 21.69 12.95 1.38
CA LEU C 27 22.92 12.93 0.59
C LEU C 27 23.23 11.50 0.13
N PRO C 28 23.78 11.31 -1.10
CA PRO C 28 24.16 9.98 -1.57
C PRO C 28 25.46 9.48 -0.95
N ASP C 29 25.60 8.16 -0.91
CA ASP C 29 26.86 7.53 -0.57
C ASP C 29 27.78 7.56 -1.77
N VAL C 30 29.07 7.84 -1.53
CA VAL C 30 30.00 7.97 -2.64
C VAL C 30 30.24 6.63 -3.37
N ARG C 31 29.89 5.49 -2.75
CA ARG C 31 30.30 4.18 -3.25
C ARG C 31 29.26 3.60 -4.21
N ASP C 32 27.96 3.76 -3.88
CA ASP C 32 26.90 3.33 -4.77
C ASP C 32 26.09 4.51 -5.30
N GLY C 33 26.34 5.73 -4.80
CA GLY C 33 25.68 6.92 -5.29
C GLY C 33 24.19 6.98 -4.91
N LEU C 34 23.79 6.25 -3.87
CA LEU C 34 22.38 6.14 -3.54
C LEU C 34 22.13 6.82 -2.20
N LYS C 35 20.91 7.33 -2.08
CA LYS C 35 20.37 7.76 -0.81
C LYS C 35 19.55 6.61 -0.25
N PRO C 36 19.34 6.57 1.09
CA PRO C 36 18.66 5.46 1.75
C PRO C 36 17.35 4.97 1.12
N VAL C 37 16.46 5.89 0.76
CA VAL C 37 15.19 5.48 0.19
C VAL C 37 15.44 4.65 -1.06
N HIS C 38 16.43 5.04 -1.87
CA HIS C 38 16.70 4.39 -3.13
C HIS C 38 17.24 3.00 -2.85
N ARG C 39 18.24 2.95 -1.96
CA ARG C 39 18.93 1.71 -1.63
C ARG C 39 17.91 0.71 -1.09
N ARG C 40 16.92 1.20 -0.34
CA ARG C 40 15.93 0.34 0.26
C ARG C 40 14.92 -0.09 -0.80
N ILE C 41 14.68 0.76 -1.79
CA ILE C 41 13.78 0.38 -2.87
C ILE C 41 14.43 -0.75 -3.66
N LEU C 42 15.71 -0.56 -4.02
CA LEU C 42 16.43 -1.51 -4.85
C LEU C 42 16.63 -2.83 -4.10
N TYR C 43 17.13 -2.79 -2.87
CA TYR C 43 17.26 -4.01 -2.10
C TYR C 43 15.91 -4.73 -2.02
N GLY C 44 14.83 -3.99 -1.81
CA GLY C 44 13.49 -4.57 -1.78
C GLY C 44 13.15 -5.27 -3.09
N LEU C 45 13.34 -4.57 -4.20
CA LEU C 45 13.07 -5.14 -5.52
C LEU C 45 13.85 -6.43 -5.65
N ASN C 46 15.08 -6.43 -5.12
CA ASN C 46 15.92 -7.62 -5.11
C ASN C 46 15.29 -8.73 -4.27
N GLU C 47 15.17 -8.49 -2.95
CA GLU C 47 14.68 -9.50 -2.03
C GLU C 47 13.26 -9.94 -2.35
N GLN C 48 12.52 -9.17 -3.16
CA GLN C 48 11.23 -9.63 -3.67
C GLN C 48 11.39 -10.41 -4.97
N GLY C 49 12.60 -10.41 -5.54
CA GLY C 49 12.87 -11.12 -6.79
C GLY C 49 12.17 -10.47 -7.98
N MET C 50 12.28 -9.15 -8.11
CA MET C 50 11.57 -8.44 -9.17
C MET C 50 12.50 -8.15 -10.34
N THR C 51 13.08 -9.21 -10.91
CA THR C 51 14.15 -9.06 -11.89
C THR C 51 13.53 -8.86 -13.29
N PRO C 52 14.31 -8.43 -14.30
CA PRO C 52 13.76 -8.19 -15.64
C PRO C 52 13.12 -9.38 -16.35
N ASP C 53 13.46 -10.61 -15.95
CA ASP C 53 12.91 -11.80 -16.59
C ASP C 53 11.48 -12.00 -16.15
N LYS C 54 11.18 -11.64 -14.89
CA LYS C 54 9.88 -11.90 -14.29
C LYS C 54 8.91 -10.81 -14.72
N SER C 55 7.60 -11.11 -14.61
CA SER C 55 6.57 -10.13 -14.89
C SER C 55 6.55 -9.04 -13.81
N TYR C 56 5.87 -7.93 -14.11
CA TYR C 56 5.87 -6.79 -13.23
C TYR C 56 5.02 -7.09 -12.00
N LYS C 57 5.30 -6.40 -10.89
CA LYS C 57 4.41 -6.39 -9.74
C LYS C 57 3.87 -4.98 -9.52
N LYS C 58 2.68 -4.89 -8.92
CA LYS C 58 2.07 -3.60 -8.63
C LYS C 58 2.91 -2.82 -7.62
N SER C 59 2.96 -1.50 -7.83
CA SER C 59 3.83 -0.63 -7.04
C SER C 59 3.38 -0.53 -5.58
N ALA C 60 2.09 -0.75 -5.32
CA ALA C 60 1.55 -0.66 -3.98
C ALA C 60 2.14 -1.77 -3.10
N ARG C 61 2.32 -2.94 -3.70
CA ARG C 61 2.92 -4.09 -3.01
C ARG C 61 4.38 -3.82 -2.74
N ILE C 62 5.07 -3.24 -3.73
CA ILE C 62 6.49 -2.99 -3.61
C ILE C 62 6.73 -1.87 -2.60
N VAL C 63 5.95 -0.80 -2.68
CA VAL C 63 6.10 0.29 -1.73
C VAL C 63 5.62 -0.14 -0.34
N GLY C 64 4.64 -1.04 -0.28
CA GLY C 64 4.20 -1.59 0.99
C GLY C 64 5.31 -2.34 1.72
N ASP C 65 6.08 -3.12 0.97
CA ASP C 65 7.13 -3.92 1.57
C ASP C 65 8.24 -3.04 2.09
N VAL C 66 8.58 -1.98 1.35
CA VAL C 66 9.71 -1.15 1.69
C VAL C 66 9.41 -0.33 2.95
N MET C 67 8.19 0.20 3.03
CA MET C 67 7.79 1.05 4.13
C MET C 67 7.86 0.25 5.44
N GLY C 68 7.52 -1.05 5.34
CA GLY C 68 7.32 -1.90 6.51
C GLY C 68 8.58 -2.64 6.95
N LYS C 69 9.42 -3.03 5.98
CA LYS C 69 10.61 -3.79 6.27
C LYS C 69 11.82 -2.89 6.46
N TYR C 70 11.91 -1.75 5.74
CA TYR C 70 13.16 -0.98 5.74
C TYR C 70 12.96 0.50 6.03
N HIS C 71 11.90 1.12 5.50
CA HIS C 71 11.84 2.58 5.43
C HIS C 71 10.62 3.14 6.15
N PRO C 72 10.73 3.46 7.45
CA PRO C 72 9.58 3.87 8.25
C PRO C 72 9.15 5.32 8.02
N HIS C 73 8.65 5.60 6.83
CA HIS C 73 8.26 6.94 6.44
C HIS C 73 7.01 6.84 5.59
N GLY C 74 6.69 7.92 4.87
CA GLY C 74 5.48 7.99 4.07
C GLY C 74 5.65 7.30 2.72
N ASP C 75 4.58 6.64 2.28
CA ASP C 75 4.56 5.90 1.03
C ASP C 75 4.81 6.84 -0.14
N SER C 76 4.36 8.09 0.00
CA SER C 76 4.60 9.11 -1.02
C SER C 76 6.10 9.32 -1.17
N SER C 77 6.80 9.55 -0.06
CA SER C 77 8.24 9.78 -0.11
C SER C 77 8.95 8.62 -0.81
N ILE C 78 8.28 7.48 -0.99
CA ILE C 78 8.94 6.29 -1.53
C ILE C 78 8.50 6.03 -2.97
N TYR C 79 7.20 6.17 -3.24
CA TYR C 79 6.75 5.97 -4.60
C TYR C 79 7.31 7.06 -5.52
N GLU C 80 7.27 8.31 -5.05
CA GLU C 80 7.77 9.45 -5.82
C GLU C 80 9.24 9.25 -6.14
N ALA C 81 10.01 8.77 -5.16
CA ALA C 81 11.41 8.47 -5.37
C ALA C 81 11.55 7.37 -6.41
N MET C 82 10.65 6.39 -6.36
CA MET C 82 10.71 5.25 -7.26
C MET C 82 10.28 5.66 -8.66
N VAL C 83 9.29 6.56 -8.77
CA VAL C 83 8.84 7.05 -10.06
C VAL C 83 10.00 7.73 -10.81
N ARG C 84 10.76 8.59 -10.12
N ARG C 84 10.78 8.57 -10.11
CA ARG C 84 11.88 9.28 -10.72
CA ARG C 84 11.87 9.29 -10.73
C ARG C 84 12.88 8.27 -11.28
C ARG C 84 12.94 8.31 -11.24
N MET C 85 13.11 7.17 -10.55
CA MET C 85 14.06 6.16 -10.99
C MET C 85 13.64 5.47 -12.31
N ALA C 86 12.39 5.65 -12.76
CA ALA C 86 11.93 4.96 -13.97
C ALA C 86 11.60 5.93 -15.11
N GLN C 87 12.14 7.14 -15.05
CA GLN C 87 11.86 8.14 -16.07
C GLN C 87 13.11 8.35 -16.91
N ASP C 88 13.02 8.07 -18.21
CA ASP C 88 14.17 8.19 -19.08
C ASP C 88 14.67 9.64 -19.13
N PHE C 89 13.81 10.61 -18.77
CA PHE C 89 14.20 12.02 -18.80
C PHE C 89 14.71 12.50 -17.45
N SER C 90 14.56 11.68 -16.41
CA SER C 90 15.11 11.98 -15.10
C SER C 90 16.45 11.27 -14.94
N TYR C 91 16.45 9.94 -15.15
CA TYR C 91 17.63 9.14 -14.93
C TYR C 91 18.35 8.87 -16.25
N ARG C 92 19.67 9.02 -16.23
CA ARG C 92 20.46 8.86 -17.43
C ARG C 92 20.55 7.38 -17.78
N TYR C 93 20.62 6.55 -16.72
CA TYR C 93 20.52 5.10 -16.82
C TYR C 93 19.47 4.65 -15.81
N PRO C 94 18.21 4.46 -16.25
CA PRO C 94 17.11 4.17 -15.32
C PRO C 94 17.17 2.83 -14.59
N LEU C 95 16.84 2.85 -13.28
CA LEU C 95 17.05 1.72 -12.40
C LEU C 95 15.76 0.92 -12.20
N VAL C 96 14.62 1.54 -12.49
CA VAL C 96 13.34 0.85 -12.44
C VAL C 96 12.77 0.76 -13.85
N ASP C 97 12.09 -0.35 -14.13
CA ASP C 97 11.35 -0.55 -15.36
C ASP C 97 9.87 -0.50 -15.01
N GLY C 98 9.17 0.55 -15.47
CA GLY C 98 7.78 0.79 -15.09
C GLY C 98 6.77 0.45 -16.18
N GLN C 99 5.52 0.20 -15.75
CA GLN C 99 4.39 -0.07 -16.64
C GLN C 99 3.21 0.78 -16.20
N GLY C 100 2.72 1.60 -17.14
CA GLY C 100 1.70 2.59 -16.87
C GLY C 100 2.28 4.00 -16.91
N ASN C 101 1.45 4.95 -16.54
CA ASN C 101 1.78 6.36 -16.61
C ASN C 101 2.79 6.67 -15.51
N PHE C 102 4.01 7.02 -15.91
CA PHE C 102 5.05 7.37 -14.96
C PHE C 102 5.45 8.84 -15.08
N GLY C 103 4.62 9.65 -15.75
CA GLY C 103 4.89 11.07 -15.85
C GLY C 103 5.54 11.45 -17.18
N SER C 104 5.60 12.77 -17.44
CA SER C 104 6.14 13.31 -18.67
C SER C 104 6.86 14.62 -18.32
N MET C 105 7.36 15.33 -19.35
CA MET C 105 8.18 16.52 -19.12
C MET C 105 7.31 17.75 -18.86
N ASP C 106 5.98 17.60 -18.82
CA ASP C 106 5.08 18.72 -18.59
C ASP C 106 4.78 18.91 -17.10
N GLY C 107 5.71 18.44 -16.25
CA GLY C 107 5.48 18.37 -14.81
C GLY C 107 4.38 17.36 -14.51
N ASP C 108 4.12 16.49 -15.50
CA ASP C 108 3.02 15.54 -15.47
C ASP C 108 3.33 14.47 -14.42
N GLY C 109 2.43 14.36 -13.44
CA GLY C 109 2.60 13.40 -12.37
C GLY C 109 2.45 11.97 -12.87
N ALA C 110 2.85 11.01 -12.05
CA ALA C 110 2.56 9.61 -12.34
C ALA C 110 1.11 9.29 -11.98
N ALA C 111 0.61 8.15 -12.49
CA ALA C 111 -0.65 7.59 -12.02
C ALA C 111 -0.46 7.02 -10.61
N ALA C 112 -1.58 6.74 -9.93
CA ALA C 112 -1.56 6.19 -8.58
C ALA C 112 -0.81 4.87 -8.54
N MET C 113 -0.18 4.60 -7.37
CA MET C 113 0.57 3.37 -7.16
C MET C 113 -0.35 2.14 -7.13
N ARG C 114 -1.66 2.36 -6.90
CA ARG C 114 -2.65 1.32 -7.13
C ARG C 114 -2.61 0.75 -8.54
N PHE C 115 -2.06 1.51 -9.50
CA PHE C 115 -2.22 1.20 -10.91
C PHE C 115 -0.91 0.76 -11.52
N THR C 116 0.14 1.57 -11.34
CA THR C 116 1.40 1.31 -12.01
C THR C 116 2.01 0.01 -11.48
N GLU C 117 2.94 -0.54 -12.25
CA GLU C 117 3.69 -1.72 -11.85
C GLU C 117 5.15 -1.50 -12.24
N ALA C 118 6.04 -2.20 -11.56
CA ALA C 118 7.47 -1.99 -11.77
C ALA C 118 8.24 -3.28 -11.56
N ARG C 119 9.41 -3.33 -12.20
CA ARG C 119 10.41 -4.33 -11.92
C ARG C 119 11.77 -3.64 -12.01
N MET C 120 12.83 -4.44 -11.94
CA MET C 120 14.17 -3.91 -12.12
C MET C 120 14.44 -3.73 -13.61
N THR C 121 15.48 -2.96 -13.89
CA THR C 121 16.10 -2.96 -15.20
C THR C 121 17.32 -3.88 -15.15
N LYS C 122 17.88 -4.19 -16.33
CA LYS C 122 19.05 -5.05 -16.41
C LYS C 122 20.28 -4.41 -15.79
N ILE C 123 20.34 -3.08 -15.82
CA ILE C 123 21.48 -2.38 -15.24
C ILE C 123 21.37 -2.36 -13.72
N THR C 124 20.14 -2.35 -13.18
CA THR C 124 19.96 -2.50 -11.75
C THR C 124 20.57 -3.82 -11.28
N LEU C 125 20.39 -4.88 -12.07
CA LEU C 125 21.05 -6.15 -11.80
C LEU C 125 22.50 -5.91 -11.48
N GLU C 126 23.17 -5.07 -12.27
CA GLU C 126 24.58 -4.81 -12.05
C GLU C 126 24.83 -3.98 -10.80
N LEU C 127 23.81 -3.25 -10.32
CA LEU C 127 23.94 -2.57 -9.04
C LEU C 127 23.98 -3.57 -7.90
N LEU C 128 23.13 -4.60 -7.97
CA LEU C 128 22.91 -5.52 -6.86
C LEU C 128 23.75 -6.79 -6.98
N ARG C 129 24.52 -6.91 -8.06
CA ARG C 129 25.18 -8.18 -8.39
C ARG C 129 26.11 -8.56 -7.24
N ASP C 130 25.93 -9.78 -6.71
CA ASP C 130 26.87 -10.38 -5.76
C ASP C 130 26.70 -9.79 -4.36
N ILE C 131 25.49 -9.29 -4.06
CA ILE C 131 25.20 -8.72 -2.75
C ILE C 131 25.06 -9.84 -1.71
N ASN C 132 24.54 -11.00 -2.13
CA ASN C 132 24.30 -12.11 -1.23
C ASN C 132 25.56 -12.94 -1.02
N LYS C 133 26.73 -12.35 -1.30
CA LYS C 133 27.98 -13.08 -1.29
C LYS C 133 28.99 -12.38 -0.38
N ASP C 134 28.50 -11.82 0.72
CA ASP C 134 29.33 -11.16 1.71
C ASP C 134 30.32 -10.18 1.08
N THR C 135 29.80 -9.29 0.22
CA THR C 135 30.58 -8.24 -0.43
C THR C 135 30.43 -6.89 0.28
N ILE C 136 29.27 -6.69 0.90
CA ILE C 136 28.96 -5.47 1.62
C ILE C 136 28.45 -5.87 2.99
N ASP C 137 28.37 -4.91 3.92
CA ASP C 137 27.93 -5.19 5.28
C ASP C 137 26.41 -4.93 5.38
N PHE C 138 25.68 -5.92 5.91
CA PHE C 138 24.29 -5.72 6.29
C PHE C 138 24.22 -5.20 7.72
N ILE C 139 23.15 -4.46 8.01
CA ILE C 139 22.88 -3.93 9.34
C ILE C 139 21.41 -4.20 9.66
N ASP C 140 21.04 -3.98 10.91
CA ASP C 140 19.68 -4.19 11.35
C ASP C 140 18.84 -3.04 10.83
N ASN C 141 17.57 -3.35 10.53
CA ASN C 141 16.60 -2.34 10.18
C ASN C 141 16.18 -1.60 11.44
N TYR C 142 15.15 -0.76 11.33
CA TYR C 142 14.76 0.15 12.38
C TYR C 142 14.18 -0.59 13.60
N ASP C 143 13.48 -1.72 13.39
CA ASP C 143 12.83 -2.40 14.49
C ASP C 143 13.56 -3.68 14.88
N GLY C 144 14.71 -3.95 14.23
CA GLY C 144 15.53 -5.12 14.52
C GLY C 144 14.99 -6.41 13.91
N ASN C 145 13.87 -6.33 13.18
CA ASN C 145 13.18 -7.50 12.66
C ASN C 145 13.55 -7.82 11.22
N GLU C 146 14.56 -7.13 10.65
CA GLU C 146 15.06 -7.41 9.31
C GLU C 146 16.52 -6.99 9.24
N ARG C 147 17.18 -7.36 8.14
CA ARG C 147 18.53 -6.92 7.85
C ARG C 147 18.57 -6.22 6.50
N GLU C 148 19.30 -5.12 6.45
CA GLU C 148 19.37 -4.29 5.24
C GLU C 148 20.83 -4.03 4.89
N PRO C 149 21.15 -3.77 3.60
CA PRO C 149 22.51 -3.41 3.20
C PRO C 149 22.87 -1.98 3.62
N SER C 150 24.12 -1.80 4.02
CA SER C 150 24.68 -0.49 4.28
C SER C 150 25.07 0.18 2.96
N VAL C 151 25.37 -0.62 1.94
CA VAL C 151 25.78 -0.10 0.64
C VAL C 151 25.61 -1.23 -0.35
N LEU C 152 25.55 -0.90 -1.65
CA LEU C 152 25.33 -1.93 -2.64
C LEU C 152 26.64 -2.23 -3.36
N PRO C 153 26.78 -3.46 -3.91
CA PRO C 153 27.98 -3.82 -4.66
C PRO C 153 28.29 -2.81 -5.77
N ALA C 154 27.24 -2.37 -6.48
CA ALA C 154 27.31 -1.25 -7.40
C ALA C 154 28.41 -1.47 -8.42
N ARG C 155 28.16 -2.39 -9.36
CA ARG C 155 29.21 -2.81 -10.29
C ARG C 155 29.40 -1.78 -11.41
N PHE C 156 28.70 -0.65 -11.35
CA PHE C 156 29.04 0.48 -12.22
C PHE C 156 28.96 1.78 -11.41
N PRO C 157 29.63 2.86 -11.86
CA PRO C 157 29.69 4.09 -11.08
C PRO C 157 28.36 4.86 -11.06
N ASN C 158 27.49 4.54 -10.09
CA ASN C 158 26.13 5.06 -10.16
C ASN C 158 26.06 6.54 -9.75
N LEU C 159 26.95 6.97 -8.86
CA LEU C 159 26.90 8.34 -8.38
C LEU C 159 27.01 9.30 -9.57
N LEU C 160 28.02 9.09 -10.40
CA LEU C 160 28.30 10.01 -11.47
C LEU C 160 27.43 9.72 -12.69
N ALA C 161 27.04 8.46 -12.90
CA ALA C 161 26.25 8.12 -14.06
C ALA C 161 24.89 8.81 -14.00
N ASN C 162 24.24 8.76 -12.83
CA ASN C 162 22.88 9.26 -12.70
C ASN C 162 22.84 10.57 -11.94
N GLY C 163 23.93 10.94 -11.24
CA GLY C 163 24.02 12.23 -10.57
C GLY C 163 23.32 12.21 -9.22
N ALA C 164 22.88 13.39 -8.75
CA ALA C 164 22.06 13.47 -7.54
C ALA C 164 21.69 14.91 -7.26
N SER C 165 20.64 15.10 -6.44
CA SER C 165 20.31 16.38 -5.87
C SER C 165 19.70 16.17 -4.50
N GLY C 166 20.23 16.83 -3.47
CA GLY C 166 19.63 16.76 -2.14
C GLY C 166 19.77 18.07 -1.39
N ILE C 167 18.63 18.60 -0.94
CA ILE C 167 18.65 19.76 -0.05
C ILE C 167 18.80 19.25 1.38
N ALA C 168 20.02 19.23 1.90
CA ALA C 168 20.20 18.66 3.23
C ALA C 168 19.83 19.72 4.25
N VAL C 169 20.43 19.65 5.45
CA VAL C 169 20.37 20.76 6.37
C VAL C 169 21.76 21.37 6.50
N GLY C 170 21.87 22.67 6.28
CA GLY C 170 23.15 23.37 6.38
C GLY C 170 24.05 23.07 5.20
N MET C 171 23.51 22.44 4.15
CA MET C 171 24.27 22.12 2.93
C MET C 171 23.36 21.44 1.93
N ALA C 172 23.87 21.28 0.70
CA ALA C 172 23.13 20.69 -0.39
C ALA C 172 24.09 19.98 -1.34
N THR C 173 23.57 19.11 -2.20
CA THR C 173 24.39 18.51 -3.25
C THR C 173 23.68 18.63 -4.58
N ASN C 174 24.45 18.83 -5.64
CA ASN C 174 23.89 18.90 -6.98
C ASN C 174 24.92 18.34 -7.96
N ILE C 175 24.73 17.09 -8.36
CA ILE C 175 25.68 16.37 -9.18
C ILE C 175 24.99 15.98 -10.48
N PRO C 176 25.61 16.27 -11.65
CA PRO C 176 24.97 15.98 -12.93
C PRO C 176 25.25 14.57 -13.43
N PRO C 177 24.35 13.99 -14.25
CA PRO C 177 24.61 12.71 -14.87
C PRO C 177 25.77 12.80 -15.84
N HIS C 178 26.40 11.65 -16.10
CA HIS C 178 27.52 11.52 -16.99
C HIS C 178 27.28 10.33 -17.91
N ASN C 179 28.24 10.03 -18.78
CA ASN C 179 28.13 8.97 -19.75
C ASN C 179 28.93 7.76 -19.28
N LEU C 180 28.28 6.59 -19.30
CA LEU C 180 28.80 5.42 -18.62
C LEU C 180 30.11 4.97 -19.28
N THR C 181 30.15 5.02 -20.61
CA THR C 181 31.34 4.63 -21.36
C THR C 181 32.53 5.48 -20.91
N GLU C 182 32.31 6.78 -20.75
CA GLU C 182 33.39 7.71 -20.44
C GLU C 182 33.84 7.52 -18.99
N LEU C 183 32.90 7.30 -18.08
CA LEU C 183 33.23 7.09 -16.68
C LEU C 183 34.11 5.86 -16.52
N ILE C 184 33.65 4.73 -17.07
CA ILE C 184 34.38 3.49 -16.90
C ILE C 184 35.78 3.63 -17.49
N ASN C 185 35.88 4.32 -18.63
CA ASN C 185 37.20 4.50 -19.22
C ASN C 185 38.05 5.40 -18.31
N GLY C 186 37.40 6.34 -17.62
CA GLY C 186 38.10 7.20 -16.69
C GLY C 186 38.60 6.38 -15.50
N VAL C 187 37.75 5.47 -15.03
CA VAL C 187 38.12 4.58 -13.95
C VAL C 187 39.28 3.70 -14.39
N LEU C 188 39.20 3.15 -15.62
CA LEU C 188 40.26 2.28 -16.10
C LEU C 188 41.60 3.01 -16.20
N SER C 189 41.59 4.27 -16.66
CA SER C 189 42.81 5.07 -16.67
C SER C 189 43.36 5.23 -15.25
N LEU C 190 42.51 5.70 -14.33
CA LEU C 190 42.89 5.87 -12.93
C LEU C 190 43.49 4.57 -12.38
N SER C 191 42.87 3.43 -12.73
CA SER C 191 43.29 2.12 -12.25
C SER C 191 44.72 1.79 -12.71
N LYS C 192 45.15 2.43 -13.81
CA LYS C 192 46.47 2.16 -14.36
C LYS C 192 47.50 3.18 -13.89
N ASN C 193 47.04 4.30 -13.33
CA ASN C 193 47.92 5.36 -12.86
C ASN C 193 47.22 6.07 -11.71
N PRO C 194 47.48 5.68 -10.45
CA PRO C 194 46.89 6.39 -9.30
C PRO C 194 47.20 7.88 -9.22
N ASP C 195 48.22 8.35 -9.94
CA ASP C 195 48.61 9.76 -9.89
C ASP C 195 48.11 10.55 -11.09
N ILE C 196 47.17 10.01 -11.86
CA ILE C 196 46.64 10.70 -13.02
C ILE C 196 46.01 12.02 -12.55
N SER C 197 46.11 13.05 -13.39
CA SER C 197 45.56 14.36 -13.03
C SER C 197 44.13 14.48 -13.54
N ILE C 198 43.40 15.43 -12.96
CA ILE C 198 42.03 15.70 -13.36
C ILE C 198 41.98 16.20 -14.80
N ALA C 199 42.97 16.99 -15.21
CA ALA C 199 43.12 17.35 -16.60
C ALA C 199 43.27 16.10 -17.47
N GLU C 200 44.10 15.14 -17.04
CA GLU C 200 44.29 13.91 -17.79
C GLU C 200 43.02 13.08 -17.81
N LEU C 201 42.21 13.16 -16.74
CA LEU C 201 40.97 12.37 -16.64
C LEU C 201 39.91 12.91 -17.59
N MET C 202 39.90 14.23 -17.80
CA MET C 202 38.92 14.87 -18.68
C MET C 202 39.19 14.55 -20.14
N GLU C 203 40.27 13.79 -20.41
CA GLU C 203 40.47 13.22 -21.73
C GLU C 203 39.51 12.05 -21.91
N ASP C 204 39.09 11.43 -20.80
CA ASP C 204 38.02 10.45 -20.79
C ASP C 204 36.65 11.10 -20.58
N ILE C 205 36.45 11.72 -19.43
CA ILE C 205 35.15 12.28 -19.08
C ILE C 205 35.11 13.70 -19.62
N GLU C 206 34.50 13.86 -20.80
N GLU C 206 34.44 13.84 -20.77
CA GLU C 206 34.45 15.15 -21.48
CA GLU C 206 34.42 15.10 -21.49
C GLU C 206 33.52 16.12 -20.75
C GLU C 206 33.48 16.10 -20.80
N GLY C 207 32.58 15.59 -19.95
CA GLY C 207 31.65 16.45 -19.24
C GLY C 207 30.37 15.69 -18.89
N PRO C 208 29.42 16.38 -18.23
CA PRO C 208 28.11 15.79 -17.93
C PRO C 208 27.37 15.37 -19.18
N ASP C 209 26.43 14.44 -19.03
CA ASP C 209 25.68 13.93 -20.17
C ASP C 209 24.26 13.67 -19.73
N PHE C 210 23.38 14.64 -19.98
CA PHE C 210 22.05 14.62 -19.42
C PHE C 210 21.16 13.72 -20.27
N PRO C 211 20.15 13.09 -19.66
CA PRO C 211 19.27 12.21 -20.41
C PRO C 211 18.52 12.92 -21.52
N THR C 212 18.25 14.22 -21.33
CA THR C 212 17.46 15.05 -22.22
C THR C 212 18.30 15.71 -23.31
N ALA C 213 19.55 15.26 -23.48
CA ALA C 213 20.44 15.80 -24.49
C ALA C 213 20.64 17.30 -24.28
N GLY C 214 20.62 18.10 -25.35
CA GLY C 214 20.81 19.54 -25.26
C GLY C 214 22.27 19.93 -25.46
N LEU C 215 22.60 21.17 -25.11
CA LEU C 215 23.94 21.73 -25.33
C LEU C 215 24.58 22.03 -23.99
N ILE C 216 25.90 22.21 -24.04
CA ILE C 216 26.67 22.82 -22.97
C ILE C 216 27.59 23.85 -23.59
N LEU C 217 27.66 25.02 -22.95
CA LEU C 217 28.48 26.11 -23.43
C LEU C 217 29.80 26.12 -22.69
N GLY C 218 30.85 25.60 -23.33
CA GLY C 218 32.21 25.82 -22.89
C GLY C 218 32.61 24.88 -21.76
N LYS C 219 33.92 24.78 -21.51
CA LYS C 219 34.44 23.84 -20.54
C LYS C 219 35.05 24.52 -19.33
N SER C 220 34.79 25.82 -19.11
CA SER C 220 35.44 26.51 -18.01
C SER C 220 34.72 26.19 -16.70
N GLY C 221 33.39 26.01 -16.77
CA GLY C 221 32.58 25.63 -15.61
C GLY C 221 32.73 24.16 -15.28
N ILE C 222 32.89 23.34 -16.33
CA ILE C 222 33.14 21.92 -16.20
C ILE C 222 34.44 21.70 -15.43
N ARG C 223 35.51 22.33 -15.90
CA ARG C 223 36.83 22.11 -15.33
C ARG C 223 36.86 22.61 -13.88
N ARG C 224 36.14 23.69 -13.59
CA ARG C 224 36.09 24.21 -12.23
C ARG C 224 35.34 23.23 -11.32
N ALA C 225 34.17 22.75 -11.76
CA ALA C 225 33.40 21.79 -10.99
C ALA C 225 34.22 20.53 -10.72
N TYR C 226 34.85 20.00 -11.76
CA TYR C 226 35.60 18.76 -11.62
C TYR C 226 36.79 18.94 -10.66
N GLU C 227 37.49 20.08 -10.72
CA GLU C 227 38.73 20.21 -9.95
C GLU C 227 38.48 20.67 -8.52
N THR C 228 37.35 21.35 -8.26
CA THR C 228 37.08 21.96 -6.96
C THR C 228 35.89 21.30 -6.26
N GLY C 229 34.95 20.80 -7.06
CA GLY C 229 33.69 20.27 -6.54
C GLY C 229 32.52 21.17 -6.89
N ARG C 230 32.79 22.48 -7.07
CA ARG C 230 31.78 23.46 -7.40
C ARG C 230 32.05 24.07 -8.77
N GLY C 231 30.99 24.22 -9.56
CA GLY C 231 31.08 24.89 -10.83
C GLY C 231 29.69 25.27 -11.31
N SER C 232 29.62 26.27 -12.20
CA SER C 232 28.37 26.67 -12.83
C SER C 232 28.45 26.34 -14.31
N ILE C 233 27.42 25.64 -14.80
CA ILE C 233 27.47 25.08 -16.14
C ILE C 233 26.23 25.53 -16.92
N GLN C 234 26.47 26.12 -18.09
CA GLN C 234 25.40 26.72 -18.87
C GLN C 234 24.83 25.69 -19.83
N MET C 235 23.53 25.43 -19.69
CA MET C 235 22.81 24.56 -20.59
C MET C 235 21.95 25.40 -21.54
N ARG C 236 21.74 24.88 -22.76
CA ARG C 236 20.84 25.47 -23.72
C ARG C 236 20.03 24.38 -24.43
N SER C 237 18.89 24.78 -24.98
CA SER C 237 18.06 23.90 -25.79
C SER C 237 18.70 23.67 -27.16
N ARG C 238 18.26 22.62 -27.84
CA ARG C 238 18.59 22.49 -29.25
C ARG C 238 17.48 23.13 -30.05
N ALA C 239 17.81 24.25 -30.71
CA ALA C 239 16.89 25.03 -31.50
C ALA C 239 17.57 25.40 -32.81
N VAL C 240 16.83 25.22 -33.90
CA VAL C 240 17.25 25.68 -35.22
C VAL C 240 16.24 26.67 -35.77
N ILE C 241 16.69 27.47 -36.75
CA ILE C 241 15.82 28.34 -37.50
C ILE C 241 15.59 27.73 -38.87
N GLU C 242 14.31 27.63 -39.24
CA GLU C 242 13.95 27.17 -40.56
C GLU C 242 12.79 27.99 -41.11
N GLU C 243 12.57 27.83 -42.42
CA GLU C 243 11.49 28.51 -43.10
C GLU C 243 10.23 27.67 -43.01
N ARG C 244 9.09 28.36 -43.10
CA ARG C 244 7.79 27.71 -43.08
C ARG C 244 7.05 27.98 -44.39
N GLY C 245 7.55 28.92 -45.20
CA GLY C 245 6.89 29.25 -46.45
C GLY C 245 6.64 30.76 -46.56
N GLY C 246 6.83 31.28 -47.79
CA GLY C 246 6.58 32.68 -48.11
C GLY C 246 7.52 33.64 -47.38
N GLY C 247 8.77 33.23 -47.16
CA GLY C 247 9.76 34.07 -46.50
C GLY C 247 9.65 34.06 -44.98
N ARG C 248 8.49 33.65 -44.44
CA ARG C 248 8.33 33.56 -43.00
C ARG C 248 9.20 32.44 -42.44
N GLN C 249 9.72 32.65 -41.23
CA GLN C 249 10.54 31.67 -40.56
C GLN C 249 9.83 31.14 -39.32
N ARG C 250 10.42 30.10 -38.74
CA ARG C 250 9.99 29.61 -37.44
C ARG C 250 11.19 29.02 -36.70
N ILE C 251 11.06 28.95 -35.37
CA ILE C 251 12.04 28.29 -34.54
C ILE C 251 11.47 26.93 -34.08
N VAL C 252 12.33 25.91 -34.17
CA VAL C 252 11.95 24.56 -33.77
C VAL C 252 12.90 24.08 -32.68
N VAL C 253 12.31 23.72 -31.53
CA VAL C 253 13.04 23.29 -30.36
C VAL C 253 12.86 21.79 -30.24
N THR C 254 13.95 21.02 -30.16
CA THR C 254 13.82 19.56 -30.12
C THR C 254 14.42 18.94 -28.87
N GLU C 255 15.18 19.70 -28.10
CA GLU C 255 15.74 19.20 -26.85
C GLU C 255 15.76 20.37 -25.89
N ILE C 256 15.33 20.14 -24.65
CA ILE C 256 15.29 21.19 -23.64
C ILE C 256 16.29 20.86 -22.54
N PRO C 257 16.68 21.84 -21.70
CA PRO C 257 17.60 21.57 -20.60
C PRO C 257 17.10 20.54 -19.58
N PHE C 258 18.07 20.03 -18.82
CA PHE C 258 17.85 19.06 -17.76
C PHE C 258 17.03 19.68 -16.64
N GLN C 259 15.99 18.95 -16.21
CA GLN C 259 15.18 19.30 -15.04
C GLN C 259 14.32 20.53 -15.30
N VAL C 260 13.99 20.82 -16.56
CA VAL C 260 13.15 21.97 -16.90
C VAL C 260 11.77 21.46 -17.31
N ASN C 261 10.73 21.99 -16.67
CA ASN C 261 9.36 21.66 -17.03
C ASN C 261 9.05 22.30 -18.39
N LYS C 262 8.67 21.46 -19.36
CA LYS C 262 8.41 21.93 -20.71
C LYS C 262 7.17 22.80 -20.75
N ALA C 263 6.11 22.39 -20.06
CA ALA C 263 4.88 23.17 -20.02
C ALA C 263 5.13 24.50 -19.32
N ARG C 264 5.92 24.47 -18.23
CA ARG C 264 6.21 25.69 -17.48
C ARG C 264 6.96 26.66 -18.37
N MET C 265 7.82 26.13 -19.26
CA MET C 265 8.66 26.96 -20.09
C MET C 265 7.85 27.64 -21.18
N ILE C 266 6.87 26.93 -21.75
CA ILE C 266 6.03 27.47 -22.79
C ILE C 266 5.13 28.54 -22.20
N GLU C 267 4.59 28.30 -21.00
CA GLU C 267 3.81 29.31 -20.29
C GLU C 267 4.61 30.60 -20.21
N LYS C 268 5.85 30.50 -19.73
CA LYS C 268 6.73 31.65 -19.62
C LYS C 268 6.85 32.35 -20.97
N ILE C 269 6.90 31.57 -22.06
CA ILE C 269 7.01 32.15 -23.40
C ILE C 269 5.70 32.86 -23.75
N ALA C 270 4.56 32.19 -23.55
CA ALA C 270 3.28 32.81 -23.87
C ALA C 270 3.03 34.01 -22.97
N GLU C 271 3.60 33.98 -21.75
CA GLU C 271 3.45 35.07 -20.79
C GLU C 271 4.24 36.27 -21.26
N LEU C 272 5.50 36.07 -21.66
CA LEU C 272 6.34 37.13 -22.19
C LEU C 272 5.72 37.75 -23.44
N VAL C 273 4.90 37.00 -24.16
CA VAL C 273 4.29 37.52 -25.38
C VAL C 273 3.10 38.38 -25.02
N ARG C 274 2.24 37.87 -24.12
CA ARG C 274 1.09 38.65 -23.67
C ARG C 274 1.58 40.00 -23.13
N ASP C 275 2.57 39.97 -22.22
CA ASP C 275 3.11 41.17 -21.60
C ASP C 275 4.05 41.94 -22.52
N LYS C 276 4.07 41.64 -23.83
CA LYS C 276 4.86 42.38 -24.81
C LYS C 276 6.35 42.48 -24.42
N LYS C 277 6.84 41.56 -23.59
CA LYS C 277 8.23 41.65 -23.16
C LYS C 277 9.16 41.12 -24.25
N ILE C 278 8.61 40.60 -25.35
CA ILE C 278 9.38 40.12 -26.48
C ILE C 278 8.60 40.42 -27.75
N ASP C 279 9.33 40.59 -28.86
N ASP C 279 9.32 40.61 -28.87
CA ASP C 279 8.75 41.02 -30.13
CA ASP C 279 8.70 41.02 -30.11
C ASP C 279 9.01 39.98 -31.21
C ASP C 279 9.00 39.99 -31.21
N GLY C 280 8.04 39.86 -32.13
CA GLY C 280 8.25 39.14 -33.37
C GLY C 280 7.65 37.73 -33.39
N ILE C 281 6.82 37.40 -32.40
CA ILE C 281 6.31 36.04 -32.30
C ILE C 281 4.84 36.02 -32.64
N THR C 282 4.47 35.26 -33.67
CA THR C 282 3.12 35.19 -34.18
C THR C 282 2.39 33.92 -33.75
N ASP C 283 3.13 32.82 -33.54
CA ASP C 283 2.49 31.59 -33.07
C ASP C 283 3.45 30.76 -32.23
N LEU C 284 2.86 29.88 -31.42
CA LEU C 284 3.62 29.00 -30.54
C LEU C 284 2.80 27.74 -30.27
N ARG C 285 3.30 26.58 -30.72
CA ARG C 285 2.59 25.33 -30.55
C ARG C 285 3.53 24.29 -29.94
N ASP C 286 2.93 23.31 -29.28
CA ASP C 286 3.67 22.14 -28.87
C ASP C 286 3.28 21.02 -29.81
N GLU C 287 4.17 20.68 -30.75
CA GLU C 287 3.91 19.64 -31.74
C GLU C 287 4.58 18.33 -31.31
N THR C 288 4.56 18.04 -29.99
CA THR C 288 5.30 16.92 -29.43
C THR C 288 4.43 15.67 -29.42
N SER C 289 5.07 14.52 -29.65
CA SER C 289 4.39 13.24 -29.73
C SER C 289 5.39 12.10 -29.46
N LEU C 290 4.85 10.91 -29.17
CA LEU C 290 5.66 9.70 -29.00
C LEU C 290 6.32 9.30 -30.33
N ARG C 291 5.82 9.81 -31.46
CA ARG C 291 6.24 9.36 -32.78
C ARG C 291 7.23 10.35 -33.40
N THR C 292 7.31 11.59 -32.90
CA THR C 292 8.30 12.55 -33.37
C THR C 292 9.16 13.10 -32.23
N GLY C 293 8.77 12.88 -30.97
CA GLY C 293 9.54 13.41 -29.85
C GLY C 293 9.24 14.88 -29.63
N VAL C 294 10.16 15.57 -28.92
CA VAL C 294 9.95 16.95 -28.51
C VAL C 294 9.99 17.86 -29.74
N ARG C 295 8.96 18.69 -29.90
CA ARG C 295 8.95 19.63 -31.00
C ARG C 295 8.07 20.80 -30.62
N VAL C 296 8.73 21.94 -30.34
CA VAL C 296 8.08 23.18 -29.98
C VAL C 296 8.42 24.21 -31.05
N VAL C 297 7.38 24.71 -31.74
CA VAL C 297 7.56 25.65 -32.83
C VAL C 297 7.20 27.03 -32.34
N ILE C 298 7.94 28.02 -32.84
CA ILE C 298 7.61 29.42 -32.62
C ILE C 298 7.61 30.13 -33.96
N ASP C 299 6.43 30.47 -34.48
CA ASP C 299 6.32 31.14 -35.76
C ASP C 299 6.75 32.60 -35.61
N VAL C 300 7.58 33.05 -36.56
CA VAL C 300 8.14 34.40 -36.49
C VAL C 300 7.41 35.30 -37.48
N ARG C 301 7.17 36.55 -37.06
CA ARG C 301 6.53 37.54 -37.92
C ARG C 301 7.41 37.78 -39.14
N LYS C 302 6.75 38.17 -40.25
CA LYS C 302 7.41 38.26 -41.54
C LYS C 302 8.52 39.32 -41.51
N ASP C 303 9.65 38.98 -42.15
CA ASP C 303 10.78 39.87 -42.32
C ASP C 303 11.41 40.29 -41.00
N ALA C 304 11.21 39.50 -39.93
CA ALA C 304 11.77 39.77 -38.61
C ALA C 304 12.92 38.80 -38.33
N ASN C 305 13.98 39.30 -37.67
CA ASN C 305 15.19 38.52 -37.45
C ASN C 305 14.94 37.47 -36.38
N ALA C 306 14.76 36.20 -36.79
CA ALA C 306 14.40 35.13 -35.87
C ALA C 306 15.57 34.75 -34.99
N SER C 307 16.80 35.08 -35.43
CA SER C 307 17.96 34.83 -34.62
C SER C 307 18.00 35.78 -33.43
N VAL C 308 17.55 37.02 -33.65
CA VAL C 308 17.49 37.96 -32.55
C VAL C 308 16.48 37.47 -31.54
N ILE C 309 15.33 37.00 -32.02
CA ILE C 309 14.28 36.48 -31.13
C ILE C 309 14.79 35.24 -30.39
N LEU C 310 15.56 34.38 -31.07
CA LEU C 310 16.11 33.20 -30.43
C LEU C 310 17.03 33.63 -29.29
N ASN C 311 17.88 34.64 -29.54
CA ASN C 311 18.88 35.05 -28.55
C ASN C 311 18.20 35.68 -27.34
N ASN C 312 17.07 36.37 -27.52
CA ASN C 312 16.39 36.98 -26.39
C ASN C 312 15.58 35.94 -25.62
N LEU C 313 15.18 34.84 -26.27
CA LEU C 313 14.50 33.76 -25.57
C LEU C 313 15.49 32.99 -24.68
N TYR C 314 16.76 32.93 -25.10
CA TYR C 314 17.78 32.37 -24.24
C TYR C 314 18.03 33.26 -23.02
N LYS C 315 17.75 34.56 -23.10
CA LYS C 315 17.96 35.46 -21.97
C LYS C 315 16.77 35.42 -21.02
N GLN C 316 15.56 35.19 -21.55
CA GLN C 316 14.35 35.51 -20.83
C GLN C 316 13.54 34.27 -20.45
N THR C 317 13.92 33.08 -20.94
CA THR C 317 13.22 31.84 -20.68
C THR C 317 14.18 30.75 -20.19
N PRO C 318 13.69 29.65 -19.58
CA PRO C 318 14.56 28.54 -19.19
C PRO C 318 15.20 27.80 -20.38
N LEU C 319 14.93 28.25 -21.60
CA LEU C 319 15.59 27.72 -22.78
C LEU C 319 17.11 27.71 -22.58
N GLN C 320 17.62 28.71 -21.86
CA GLN C 320 18.96 28.66 -21.27
C GLN C 320 18.82 28.56 -19.75
N THR C 321 19.62 27.67 -19.17
CA THR C 321 19.49 27.37 -17.76
C THR C 321 20.87 26.98 -17.26
N SER C 322 21.16 27.42 -16.03
CA SER C 322 22.40 27.07 -15.36
C SER C 322 22.18 25.75 -14.61
N PHE C 323 23.30 25.07 -14.35
CA PHE C 323 23.34 23.98 -13.40
C PHE C 323 24.48 24.27 -12.41
N GLY C 324 24.15 24.36 -11.12
CA GLY C 324 25.16 24.67 -10.12
C GLY C 324 25.78 23.40 -9.53
N VAL C 325 26.90 22.95 -10.08
CA VAL C 325 27.50 21.72 -9.60
C VAL C 325 28.02 21.91 -8.17
N ASN C 326 27.60 21.00 -7.28
CA ASN C 326 27.96 21.03 -5.86
C ASN C 326 28.12 19.59 -5.37
N MET C 327 29.32 19.04 -5.57
CA MET C 327 29.53 17.60 -5.42
C MET C 327 29.85 17.25 -3.97
N ILE C 328 28.79 17.19 -3.15
CA ILE C 328 28.92 16.81 -1.74
C ILE C 328 28.26 15.45 -1.54
N ALA C 329 29.10 14.46 -1.20
CA ALA C 329 28.68 13.08 -0.98
C ALA C 329 29.13 12.60 0.39
N LEU C 330 28.61 11.43 0.78
CA LEU C 330 29.01 10.78 2.02
C LEU C 330 30.26 9.95 1.76
N VAL C 331 31.39 10.39 2.34
CA VAL C 331 32.62 9.64 2.32
C VAL C 331 32.94 9.19 3.75
N ASN C 332 32.94 7.87 3.95
CA ASN C 332 33.11 7.27 5.26
C ASN C 332 32.04 7.77 6.23
N GLY C 333 30.82 7.99 5.74
CA GLY C 333 29.70 8.28 6.62
C GLY C 333 29.61 9.74 7.02
N ARG C 334 30.43 10.62 6.42
CA ARG C 334 30.37 12.04 6.71
C ARG C 334 30.45 12.83 5.42
N PRO C 335 29.79 14.02 5.35
CA PRO C 335 29.61 14.73 4.09
C PRO C 335 30.91 15.37 3.67
N LYS C 336 31.16 15.39 2.37
CA LYS C 336 32.40 15.94 1.86
C LYS C 336 32.24 16.43 0.42
N LEU C 337 32.71 17.64 0.16
CA LEU C 337 32.78 18.17 -1.19
C LEU C 337 33.99 17.55 -1.86
N ILE C 338 33.77 16.86 -2.98
CA ILE C 338 34.79 16.05 -3.61
C ILE C 338 35.01 16.53 -5.03
N ASN C 339 36.25 16.39 -5.51
CA ASN C 339 36.56 16.64 -6.91
C ASN C 339 36.17 15.38 -7.68
N LEU C 340 36.57 15.31 -8.97
CA LEU C 340 36.21 14.19 -9.82
C LEU C 340 37.08 13.01 -9.49
N LYS C 341 38.39 13.24 -9.39
CA LYS C 341 39.34 12.16 -9.13
C LYS C 341 38.98 11.43 -7.84
N GLU C 342 38.76 12.19 -6.78
CA GLU C 342 38.41 11.62 -5.48
C GLU C 342 37.16 10.74 -5.58
N ALA C 343 36.16 11.21 -6.34
CA ALA C 343 34.92 10.49 -6.49
C ALA C 343 35.15 9.15 -7.20
N LEU C 344 36.07 9.14 -8.18
CA LEU C 344 36.44 7.93 -8.88
C LEU C 344 37.34 7.02 -8.03
N VAL C 345 38.30 7.62 -7.32
CA VAL C 345 39.16 6.90 -6.38
C VAL C 345 38.33 6.11 -5.39
N HIS C 346 37.32 6.76 -4.79
CA HIS C 346 36.54 6.10 -3.76
C HIS C 346 35.76 4.94 -4.35
N TYR C 347 35.15 5.15 -5.52
CA TYR C 347 34.39 4.10 -6.17
C TYR C 347 35.28 2.90 -6.52
N LEU C 348 36.56 3.16 -6.86
CA LEU C 348 37.47 2.10 -7.26
C LEU C 348 37.87 1.23 -6.06
N GLU C 349 38.29 1.86 -4.96
CA GLU C 349 38.63 1.14 -3.73
C GLU C 349 37.41 0.34 -3.25
N HIS C 350 36.19 0.79 -3.58
CA HIS C 350 35.00 0.01 -3.26
C HIS C 350 34.93 -1.24 -4.12
N GLN C 351 35.31 -1.13 -5.41
CA GLN C 351 35.24 -2.26 -6.32
C GLN C 351 36.29 -3.30 -5.96
N LYS C 352 37.50 -2.85 -5.65
CA LYS C 352 38.53 -3.71 -5.11
C LYS C 352 37.95 -4.55 -3.96
N THR C 353 37.39 -3.84 -2.96
CA THR C 353 36.83 -4.50 -1.78
C THR C 353 35.79 -5.54 -2.18
N VAL C 354 34.84 -5.15 -3.03
CA VAL C 354 33.71 -6.00 -3.34
C VAL C 354 34.19 -7.28 -4.00
N VAL C 355 35.08 -7.16 -4.99
CA VAL C 355 35.50 -8.31 -5.76
C VAL C 355 36.34 -9.26 -4.91
N ARG C 356 37.20 -8.71 -4.05
CA ARG C 356 38.00 -9.52 -3.14
C ARG C 356 37.11 -10.25 -2.15
N ARG C 357 36.10 -9.55 -1.62
CA ARG C 357 35.22 -10.17 -0.65
C ARG C 357 34.47 -11.32 -1.32
N ARG C 358 34.03 -11.11 -2.55
CA ARG C 358 33.29 -12.13 -3.28
C ARG C 358 34.20 -13.33 -3.51
N THR C 359 35.47 -13.10 -3.80
CA THR C 359 36.37 -14.19 -4.10
C THR C 359 36.58 -15.04 -2.84
N GLN C 360 36.76 -14.39 -1.69
CA GLN C 360 36.95 -15.08 -0.42
C GLN C 360 35.68 -15.84 -0.05
N TYR C 361 34.52 -15.23 -0.28
CA TYR C 361 33.25 -15.90 -0.03
C TYR C 361 33.13 -17.11 -0.95
N ASN C 362 33.45 -16.91 -2.23
CA ASN C 362 33.41 -18.00 -3.18
C ASN C 362 34.33 -19.14 -2.74
N LEU C 363 35.45 -18.80 -2.07
CA LEU C 363 36.48 -19.77 -1.73
C LEU C 363 36.03 -20.60 -0.54
N ARG C 364 35.47 -19.92 0.46
CA ARG C 364 34.95 -20.61 1.64
C ARG C 364 33.85 -21.62 1.25
N LYS C 365 32.84 -21.14 0.51
N LYS C 365 32.84 -21.15 0.50
CA LYS C 365 31.71 -21.98 0.12
CA LYS C 365 31.71 -21.99 0.15
C LYS C 365 32.17 -23.15 -0.74
C LYS C 365 32.15 -23.14 -0.75
N ALA C 366 33.19 -22.92 -1.56
CA ALA C 366 33.75 -23.97 -2.39
C ALA C 366 34.42 -25.05 -1.55
N LYS C 367 35.19 -24.67 -0.54
CA LYS C 367 35.87 -25.66 0.27
C LYS C 367 34.86 -26.39 1.12
N ASP C 368 33.79 -25.71 1.55
CA ASP C 368 32.74 -26.36 2.32
C ASP C 368 32.10 -27.48 1.50
N ARG C 369 31.75 -27.15 0.25
CA ARG C 369 31.06 -28.08 -0.62
C ARG C 369 32.00 -29.19 -1.06
N ALA C 370 33.30 -28.91 -1.16
CA ALA C 370 34.28 -29.94 -1.48
C ALA C 370 34.35 -30.94 -0.33
N HIS C 371 34.45 -30.42 0.90
CA HIS C 371 34.46 -31.22 2.11
C HIS C 371 33.26 -32.19 2.16
N ILE C 372 32.06 -31.67 1.88
CA ILE C 372 30.87 -32.51 1.87
C ILE C 372 31.04 -33.62 0.83
N LEU C 373 31.57 -33.28 -0.35
CA LEU C 373 31.64 -34.26 -1.42
C LEU C 373 32.76 -35.28 -1.16
N GLU C 374 33.84 -34.87 -0.49
CA GLU C 374 34.86 -35.82 -0.07
C GLU C 374 34.22 -36.96 0.74
N GLY C 375 33.26 -36.61 1.58
CA GLY C 375 32.56 -37.57 2.42
C GLY C 375 31.61 -38.44 1.60
N LEU C 376 30.90 -37.82 0.66
CA LEU C 376 29.99 -38.57 -0.20
C LEU C 376 30.78 -39.61 -1.01
N ARG C 377 32.00 -39.29 -1.43
CA ARG C 377 32.79 -40.22 -2.22
C ARG C 377 33.29 -41.36 -1.34
N ILE C 378 33.62 -41.05 -0.07
CA ILE C 378 33.98 -42.09 0.86
C ILE C 378 32.80 -43.03 1.05
N ALA C 379 31.59 -42.46 1.12
CA ALA C 379 30.39 -43.27 1.27
C ALA C 379 30.23 -44.19 0.06
N LEU C 380 30.45 -43.68 -1.16
CA LEU C 380 30.31 -44.49 -2.35
C LEU C 380 31.37 -45.60 -2.39
N ASP C 381 32.59 -45.27 -1.98
CA ASP C 381 33.68 -46.22 -1.96
C ASP C 381 33.41 -47.41 -1.05
N HIS C 382 32.67 -47.18 0.05
N HIS C 382 32.66 -47.19 0.04
CA HIS C 382 32.47 -48.19 1.08
CA HIS C 382 32.47 -48.20 1.07
C HIS C 382 30.98 -48.26 1.45
C HIS C 382 30.99 -48.28 1.44
N ILE C 383 30.12 -48.24 0.42
CA ILE C 383 28.68 -48.19 0.63
C ILE C 383 28.18 -49.40 1.42
N ASP C 384 28.76 -50.57 1.16
CA ASP C 384 28.41 -51.80 1.86
C ASP C 384 28.57 -51.61 3.37
N GLU C 385 29.72 -51.07 3.76
CA GLU C 385 30.05 -50.85 5.17
C GLU C 385 29.18 -49.73 5.73
N ILE C 386 28.91 -48.70 4.93
CA ILE C 386 28.07 -47.60 5.37
C ILE C 386 26.70 -48.14 5.79
N ILE C 387 26.06 -48.89 4.89
CA ILE C 387 24.74 -49.43 5.17
C ILE C 387 24.77 -50.31 6.42
N SER C 388 25.71 -51.27 6.50
CA SER C 388 25.96 -52.03 7.73
C SER C 388 25.95 -51.11 8.95
N THR C 389 26.82 -50.09 8.91
CA THR C 389 27.00 -49.19 10.03
C THR C 389 25.68 -48.56 10.46
N ILE C 390 24.82 -48.25 9.48
CA ILE C 390 23.56 -47.56 9.75
C ILE C 390 22.51 -48.55 10.26
N ARG C 391 22.37 -49.69 9.57
CA ARG C 391 21.44 -50.73 9.99
C ARG C 391 21.73 -51.17 11.42
N GLU C 392 23.01 -51.16 11.83
CA GLU C 392 23.44 -51.65 13.13
C GLU C 392 23.22 -50.62 14.23
N SER C 393 22.56 -49.48 13.94
CA SER C 393 22.40 -48.42 14.93
C SER C 393 20.93 -48.16 15.24
N ASP C 394 20.65 -47.69 16.46
CA ASP C 394 19.29 -47.52 16.93
C ASP C 394 18.75 -46.14 16.54
N THR C 395 19.57 -45.10 16.77
CA THR C 395 19.15 -43.72 16.61
C THR C 395 19.82 -43.11 15.37
N ASP C 396 19.65 -41.79 15.20
CA ASP C 396 20.45 -41.04 14.25
C ASP C 396 21.83 -40.72 14.85
N LYS C 397 21.91 -40.56 16.16
CA LYS C 397 23.14 -40.10 16.80
C LYS C 397 24.18 -41.23 16.83
N VAL C 398 23.75 -42.44 17.16
CA VAL C 398 24.66 -43.58 17.21
C VAL C 398 25.21 -43.84 15.80
N ALA C 399 24.35 -43.76 14.79
CA ALA C 399 24.80 -43.89 13.40
C ALA C 399 25.82 -42.80 13.06
N MET C 400 25.52 -41.57 13.46
N MET C 400 25.55 -41.56 13.49
CA MET C 400 26.40 -40.43 13.22
CA MET C 400 26.42 -40.45 13.18
C MET C 400 27.76 -40.71 13.83
C MET C 400 27.78 -40.65 13.84
N GLU C 401 27.79 -41.18 15.07
CA GLU C 401 29.03 -41.39 15.80
C GLU C 401 29.83 -42.54 15.18
N SER C 402 29.13 -43.60 14.74
CA SER C 402 29.79 -44.76 14.17
C SER C 402 30.48 -44.38 12.87
N LEU C 403 29.80 -43.58 12.02
CA LEU C 403 30.35 -43.16 10.74
C LEU C 403 31.60 -42.33 10.97
N GLN C 404 31.48 -41.31 11.83
CA GLN C 404 32.61 -40.47 12.13
C GLN C 404 33.79 -41.32 12.57
N GLN C 405 33.51 -42.29 13.44
CA GLN C 405 34.55 -43.12 14.01
C GLN C 405 35.12 -44.05 12.93
N ARG C 406 34.23 -44.80 12.26
CA ARG C 406 34.66 -45.88 11.39
C ARG C 406 35.40 -45.35 10.16
N PHE C 407 34.98 -44.19 9.63
CA PHE C 407 35.50 -43.72 8.36
C PHE C 407 36.20 -42.38 8.50
N LYS C 408 36.43 -41.91 9.73
CA LYS C 408 37.19 -40.71 9.99
C LYS C 408 36.51 -39.50 9.34
N LEU C 409 35.20 -39.39 9.51
CA LEU C 409 34.43 -38.31 8.92
C LEU C 409 34.23 -37.17 9.93
N SER C 410 34.08 -35.97 9.39
CA SER C 410 33.61 -34.84 10.18
C SER C 410 32.12 -35.02 10.45
N GLU C 411 31.57 -34.17 11.31
CA GLU C 411 30.18 -34.27 11.66
C GLU C 411 29.31 -33.90 10.46
N LYS C 412 29.71 -32.82 9.78
CA LYS C 412 29.02 -32.36 8.58
C LYS C 412 29.05 -33.44 7.50
N GLN C 413 30.21 -34.08 7.33
CA GLN C 413 30.32 -35.16 6.35
C GLN C 413 29.35 -36.29 6.72
N ALA C 414 29.33 -36.67 8.00
CA ALA C 414 28.53 -37.82 8.39
C ALA C 414 27.05 -37.51 8.21
N GLN C 415 26.68 -36.26 8.52
CA GLN C 415 25.32 -35.78 8.34
C GLN C 415 24.94 -35.83 6.86
N ALA C 416 25.85 -35.38 5.99
CA ALA C 416 25.60 -35.35 4.55
C ALA C 416 25.35 -36.75 4.02
N ILE C 417 25.91 -37.75 4.69
CA ILE C 417 25.77 -39.14 4.28
C ILE C 417 24.41 -39.66 4.70
N LEU C 418 24.00 -39.34 5.93
CA LEU C 418 22.72 -39.81 6.42
C LEU C 418 21.61 -39.18 5.60
N ASP C 419 21.79 -37.92 5.17
CA ASP C 419 20.75 -37.19 4.46
C ASP C 419 20.63 -37.63 3.01
N MET C 420 21.66 -38.27 2.46
CA MET C 420 21.63 -38.74 1.09
C MET C 420 20.42 -39.64 0.87
N ARG C 421 19.82 -39.52 -0.32
CA ARG C 421 18.64 -40.29 -0.71
C ARG C 421 19.10 -41.50 -1.49
N LEU C 422 18.32 -42.60 -1.42
CA LEU C 422 18.64 -43.84 -2.12
C LEU C 422 18.89 -43.57 -3.61
N ARG C 423 18.17 -42.59 -4.18
CA ARG C 423 18.25 -42.30 -5.60
C ARG C 423 19.66 -41.91 -6.00
N ARG C 424 20.44 -41.31 -5.08
CA ARG C 424 21.75 -40.80 -5.44
C ARG C 424 22.76 -41.91 -5.62
N LEU C 425 22.29 -43.17 -5.61
CA LEU C 425 23.16 -44.33 -5.77
C LEU C 425 23.19 -44.84 -7.22
N THR C 426 22.36 -44.29 -8.12
CA THR C 426 22.31 -44.76 -9.51
C THR C 426 23.62 -44.40 -10.20
N GLY C 427 23.84 -45.00 -11.38
CA GLY C 427 25.08 -44.79 -12.11
C GLY C 427 25.38 -43.32 -12.32
N LEU C 428 24.36 -42.53 -12.69
CA LEU C 428 24.58 -41.15 -13.10
C LEU C 428 24.79 -40.24 -11.89
N GLU C 429 24.17 -40.55 -10.75
CA GLU C 429 24.29 -39.69 -9.59
C GLU C 429 25.68 -39.84 -8.97
N ARG C 430 26.24 -41.05 -9.05
CA ARG C 430 27.60 -41.28 -8.60
C ARG C 430 28.55 -40.43 -9.44
N ASP C 431 28.28 -40.34 -10.76
CA ASP C 431 29.14 -39.64 -11.69
C ASP C 431 29.05 -38.13 -11.46
N LYS C 432 27.84 -37.62 -11.24
CA LYS C 432 27.62 -36.21 -11.01
C LYS C 432 28.42 -35.74 -9.80
N ILE C 433 28.53 -36.61 -8.79
CA ILE C 433 29.23 -36.25 -7.57
C ILE C 433 30.73 -36.16 -7.86
N GLU C 434 31.31 -37.21 -8.45
CA GLU C 434 32.71 -37.16 -8.83
C GLU C 434 32.97 -35.90 -9.68
N ALA C 435 32.05 -35.60 -10.61
CA ALA C 435 32.23 -34.52 -11.56
C ALA C 435 32.18 -33.16 -10.87
N GLU C 436 31.24 -32.98 -9.95
CA GLU C 436 31.19 -31.74 -9.20
C GLU C 436 32.50 -31.53 -8.43
N TYR C 437 33.05 -32.62 -7.88
CA TYR C 437 34.28 -32.54 -7.12
C TYR C 437 35.40 -32.01 -8.00
N ASN C 438 35.56 -32.61 -9.18
CA ASN C 438 36.70 -32.29 -10.03
C ASN C 438 36.66 -30.82 -10.47
N GLU C 439 35.45 -30.35 -10.80
CA GLU C 439 35.24 -28.98 -11.25
C GLU C 439 35.50 -28.03 -10.09
N LEU C 440 35.09 -28.42 -8.88
CA LEU C 440 35.19 -27.54 -7.73
C LEU C 440 36.66 -27.36 -7.35
N LEU C 441 37.46 -28.42 -7.49
CA LEU C 441 38.88 -28.37 -7.24
C LEU C 441 39.55 -27.37 -8.18
N ASN C 442 39.22 -27.43 -9.48
N ASN C 442 39.23 -27.46 -9.48
CA ASN C 442 39.84 -26.53 -10.44
CA ASN C 442 39.80 -26.54 -10.46
C ASN C 442 39.35 -25.11 -10.18
C ASN C 442 39.38 -25.11 -10.11
N TYR C 443 38.11 -24.97 -9.69
CA TYR C 443 37.57 -23.66 -9.36
C TYR C 443 38.27 -23.08 -8.13
N ILE C 444 38.43 -23.92 -7.08
CA ILE C 444 39.08 -23.49 -5.85
C ILE C 444 40.44 -22.92 -6.21
N SER C 445 41.17 -23.67 -7.02
CA SER C 445 42.49 -23.29 -7.49
C SER C 445 42.44 -21.89 -8.10
N GLU C 446 41.51 -21.67 -9.04
CA GLU C 446 41.36 -20.39 -9.72
C GLU C 446 41.05 -19.26 -8.73
N LEU C 447 40.29 -19.55 -7.67
CA LEU C 447 39.98 -18.54 -6.67
C LEU C 447 41.25 -18.15 -5.88
N GLU C 448 42.04 -19.16 -5.45
CA GLU C 448 43.23 -18.91 -4.64
C GLU C 448 44.25 -18.12 -5.45
N THR C 449 44.25 -18.31 -6.78
CA THR C 449 45.16 -17.60 -7.66
C THR C 449 44.81 -16.11 -7.68
N ILE C 450 43.50 -15.80 -7.59
CA ILE C 450 43.08 -14.42 -7.62
C ILE C 450 43.47 -13.76 -6.30
N LEU C 451 43.20 -14.44 -5.19
CA LEU C 451 43.53 -13.92 -3.88
C LEU C 451 45.05 -13.94 -3.61
N ALA C 452 45.83 -14.70 -4.40
CA ALA C 452 47.27 -14.77 -4.17
C ALA C 452 48.00 -13.50 -4.63
N ASP C 453 47.39 -12.72 -5.53
CA ASP C 453 48.04 -11.57 -6.12
C ASP C 453 47.04 -10.42 -6.27
N GLU C 454 47.50 -9.20 -6.00
CA GLU C 454 46.63 -8.04 -6.07
C GLU C 454 46.52 -7.52 -7.51
N GLU C 455 47.50 -7.83 -8.36
CA GLU C 455 47.45 -7.39 -9.74
C GLU C 455 46.42 -8.22 -10.50
N VAL C 456 46.29 -9.50 -10.15
CA VAL C 456 45.31 -10.35 -10.81
C VAL C 456 43.91 -9.94 -10.36
N LEU C 457 43.75 -9.61 -9.07
CA LEU C 457 42.50 -9.06 -8.58
C LEU C 457 42.18 -7.76 -9.33
N LEU C 458 43.16 -6.84 -9.37
CA LEU C 458 42.98 -5.56 -10.03
C LEU C 458 42.55 -5.76 -11.49
N GLN C 459 43.19 -6.71 -12.17
CA GLN C 459 42.89 -6.95 -13.58
C GLN C 459 41.50 -7.55 -13.71
N LEU C 460 41.11 -8.38 -12.74
CA LEU C 460 39.79 -8.98 -12.78
C LEU C 460 38.72 -7.89 -12.70
N VAL C 461 38.97 -6.88 -11.87
CA VAL C 461 38.06 -5.75 -11.77
C VAL C 461 37.96 -5.04 -13.13
N ARG C 462 39.11 -4.72 -13.72
CA ARG C 462 39.13 -4.13 -15.05
C ARG C 462 38.25 -4.90 -16.04
N ASP C 463 38.43 -6.23 -16.12
CA ASP C 463 37.70 -7.04 -17.07
C ASP C 463 36.20 -6.90 -16.88
N GLU C 464 35.74 -6.96 -15.63
CA GLU C 464 34.31 -6.96 -15.34
C GLU C 464 33.69 -5.59 -15.63
N LEU C 465 34.42 -4.49 -15.38
CA LEU C 465 33.97 -3.17 -15.78
C LEU C 465 33.87 -3.09 -17.28
N THR C 466 34.91 -3.57 -17.97
CA THR C 466 34.96 -3.43 -19.41
C THR C 466 33.79 -4.16 -20.03
N GLU C 467 33.47 -5.34 -19.48
CA GLU C 467 32.31 -6.11 -19.94
C GLU C 467 31.04 -5.28 -19.75
N ILE C 468 30.91 -4.64 -18.59
CA ILE C 468 29.73 -3.83 -18.33
C ILE C 468 29.65 -2.68 -19.34
N ARG C 469 30.80 -2.03 -19.61
CA ARG C 469 30.84 -0.90 -20.54
C ARG C 469 30.40 -1.36 -21.94
N ASP C 470 30.96 -2.47 -22.41
CA ASP C 470 30.64 -2.96 -23.73
C ASP C 470 29.15 -3.27 -23.85
N ARG C 471 28.52 -3.69 -22.74
CA ARG C 471 27.14 -4.15 -22.82
C ARG C 471 26.16 -3.00 -22.57
N PHE C 472 26.51 -2.05 -21.71
CA PHE C 472 25.56 -1.02 -21.30
C PHE C 472 25.96 0.38 -21.72
N GLY C 473 27.20 0.56 -22.20
CA GLY C 473 27.72 1.86 -22.56
C GLY C 473 27.07 2.35 -23.85
N ASP C 474 26.87 3.67 -23.94
CA ASP C 474 26.07 4.25 -25.00
C ASP C 474 26.72 5.56 -25.45
N ASP C 475 26.13 6.18 -26.47
CA ASP C 475 26.67 7.37 -27.09
C ASP C 475 26.35 8.60 -26.24
N ARG C 476 27.25 9.57 -26.27
CA ARG C 476 27.00 10.87 -25.69
C ARG C 476 25.77 11.51 -26.34
N ARG C 477 24.95 12.18 -25.52
CA ARG C 477 23.75 12.84 -25.95
C ARG C 477 23.95 14.36 -25.93
N THR C 478 24.39 14.89 -24.79
CA THR C 478 24.61 16.32 -24.69
C THR C 478 25.83 16.70 -25.52
N GLU C 479 25.68 17.74 -26.36
CA GLU C 479 26.81 18.26 -27.11
C GLU C 479 27.50 19.34 -26.27
N ILE C 480 28.81 19.22 -26.09
CA ILE C 480 29.57 20.28 -25.45
C ILE C 480 30.19 21.17 -26.52
N GLN C 481 29.63 22.37 -26.64
CA GLN C 481 30.02 23.34 -27.66
C GLN C 481 31.01 24.33 -27.03
N LEU C 482 32.02 24.73 -27.80
CA LEU C 482 33.01 25.68 -27.31
C LEU C 482 32.56 27.11 -27.64
N LYS D 1 -9.98 22.40 14.02
CA LYS D 1 -9.38 21.09 14.43
C LYS D 1 -9.01 21.08 15.92
N LEU D 2 -9.65 21.95 16.72
CA LEU D 2 -9.37 22.05 18.15
C LEU D 2 -10.42 21.27 18.94
N ALA D 3 -10.01 20.67 20.07
CA ALA D 3 -10.91 19.98 20.96
C ALA D 3 -10.59 20.31 22.42
N ASP D 4 -11.43 21.14 23.06
CA ASP D 4 -11.17 21.67 24.39
C ASP D 4 -11.67 20.69 25.46
N CYS D 5 -11.31 20.96 26.72
CA CYS D 5 -11.85 20.24 27.87
C CYS D 5 -13.17 20.88 28.30
N SER D 6 -13.64 20.54 29.51
CA SER D 6 -14.90 21.05 30.04
C SER D 6 -14.62 22.12 31.09
N SER D 7 -13.65 21.84 31.98
CA SER D 7 -13.27 22.79 33.02
C SER D 7 -12.79 24.09 32.38
N LYS D 8 -13.24 25.22 32.94
CA LYS D 8 -12.82 26.52 32.47
C LYS D 8 -11.90 27.18 33.51
N SER D 9 -11.22 26.35 34.32
CA SER D 9 -10.21 26.79 35.26
C SER D 9 -8.81 26.52 34.70
N PRO D 10 -8.14 27.50 34.05
CA PRO D 10 -6.80 27.27 33.50
C PRO D 10 -5.74 26.73 34.44
N GLU D 11 -5.93 26.88 35.77
CA GLU D 11 -4.95 26.40 36.73
C GLU D 11 -4.74 24.90 36.61
N GLU D 12 -5.82 24.17 36.26
CA GLU D 12 -5.80 22.72 36.18
C GLU D 12 -5.86 22.23 34.74
N CYS D 13 -6.37 23.06 33.82
CA CYS D 13 -6.50 22.67 32.42
C CYS D 13 -5.12 22.49 31.81
N GLU D 14 -4.97 21.41 31.01
CA GLU D 14 -3.77 21.15 30.23
C GLU D 14 -4.16 21.04 28.76
N ILE D 15 -3.24 21.48 27.89
CA ILE D 15 -3.41 21.29 26.45
C ILE D 15 -2.18 20.57 25.91
N PHE D 16 -2.41 19.55 25.07
CA PHE D 16 -1.34 18.80 24.44
C PHE D 16 -1.33 19.11 22.95
N LEU D 17 -0.13 19.34 22.40
CA LEU D 17 0.05 19.59 20.97
C LEU D 17 0.67 18.36 20.32
N VAL D 18 -0.13 17.62 19.56
CA VAL D 18 0.25 16.31 19.05
C VAL D 18 0.70 16.43 17.59
N GLU D 19 1.57 15.52 17.16
CA GLU D 19 2.10 15.50 15.80
C GLU D 19 1.26 14.57 14.92
N GLY D 20 0.57 15.17 13.93
CA GLY D 20 -0.15 14.44 12.91
C GLY D 20 -1.57 14.09 13.33
N ASP D 21 -2.50 14.10 12.37
CA ASP D 21 -3.91 13.89 12.65
C ASP D 21 -4.19 12.48 13.13
N SER D 22 -3.38 11.50 12.71
CA SER D 22 -3.50 10.14 13.21
C SER D 22 -3.33 10.14 14.73
N ALA D 23 -2.20 10.65 15.22
CA ALA D 23 -1.99 10.77 16.64
C ALA D 23 -3.06 11.67 17.25
N GLY D 24 -3.46 12.72 16.52
CA GLY D 24 -4.54 13.61 16.97
C GLY D 24 -5.75 12.83 17.47
N GLY D 25 -6.24 11.90 16.64
CA GLY D 25 -7.41 11.12 16.99
C GLY D 25 -7.16 10.28 18.23
N SER D 26 -6.00 9.60 18.24
CA SER D 26 -5.64 8.72 19.33
C SER D 26 -5.75 9.47 20.67
N THR D 27 -5.20 10.69 20.71
CA THR D 27 -5.08 11.42 21.96
C THR D 27 -6.43 11.98 22.38
N LYS D 28 -7.22 12.51 21.44
CA LYS D 28 -8.56 13.00 21.74
C LYS D 28 -9.41 11.90 22.40
N SER D 29 -9.04 10.63 22.18
CA SER D 29 -9.83 9.49 22.62
C SER D 29 -9.45 9.03 24.03
N GLY D 30 -8.16 9.11 24.37
CA GLY D 30 -7.65 8.53 25.61
C GLY D 30 -7.54 9.54 26.75
N ARG D 31 -7.71 10.83 26.44
CA ARG D 31 -7.46 11.90 27.39
C ARG D 31 -8.49 11.89 28.52
N ASP D 32 -8.35 12.87 29.42
CA ASP D 32 -9.30 13.04 30.51
C ASP D 32 -10.47 13.91 30.04
N SER D 33 -10.24 14.83 29.10
CA SER D 33 -11.31 15.60 28.46
C SER D 33 -11.94 16.60 29.43
N ARG D 34 -11.66 16.43 30.72
CA ARG D 34 -12.19 17.33 31.73
C ARG D 34 -11.18 18.43 32.01
N THR D 35 -9.89 18.08 31.96
CA THR D 35 -8.81 19.02 32.21
C THR D 35 -7.76 19.01 31.10
N GLN D 36 -7.89 18.09 30.13
CA GLN D 36 -6.89 17.94 29.09
C GLN D 36 -7.52 18.29 27.74
N ALA D 37 -6.87 19.17 26.98
CA ALA D 37 -7.29 19.53 25.64
C ALA D 37 -6.24 19.08 24.62
N ILE D 38 -6.66 18.96 23.37
CA ILE D 38 -5.83 18.46 22.29
C ILE D 38 -5.91 19.40 21.08
N LEU D 39 -4.77 19.65 20.44
CA LEU D 39 -4.75 20.36 19.17
C LEU D 39 -3.67 19.74 18.28
N PRO D 40 -4.05 19.02 17.19
CA PRO D 40 -3.06 18.42 16.31
C PRO D 40 -2.44 19.39 15.31
N LEU D 41 -1.34 18.94 14.71
CA LEU D 41 -0.62 19.68 13.69
C LEU D 41 -0.46 18.76 12.48
N ARG D 42 -0.75 19.32 11.30
CA ARG D 42 -0.77 18.55 10.07
C ARG D 42 0.63 18.50 9.46
N GLY D 43 1.63 18.14 10.28
CA GLY D 43 3.00 17.97 9.81
C GLY D 43 3.90 19.13 10.22
N LYS D 44 4.96 19.38 9.44
CA LYS D 44 5.93 20.41 9.75
C LYS D 44 5.25 21.78 9.70
N ILE D 45 5.63 22.67 10.63
CA ILE D 45 4.97 23.96 10.79
C ILE D 45 5.92 25.07 10.41
N LEU D 46 5.39 26.30 10.34
CA LEU D 46 6.16 27.43 9.83
C LEU D 46 7.35 27.71 10.72
N ASN D 47 8.42 28.22 10.08
CA ASN D 47 9.58 28.71 10.79
C ASN D 47 9.50 30.23 10.83
N VAL D 48 9.28 30.77 12.04
CA VAL D 48 8.97 32.17 12.20
C VAL D 48 10.25 33.02 12.34
N GLU D 49 11.42 32.42 12.12
CA GLU D 49 12.66 33.20 12.02
C GLU D 49 12.95 33.63 10.59
N LYS D 50 12.18 33.13 9.62
CA LYS D 50 12.51 33.35 8.21
C LYS D 50 11.34 33.95 7.44
N ALA D 51 10.24 34.28 8.13
CA ALA D 51 9.03 34.78 7.49
C ALA D 51 8.83 36.24 7.86
N ARG D 52 8.62 37.09 6.85
CA ARG D 52 8.58 38.54 7.03
C ARG D 52 7.30 39.01 7.72
N LEU D 53 6.76 38.20 8.66
CA LEU D 53 5.58 38.54 9.44
C LEU D 53 4.36 38.84 8.56
N ASP D 54 4.41 38.47 7.28
N ASP D 54 4.41 38.48 7.27
CA ASP D 54 3.29 38.70 6.38
CA ASP D 54 3.30 38.69 6.36
C ASP D 54 2.48 37.41 6.25
C ASP D 54 2.49 37.42 6.25
N ARG D 55 3.18 36.29 6.07
CA ARG D 55 2.53 35.00 5.88
C ARG D 55 2.29 34.29 7.22
N ILE D 56 3.00 34.70 8.27
CA ILE D 56 2.83 34.12 9.60
C ILE D 56 1.36 34.19 10.00
N LEU D 57 0.67 35.25 9.56
CA LEU D 57 -0.72 35.46 9.91
C LEU D 57 -1.67 34.81 8.90
N ASN D 58 -1.11 34.16 7.87
CA ASN D 58 -1.88 33.39 6.92
C ASN D 58 -1.84 31.91 7.30
N ASN D 59 -0.97 31.56 8.27
CA ASN D 59 -0.80 30.17 8.67
C ASN D 59 -1.91 29.76 9.61
N ASN D 60 -2.76 28.84 9.15
N ASN D 60 -2.75 28.82 9.16
CA ASN D 60 -3.94 28.43 9.88
CA ASN D 60 -3.95 28.45 9.90
C ASN D 60 -3.55 27.83 11.23
C ASN D 60 -3.57 27.82 11.23
N GLU D 61 -2.48 27.04 11.26
CA GLU D 61 -2.05 26.35 12.46
C GLU D 61 -1.55 27.36 13.51
N ILE D 62 -0.86 28.39 13.04
CA ILE D 62 -0.39 29.46 13.91
C ILE D 62 -1.59 30.12 14.57
N ARG D 63 -2.54 30.55 13.74
CA ARG D 63 -3.73 31.26 14.21
C ARG D 63 -4.52 30.40 15.19
N GLN D 64 -4.59 29.09 14.93
CA GLN D 64 -5.37 28.20 15.77
C GLN D 64 -4.75 28.07 17.16
N MET D 65 -3.40 28.08 17.24
CA MET D 65 -2.71 27.95 18.51
C MET D 65 -2.94 29.18 19.38
N ILE D 66 -2.90 30.36 18.78
CA ILE D 66 -3.16 31.61 19.50
C ILE D 66 -4.55 31.53 20.14
N THR D 67 -5.54 31.21 19.30
CA THR D 67 -6.93 31.16 19.73
C THR D 67 -7.08 30.20 20.91
N ALA D 68 -6.37 29.07 20.86
CA ALA D 68 -6.51 28.03 21.88
C ALA D 68 -6.02 28.55 23.23
N PHE D 69 -4.89 29.28 23.21
CA PHE D 69 -4.24 29.68 24.45
C PHE D 69 -5.02 30.82 25.10
N GLY D 70 -5.59 31.72 24.29
CA GLY D 70 -6.47 32.78 24.78
C GLY D 70 -5.71 34.02 25.24
N THR D 71 -4.46 34.17 24.79
CA THR D 71 -3.66 35.34 25.12
C THR D 71 -3.49 36.15 23.84
N GLY D 72 -2.36 36.86 23.71
CA GLY D 72 -2.03 37.58 22.49
C GLY D 72 -0.59 37.31 22.07
N ILE D 73 0.03 38.31 21.42
CA ILE D 73 1.39 38.22 20.95
C ILE D 73 2.22 39.35 21.58
N GLY D 74 3.55 39.20 21.44
CA GLY D 74 4.56 40.21 21.77
C GLY D 74 4.07 41.29 22.72
N GLY D 75 3.96 42.52 22.18
CA GLY D 75 3.59 43.70 22.96
C GLY D 75 2.15 43.68 23.44
N ASP D 76 1.32 42.78 22.87
CA ASP D 76 -0.10 42.69 23.20
C ASP D 76 -0.42 41.38 23.92
N PHE D 77 0.55 40.84 24.65
CA PHE D 77 0.39 39.57 25.34
C PHE D 77 -0.37 39.77 26.66
N ASP D 78 -0.95 38.69 27.20
CA ASP D 78 -1.46 38.68 28.55
C ASP D 78 -1.42 37.27 29.10
N LEU D 79 -0.61 37.05 30.13
CA LEU D 79 -0.45 35.74 30.74
C LEU D 79 -1.71 35.33 31.50
N ALA D 80 -2.48 36.32 31.98
CA ALA D 80 -3.58 36.05 32.89
C ALA D 80 -4.83 35.55 32.16
N LYS D 81 -4.83 35.55 30.82
CA LYS D 81 -5.96 35.01 30.06
C LYS D 81 -5.63 33.64 29.48
N ALA D 82 -4.45 33.09 29.82
CA ALA D 82 -4.04 31.79 29.32
C ALA D 82 -5.04 30.72 29.75
N ARG D 83 -5.69 30.07 28.78
CA ARG D 83 -6.72 29.08 29.05
C ARG D 83 -6.16 27.83 29.72
N TYR D 84 -4.83 27.66 29.73
CA TYR D 84 -4.20 26.49 30.32
C TYR D 84 -2.94 26.90 31.07
N HIS D 85 -2.56 26.08 32.07
CA HIS D 85 -1.31 26.29 32.79
C HIS D 85 -0.28 25.23 32.43
N LYS D 86 -0.66 24.23 31.63
CA LYS D 86 0.27 23.25 31.09
C LYS D 86 0.04 23.12 29.59
N ILE D 87 0.92 23.78 28.82
CA ILE D 87 0.94 23.61 27.37
C ILE D 87 2.07 22.65 27.03
N VAL D 88 1.69 21.43 26.63
CA VAL D 88 2.62 20.31 26.56
C VAL D 88 2.89 19.96 25.10
N ILE D 89 4.18 19.87 24.73
CA ILE D 89 4.57 19.55 23.38
C ILE D 89 4.83 18.05 23.27
N MET D 90 4.09 17.39 22.36
CA MET D 90 4.08 15.95 22.28
C MET D 90 4.23 15.54 20.82
N THR D 91 5.40 15.00 20.47
CA THR D 91 5.70 14.63 19.10
C THR D 91 6.42 13.28 19.09
N ASP D 92 6.51 12.69 17.88
CA ASP D 92 7.21 11.43 17.68
C ASP D 92 8.61 11.51 18.28
N ALA D 93 9.06 10.41 18.90
CA ALA D 93 10.41 10.32 19.43
C ALA D 93 11.42 10.02 18.31
N ASP D 94 11.21 10.58 17.11
CA ASP D 94 12.15 10.46 16.01
C ASP D 94 12.62 11.85 15.63
N VAL D 95 13.58 11.94 14.72
CA VAL D 95 14.27 13.19 14.45
C VAL D 95 13.33 14.24 13.83
N ASP D 96 12.24 13.81 13.20
CA ASP D 96 11.29 14.75 12.64
C ASP D 96 10.42 15.34 13.75
N GLY D 97 10.04 14.50 14.72
CA GLY D 97 9.36 14.94 15.93
C GLY D 97 10.20 15.95 16.72
N ALA D 98 11.54 15.82 16.62
CA ALA D 98 12.47 16.76 17.24
C ALA D 98 12.47 18.09 16.50
N HIS D 99 12.58 18.03 15.17
CA HIS D 99 12.58 19.24 14.36
C HIS D 99 11.34 20.07 14.67
N ILE D 100 10.18 19.40 14.74
CA ILE D 100 8.93 20.09 14.98
C ILE D 100 8.97 20.77 16.35
N ARG D 101 9.46 20.05 17.36
CA ARG D 101 9.71 20.64 18.66
C ARG D 101 10.47 21.95 18.49
N THR D 102 11.56 21.95 17.73
CA THR D 102 12.38 23.14 17.58
C THR D 102 11.58 24.26 16.93
N LEU D 103 10.69 23.91 15.99
CA LEU D 103 9.87 24.91 15.30
C LEU D 103 8.83 25.52 16.23
N LEU D 104 8.39 24.77 17.25
CA LEU D 104 7.45 25.29 18.23
C LEU D 104 8.16 26.21 19.23
N LEU D 105 9.27 25.75 19.79
CA LEU D 105 10.06 26.54 20.71
C LEU D 105 10.42 27.90 20.10
N THR D 106 10.67 27.92 18.80
CA THR D 106 11.01 29.17 18.12
C THR D 106 9.81 30.10 18.16
N PHE D 107 8.63 29.55 17.87
CA PHE D 107 7.40 30.33 17.89
C PHE D 107 7.15 30.87 19.29
N PHE D 108 7.33 30.03 20.31
CA PHE D 108 7.11 30.45 21.68
C PHE D 108 8.08 31.57 22.06
N TYR D 109 9.37 31.37 21.76
CA TYR D 109 10.41 32.28 22.21
C TYR D 109 10.20 33.68 21.63
N ARG D 110 9.80 33.74 20.36
CA ARG D 110 9.68 35.02 19.66
C ARG D 110 8.27 35.62 19.80
N PHE D 111 7.34 34.93 20.46
CA PHE D 111 5.97 35.42 20.52
C PHE D 111 5.32 35.24 21.89
N MET D 112 5.64 34.17 22.63
CA MET D 112 4.99 33.93 23.91
C MET D 112 6.05 33.61 24.97
N ARG D 113 7.18 34.30 24.88
CA ARG D 113 8.31 34.08 25.79
C ARG D 113 7.83 34.06 27.24
N PRO D 114 6.93 34.97 27.68
CA PRO D 114 6.42 34.95 29.06
C PRO D 114 5.86 33.61 29.53
N LEU D 115 5.40 32.77 28.59
CA LEU D 115 4.89 31.44 28.90
C LEU D 115 6.05 30.52 29.25
N ILE D 116 7.13 30.61 28.47
CA ILE D 116 8.36 29.92 28.80
C ILE D 116 8.79 30.43 30.19
N GLU D 117 8.81 31.75 30.33
CA GLU D 117 9.23 32.39 31.58
C GLU D 117 8.33 31.90 32.72
N ALA D 118 7.02 31.83 32.47
CA ALA D 118 6.08 31.41 33.51
C ALA D 118 6.15 29.90 33.74
N GLY D 119 6.99 29.18 32.97
CA GLY D 119 7.12 27.74 33.13
C GLY D 119 5.87 26.98 32.71
N TYR D 120 4.97 27.64 31.96
CA TYR D 120 3.75 26.99 31.50
C TYR D 120 4.02 26.04 30.34
N VAL D 121 5.27 25.97 29.88
CA VAL D 121 5.63 25.13 28.74
C VAL D 121 6.24 23.83 29.26
N TYR D 122 5.88 22.73 28.60
CA TYR D 122 6.34 21.40 28.98
C TYR D 122 6.57 20.58 27.72
N ILE D 123 7.25 19.43 27.91
CA ILE D 123 7.55 18.53 26.82
C ILE D 123 7.28 17.08 27.26
N ALA D 124 6.33 16.44 26.58
CA ALA D 124 5.90 15.11 26.93
C ALA D 124 7.01 14.13 26.59
N GLN D 125 7.11 13.08 27.41
CA GLN D 125 8.11 12.04 27.24
C GLN D 125 7.41 10.75 26.84
N PRO D 126 7.07 10.56 25.54
CA PRO D 126 6.44 9.33 25.08
C PRO D 126 7.47 8.20 25.05
N PRO D 127 7.03 6.92 25.04
CA PRO D 127 7.95 5.79 25.18
C PRO D 127 9.06 5.84 24.14
N THR D 128 10.29 5.96 24.62
CA THR D 128 11.46 6.11 23.76
C THR D 128 12.03 4.72 23.46
N GLY D 129 11.33 4.00 22.57
CA GLY D 129 11.69 2.64 22.18
C GLY D 129 13.02 2.60 21.42
N TYR D 130 11.21 3.24 18.73
CA TYR D 130 11.10 3.34 17.24
C TYR D 130 9.65 3.55 16.80
N LYS D 131 8.68 3.37 17.70
CA LYS D 131 7.26 3.41 17.35
C LYS D 131 6.75 4.83 17.50
N GLY D 132 6.25 5.39 16.40
CA GLY D 132 5.72 6.75 16.40
C GLY D 132 4.42 6.87 17.20
N LEU D 133 3.79 8.05 17.13
CA LEU D 133 2.60 8.34 17.90
C LEU D 133 1.37 7.72 17.24
N GLY D 134 1.22 7.95 15.93
CA GLY D 134 0.09 7.44 15.17
C GLY D 134 -0.07 5.92 15.27
N GLU D 135 0.97 5.23 15.75
CA GLU D 135 1.00 3.77 15.75
C GLU D 135 0.62 3.19 17.10
N MET D 136 0.21 4.04 18.04
CA MET D 136 -0.05 3.62 19.41
C MET D 136 -1.55 3.67 19.65
N ASN D 137 -2.08 2.70 20.40
CA ASN D 137 -3.45 2.70 20.89
C ASN D 137 -3.65 3.91 21.79
N ALA D 138 -4.88 4.13 22.29
CA ALA D 138 -5.14 5.27 23.16
C ALA D 138 -4.75 4.98 24.60
N ASP D 139 -4.93 3.71 25.04
CA ASP D 139 -4.65 3.30 26.41
C ASP D 139 -3.17 3.45 26.74
N GLN D 140 -2.30 3.23 25.74
CA GLN D 140 -0.87 3.36 25.92
C GLN D 140 -0.53 4.83 26.14
N LEU D 141 -1.06 5.71 25.28
CA LEU D 141 -0.78 7.14 25.35
C LEU D 141 -1.22 7.69 26.70
N TRP D 142 -2.37 7.23 27.18
CA TRP D 142 -2.82 7.58 28.52
C TRP D 142 -1.76 7.22 29.56
N GLU D 143 -1.53 5.92 29.72
CA GLU D 143 -0.73 5.42 30.83
C GLU D 143 0.72 5.93 30.78
N THR D 144 1.27 6.12 29.57
CA THR D 144 2.69 6.43 29.46
C THR D 144 2.93 7.94 29.42
N THR D 145 1.99 8.70 28.84
CA THR D 145 2.30 10.08 28.45
C THR D 145 1.23 11.06 28.93
N MET D 146 -0.01 10.61 29.09
CA MET D 146 -1.11 11.51 29.37
C MET D 146 -1.51 11.47 30.85
N ASN D 147 -1.45 10.29 31.47
CA ASN D 147 -1.91 10.13 32.84
C ASN D 147 -1.03 10.93 33.80
N PRO D 148 -1.56 11.91 34.55
CA PRO D 148 -0.75 12.69 35.49
C PRO D 148 0.02 11.88 36.52
N GLU D 149 -0.35 10.60 36.68
CA GLU D 149 0.22 9.77 37.72
C GLU D 149 1.51 9.12 37.23
N HIS D 150 1.47 8.56 36.02
CA HIS D 150 2.59 7.76 35.53
C HIS D 150 3.49 8.57 34.61
N ARG D 151 3.00 9.69 34.07
CA ARG D 151 3.71 10.37 33.00
C ARG D 151 4.97 11.00 33.57
N ALA D 152 5.66 11.78 32.74
CA ALA D 152 6.96 12.35 33.05
C ALA D 152 7.22 13.57 32.16
N LEU D 153 6.55 14.68 32.47
CA LEU D 153 6.69 15.91 31.71
C LEU D 153 8.05 16.56 32.02
N LEU D 154 8.67 17.14 30.98
CA LEU D 154 9.82 18.00 31.15
C LEU D 154 9.36 19.44 31.00
N GLN D 155 9.69 20.27 32.00
CA GLN D 155 9.31 21.68 31.98
C GLN D 155 10.44 22.49 31.39
N VAL D 156 10.07 23.55 30.67
CA VAL D 156 11.01 24.36 29.91
C VAL D 156 11.37 25.59 30.74
N LYS D 157 12.68 25.84 30.90
CA LYS D 157 13.19 26.94 31.70
C LYS D 157 14.06 27.83 30.81
N LEU D 158 13.81 29.15 30.88
CA LEU D 158 14.53 30.11 30.05
C LEU D 158 15.62 30.78 30.89
N GLU D 159 16.88 30.61 30.48
CA GLU D 159 18.01 31.14 31.23
C GLU D 159 18.60 32.34 30.49
N ASP D 160 19.91 32.31 30.19
CA ASP D 160 20.57 33.50 29.65
C ASP D 160 19.88 33.93 28.36
N ALA D 161 18.95 34.89 28.49
CA ALA D 161 18.09 35.28 27.38
C ALA D 161 18.91 35.79 26.20
N ILE D 162 20.02 36.47 26.48
CA ILE D 162 20.92 36.90 25.43
C ILE D 162 21.44 35.66 24.69
N GLU D 163 21.92 34.67 25.45
CA GLU D 163 22.44 33.44 24.88
C GLU D 163 21.35 32.73 24.08
N ALA D 164 20.13 32.69 24.61
CA ALA D 164 19.01 32.06 23.92
C ALA D 164 18.74 32.78 22.59
N ASP D 165 18.77 34.12 22.59
CA ASP D 165 18.63 34.88 21.36
C ASP D 165 19.62 34.41 20.32
N GLN D 166 20.90 34.35 20.70
CA GLN D 166 21.98 34.04 19.76
C GLN D 166 21.82 32.61 19.28
N THR D 167 21.41 31.70 20.17
CA THR D 167 21.15 30.32 19.79
C THR D 167 20.00 30.25 18.79
N PHE D 168 18.86 30.86 19.11
CA PHE D 168 17.68 30.79 18.25
C PHE D 168 17.96 31.39 16.87
N GLU D 169 18.93 32.30 16.75
CA GLU D 169 19.18 32.95 15.49
C GLU D 169 20.23 32.20 14.68
N MET D 170 20.99 31.29 15.32
CA MET D 170 21.95 30.48 14.61
C MET D 170 21.27 29.25 14.02
N LEU D 171 20.54 28.50 14.86
CA LEU D 171 19.94 27.25 14.46
C LEU D 171 18.82 27.48 13.45
N MET D 172 18.02 28.54 13.63
CA MET D 172 16.79 28.68 12.85
C MET D 172 16.87 29.87 11.90
N GLY D 173 17.99 30.61 11.90
CA GLY D 173 18.06 31.85 11.14
C GLY D 173 18.48 31.57 9.69
N ASP D 174 18.62 32.64 8.91
CA ASP D 174 18.76 32.58 7.46
C ASP D 174 20.23 32.56 7.04
N VAL D 175 21.15 32.57 7.99
CA VAL D 175 22.56 32.44 7.68
C VAL D 175 22.94 30.97 7.86
N VAL D 176 23.19 30.30 6.72
CA VAL D 176 23.39 28.87 6.69
C VAL D 176 24.79 28.53 7.20
N GLU D 177 25.75 29.41 6.91
CA GLU D 177 27.15 29.14 7.21
C GLU D 177 27.36 28.91 8.71
N ASN D 178 26.76 29.76 9.55
CA ASN D 178 26.87 29.61 11.00
C ASN D 178 26.22 28.32 11.48
N ARG D 179 25.11 27.95 10.82
CA ARG D 179 24.46 26.68 11.09
C ARG D 179 25.37 25.53 10.67
N ARG D 180 25.99 25.67 9.49
CA ARG D 180 26.86 24.64 8.96
C ARG D 180 28.10 24.50 9.84
N GLN D 181 28.59 25.61 10.41
CA GLN D 181 29.74 25.55 11.28
C GLN D 181 29.35 24.81 12.56
N PHE D 182 28.18 25.12 13.10
CA PHE D 182 27.69 24.49 14.32
C PHE D 182 27.56 22.97 14.14
N ILE D 183 27.07 22.52 12.98
CA ILE D 183 26.96 21.10 12.72
C ILE D 183 28.36 20.46 12.71
N GLU D 184 29.28 21.03 11.95
CA GLU D 184 30.61 20.46 11.83
C GLU D 184 31.29 20.41 13.19
N ASP D 185 31.13 21.46 13.99
CA ASP D 185 31.75 21.52 15.31
C ASP D 185 31.25 20.37 16.18
N ASN D 186 29.93 20.17 16.22
CA ASN D 186 29.31 19.34 17.23
C ASN D 186 28.79 18.02 16.64
N ALA D 187 29.41 17.54 15.57
CA ALA D 187 28.93 16.35 14.88
C ALA D 187 29.56 15.10 15.48
N VAL D 188 28.70 14.16 15.88
CA VAL D 188 29.10 12.95 16.56
C VAL D 188 28.56 11.74 15.77
N TYR D 189 29.24 11.41 14.68
CA TYR D 189 28.86 10.29 13.82
C TYR D 189 29.10 8.97 14.56
C1 GOL I . 5.65 -11.61 19.17
O1 GOL I . 5.93 -12.55 18.14
C2 GOL I . 4.23 -11.73 19.70
O2 GOL I . 3.56 -10.46 19.63
C3 GOL I . 3.41 -12.78 18.99
O3 GOL I . 2.10 -12.88 19.54
C1 GOL J . -18.49 -0.79 22.37
O1 GOL J . -17.10 -0.72 22.05
C2 GOL J . -18.78 -2.03 23.18
O2 GOL J . -18.73 -3.18 22.33
C3 GOL J . -17.82 -2.22 24.35
O3 GOL J . -18.34 -3.14 25.30
MN MN K . -12.00 -0.14 -12.99
MN MN L . 38.70 -46.41 0.73
C1 BTB M . 42.12 -44.16 -0.10
C1 BTB M . 42.73 -44.11 0.15
O1 BTB M . 41.95 -42.80 -0.48
O1 BTB M . 42.94 -43.64 -1.18
C2 BTB M . 40.81 -44.77 0.41
C2 BTB M . 41.36 -44.78 0.33
C3 BTB M . 40.94 -45.13 1.89
C3 BTB M . 41.28 -45.38 1.74
O3 BTB M . 39.67 -45.45 2.42
O3 BTB M . 40.14 -46.20 1.90
C4 BTB M . 39.68 -43.74 0.25
C4 BTB M . 40.26 -43.71 0.21
O4 BTB M . 38.39 -44.30 0.48
O4 BTB M . 38.97 -44.22 0.43
N BTB M . 40.48 -46.05 -0.35
N BTB M . 41.11 -45.90 -0.67
C5 BTB M . 41.33 -47.23 0.00
C5 BTB M . 42.18 -46.96 -0.69
C6 BTB M . 40.55 -48.52 0.12
C6 BTB M . 41.64 -48.34 -0.44
O6 BTB M . 39.50 -48.41 1.07
O6 BTB M . 40.29 -48.30 -0.01
C7 BTB M . 40.27 -45.86 -1.82
C7 BTB M . 40.76 -45.44 -2.05
C8 BTB M . 39.05 -46.58 -2.35
C8 BTB M . 39.77 -46.34 -2.73
O8 BTB M . 38.22 -47.06 -1.30
O8 BTB M . 38.82 -46.87 -1.83
C1 GOL N . 20.88 3.77 6.83
O1 GOL N . 20.65 5.14 6.53
C2 GOL N . 21.31 2.96 5.62
O2 GOL N . 22.30 3.67 4.88
C3 GOL N . 20.18 2.59 4.69
O3 GOL N . 20.66 1.90 3.54
C1 GOL O . 13.20 32.92 -46.68
O1 GOL O . 12.84 34.07 -45.93
C2 GOL O . 13.53 31.76 -45.76
O2 GOL O . 12.49 31.66 -44.80
C3 GOL O . 14.89 31.91 -45.10
O3 GOL O . 14.87 31.52 -43.73
C1 GOL P . 14.59 37.82 -41.51
O1 GOL P . 15.69 38.73 -41.34
C2 GOL P . 14.22 37.65 -42.96
O2 GOL P . 15.40 37.45 -43.73
C3 GOL P . 13.22 36.53 -43.24
O3 GOL P . 11.87 36.98 -43.15
C1 GOL Q . 37.17 -23.65 -18.01
O1 GOL Q . 37.74 -24.97 -17.95
C2 GOL Q . 35.81 -23.62 -17.35
O2 GOL Q . 35.02 -24.71 -17.85
C3 GOL Q . 35.88 -23.70 -15.83
O3 GOL Q . 36.34 -24.96 -15.40
MN MN R . 7.68 9.83 12.97
C1 GOL S . -21.58 4.34 13.31
O1 GOL S . -21.71 4.36 11.89
C2 GOL S . -20.14 4.19 13.73
O2 GOL S . -19.33 5.06 12.93
C3 GOL S . -19.93 4.47 15.20
O3 GOL S . -20.66 3.55 16.00
MN MN T . -11.58 6.32 -1.70
MN MN U . 2.19 15.24 0.66
#